data_2Q0S
#
_entry.id   2Q0S
#
_cell.length_a   67.754
_cell.length_b   80.096
_cell.length_c   85.974
_cell.angle_alpha   104.10
_cell.angle_beta   112.10
_cell.angle_gamma   97.40
#
_symmetry.space_group_name_H-M   'P 1'
#
loop_
_entity.id
_entity.type
_entity.pdbx_description
1 polymer 'Aryl esterase'
2 non-polymer 'SULFATE ION'
3 water water
#
_entity_poly.entity_id   1
_entity_poly.type   'polypeptide(L)'
_entity_poly.pdbx_seq_one_letter_code
;MAKRILCFGD(N10)LTWGWVPVEDGAPTERFAPDVRWTGVLAQQLGADFEVIEEGLSARTTNIDDPTDPRLNGASYLPS
CLATHLPLDLVIIMLGTNDTKAYFRRTPLDIALGMSVLVTQVLTSAGGVGTTYPAPKVLVVSPPPLAPMPHPWFQLIFEG
GEQKTTELARVYSALASFMKVPFFDAGSVISTDGVDGIHFTEANNRDLGVALAEQVRSLL
;
_entity_poly.pdbx_strand_id   A,B,C,D,E,F,G,H
#
loop_
_chem_comp.id
_chem_comp.type
_chem_comp.name
_chem_comp.formula
SO4 non-polymer 'SULFATE ION' 'O4 S -2'
#
# COMPACT_ATOMS: atom_id res chain seq x y z
N ALA A 2 41.29 15.52 0.42
CA ALA A 2 40.49 16.75 0.27
C ALA A 2 39.19 16.63 1.06
N LYS A 3 38.68 17.78 1.46
CA LYS A 3 37.37 17.84 2.07
C LYS A 3 36.34 17.75 0.97
N ARG A 4 35.27 17.04 1.26
CA ARG A 4 34.24 16.67 0.25
C ARG A 4 32.90 17.37 0.58
N ILE A 5 32.43 18.10 -0.44
CA ILE A 5 31.25 18.97 -0.30
C ILE A 5 30.18 18.48 -1.26
N LEU A 6 29.09 18.01 -0.74
CA LEU A 6 27.97 17.54 -1.57
C LEU A 6 26.94 18.66 -1.71
N CYS A 7 26.61 19.01 -2.95
CA CYS A 7 25.61 20.06 -3.26
C CYS A 7 24.32 19.38 -3.72
N PHE A 8 23.38 19.31 -2.79
CA PHE A 8 22.09 18.65 -3.05
C PHE A 8 21.03 19.67 -3.38
N GLY A 9 20.39 19.53 -4.52
CA GLY A 9 19.43 20.57 -4.92
C GLY A 9 18.60 20.17 -6.09
N ASP A 10 18.09 21.20 -6.76
CA ASP A 10 17.16 21.08 -7.88
C ASP A 10 17.80 21.65 -9.14
C1 N10 A 11 14.45 23.85 -11.19
O2 N10 A 11 14.24 22.83 -10.53
N N10 A 11 17.02 22.15 -10.06
CA N10 A 11 17.58 22.70 -11.30
CB N10 A 11 16.47 23.15 -12.23
OG N10 A 11 15.66 24.17 -11.65
N1 N10 A 11 13.58 24.77 -11.55
CA1 N10 A 11 12.15 24.71 -11.27
CB2 N10 A 11 11.33 24.49 -12.53
CG3 N10 A 11 11.55 23.12 -13.19
CD4 N10 A 11 10.86 22.88 -14.53
CG5 N10 A 11 11.11 21.50 -15.09
CD6 N10 A 11 10.42 21.28 -16.43
C N10 A 11 18.53 23.85 -11.07
O N10 A 11 19.36 24.13 -11.91
N LEU A 12 18.37 24.55 -9.95
CA LEU A 12 19.23 25.69 -9.65
C LEU A 12 20.62 25.21 -9.25
N THR A 13 20.73 23.99 -8.74
CA THR A 13 22.00 23.32 -8.45
C THR A 13 22.53 22.61 -9.69
N TRP A 14 21.66 21.96 -10.46
CA TRP A 14 22.06 21.31 -11.69
C TRP A 14 22.69 22.30 -12.66
N GLY A 15 22.09 23.49 -12.77
CA GLY A 15 22.60 24.51 -13.69
C GLY A 15 21.74 24.66 -14.92
N TRP A 16 20.44 24.77 -14.71
CA TRP A 16 19.51 24.95 -15.82
C TRP A 16 19.70 26.31 -16.51
N VAL A 17 19.87 26.30 -17.84
CA VAL A 17 20.07 27.54 -18.60
C VAL A 17 18.67 28.13 -18.89
N PRO A 18 18.37 29.31 -18.37
CA PRO A 18 17.03 29.87 -18.63
C PRO A 18 16.85 30.17 -20.10
N VAL A 19 15.65 29.85 -20.61
CA VAL A 19 15.32 30.11 -22.02
C VAL A 19 13.94 30.71 -22.11
N GLU A 20 13.75 31.59 -23.11
CA GLU A 20 12.47 32.23 -23.32
C GLU A 20 11.39 31.22 -23.65
N ASP A 21 11.73 30.13 -24.29
CA ASP A 21 10.65 29.24 -24.65
C ASP A 21 10.39 28.21 -23.55
N GLY A 22 10.95 28.43 -22.37
CA GLY A 22 10.59 27.67 -21.17
C GLY A 22 11.41 26.42 -21.00
N ALA A 23 11.22 25.50 -21.91
CA ALA A 23 11.94 24.22 -22.01
C ALA A 23 11.80 23.73 -23.44
N PRO A 24 12.68 22.84 -23.90
CA PRO A 24 13.80 22.24 -23.19
C PRO A 24 15.03 23.13 -23.20
N THR A 25 16.03 22.72 -22.43
CA THR A 25 17.24 23.50 -22.31
C THR A 25 18.46 22.57 -22.13
N GLU A 26 19.58 23.19 -21.81
CA GLU A 26 20.82 22.50 -21.53
C GLU A 26 21.32 22.96 -20.19
N ARG A 27 22.47 22.38 -19.78
CA ARG A 27 23.16 22.69 -18.53
C ARG A 27 24.22 23.71 -18.77
N PHE A 28 24.40 24.62 -17.83
CA PHE A 28 25.55 25.52 -17.87
C PHE A 28 26.84 24.70 -17.85
N ALA A 29 27.90 25.21 -18.47
CA ALA A 29 29.18 24.52 -18.51
C ALA A 29 29.70 24.30 -17.11
N PRO A 30 30.55 23.30 -16.94
CA PRO A 30 31.03 22.96 -15.61
C PRO A 30 31.78 24.02 -14.86
N ASP A 31 32.41 24.95 -15.57
CA ASP A 31 33.08 26.07 -14.94
C ASP A 31 32.21 27.32 -14.74
N VAL A 32 30.95 27.24 -15.20
CA VAL A 32 30.02 28.37 -15.17
C VAL A 32 28.92 28.17 -14.13
N ARG A 33 28.35 26.97 -14.05
CA ARG A 33 27.39 26.68 -13.00
C ARG A 33 28.00 26.91 -11.63
N TRP A 34 27.20 27.33 -10.67
CA TRP A 34 27.74 27.77 -9.39
C TRP A 34 28.46 26.66 -8.64
N THR A 35 28.08 25.40 -8.83
CA THR A 35 28.81 24.32 -8.16
C THR A 35 30.24 24.27 -8.73
N GLY A 36 30.48 24.60 -9.99
CA GLY A 36 31.81 24.69 -10.56
C GLY A 36 32.55 25.91 -10.08
N VAL A 37 31.88 27.05 -9.95
CA VAL A 37 32.50 28.24 -9.38
C VAL A 37 32.89 27.95 -7.95
N LEU A 38 32.03 27.30 -7.19
CA LEU A 38 32.37 26.92 -5.82
C LEU A 38 33.63 26.08 -5.76
N ALA A 39 33.72 25.07 -6.59
CA ALA A 39 34.90 24.24 -6.68
C ALA A 39 36.15 25.07 -6.98
N GLN A 40 36.09 25.97 -7.93
CA GLN A 40 37.26 26.77 -8.33
C GLN A 40 37.70 27.64 -7.16
N GLN A 41 36.74 28.26 -6.52
CA GLN A 41 36.99 29.20 -5.43
C GLN A 41 37.58 28.50 -4.25
N LEU A 42 37.03 27.35 -3.90
CA LEU A 42 37.59 26.55 -2.79
C LEU A 42 38.99 26.05 -3.05
N GLY A 43 39.27 25.69 -4.28
CA GLY A 43 40.53 25.11 -4.67
C GLY A 43 40.61 23.62 -4.58
N ALA A 44 41.77 23.06 -4.97
CA ALA A 44 41.93 21.66 -5.21
C ALA A 44 42.13 20.79 -3.94
N ASP A 45 42.06 21.39 -2.75
CA ASP A 45 41.98 20.64 -1.53
C ASP A 45 40.54 20.39 -1.08
N PHE A 46 39.60 20.73 -1.97
CA PHE A 46 38.19 20.40 -1.81
C PHE A 46 37.73 19.66 -3.05
N GLU A 47 36.73 18.79 -2.87
CA GLU A 47 36.06 18.09 -3.97
C GLU A 47 34.58 18.36 -3.84
N VAL A 48 33.99 18.90 -4.89
CA VAL A 48 32.55 19.23 -4.94
C VAL A 48 31.82 18.16 -5.73
N ILE A 49 30.75 17.64 -5.13
CA ILE A 49 29.91 16.59 -5.71
C ILE A 49 28.57 17.24 -6.06
N GLU A 50 28.22 17.18 -7.35
CA GLU A 50 27.00 17.83 -7.88
C GLU A 50 25.82 16.85 -7.89
N GLU A 51 24.81 17.16 -7.08
CA GLU A 51 23.62 16.33 -6.99
C GLU A 51 22.38 17.24 -7.10
N GLY A 52 22.29 17.91 -8.24
CA GLY A 52 21.12 18.71 -8.55
C GLY A 52 20.22 18.05 -9.58
N LEU A 53 18.96 17.87 -9.18
CA LEU A 53 17.96 17.21 -10.04
C LEU A 53 16.88 18.22 -10.35
N SER A 54 16.73 18.55 -11.64
CA SER A 54 15.71 19.54 -11.97
C SER A 54 14.33 19.06 -11.53
N ALA A 55 13.56 20.03 -11.04
CA ALA A 55 12.20 19.85 -10.52
C ALA A 55 12.08 19.15 -9.15
N ARG A 56 13.21 18.81 -8.53
CA ARG A 56 13.17 18.16 -7.24
C ARG A 56 12.54 19.03 -6.14
N THR A 57 11.75 18.38 -5.31
CA THR A 57 11.12 18.96 -4.13
C THR A 57 11.85 18.52 -2.89
N THR A 58 11.54 19.13 -1.76
CA THR A 58 12.09 18.70 -0.48
C THR A 58 11.73 17.26 -0.16
N ASN A 59 10.42 16.99 -0.02
CA ASN A 59 9.99 15.66 0.42
C ASN A 59 8.57 15.35 -0.03
N ILE A 60 8.16 15.86 -1.19
CA ILE A 60 6.80 15.63 -1.68
C ILE A 60 6.85 15.00 -3.03
N ASP A 61 6.09 13.90 -3.20
CA ASP A 61 5.99 13.27 -4.49
C ASP A 61 5.32 14.19 -5.51
N ASP A 62 5.86 14.21 -6.72
CA ASP A 62 5.28 14.98 -7.82
C ASP A 62 4.46 13.98 -8.61
N PRO A 63 3.16 14.26 -8.81
CA PRO A 63 2.34 13.30 -9.51
C PRO A 63 2.72 13.10 -10.98
N THR A 64 3.49 14.02 -11.54
CA THR A 64 3.89 13.91 -12.93
C THR A 64 5.21 13.15 -13.16
N ASP A 65 5.97 12.85 -12.09
CA ASP A 65 7.35 12.34 -12.27
C ASP A 65 7.78 11.72 -10.96
N PRO A 66 8.05 10.40 -10.93
CA PRO A 66 8.43 9.73 -9.70
C PRO A 66 9.84 9.99 -9.21
N ARG A 67 10.63 10.76 -9.94
CA ARG A 67 12.05 10.95 -9.58
C ARG A 67 12.32 12.09 -8.61
N LEU A 68 11.31 12.86 -8.23
CA LEU A 68 11.52 14.22 -7.80
C LEU A 68 11.45 14.43 -6.29
N ASN A 69 11.20 13.38 -5.49
CA ASN A 69 11.16 13.55 -4.02
C ASN A 69 12.54 13.53 -3.41
N GLY A 70 13.00 14.67 -2.93
CA GLY A 70 14.38 14.75 -2.46
C GLY A 70 14.66 13.80 -1.32
N ALA A 71 13.75 13.72 -0.37
CA ALA A 71 13.92 12.88 0.78
C ALA A 71 13.91 11.41 0.46
N SER A 72 13.32 10.99 -0.64
CA SER A 72 13.36 9.59 -1.04
C SER A 72 14.76 9.18 -1.47
N TYR A 73 15.55 10.14 -1.97
CA TYR A 73 16.86 9.89 -2.60
C TYR A 73 18.03 10.21 -1.70
N LEU A 74 17.88 11.19 -0.84
CA LEU A 74 19.03 11.69 -0.11
C LEU A 74 19.76 10.64 0.75
N PRO A 75 19.04 9.79 1.52
CA PRO A 75 19.84 8.84 2.35
C PRO A 75 20.74 7.93 1.53
N SER A 76 20.25 7.44 0.40
CA SER A 76 21.05 6.61 -0.51
C SER A 76 22.23 7.40 -1.11
N CYS A 77 22.00 8.67 -1.39
CA CYS A 77 23.03 9.56 -1.92
C CYS A 77 24.14 9.81 -0.90
N LEU A 78 23.75 10.09 0.32
CA LEU A 78 24.73 10.31 1.38
C LEU A 78 25.61 9.08 1.55
N ALA A 79 25.00 7.91 1.64
CA ALA A 79 25.77 6.67 1.85
C ALA A 79 26.66 6.32 0.66
N THR A 80 26.28 6.71 -0.54
CA THR A 80 27.06 6.61 -1.76
C THR A 80 28.34 7.44 -1.67
N HIS A 81 28.23 8.64 -1.11
CA HIS A 81 29.30 9.62 -1.23
C HIS A 81 30.19 9.78 -0.03
N LEU A 82 29.93 9.07 1.06
CA LEU A 82 30.86 9.10 2.16
C LEU A 82 32.25 8.70 1.65
N PRO A 83 33.30 9.35 2.19
CA PRO A 83 33.29 10.36 3.25
C PRO A 83 32.88 11.74 2.80
N LEU A 84 32.13 12.43 3.63
CA LEU A 84 31.67 13.78 3.34
C LEU A 84 31.91 14.71 4.50
N ASP A 85 32.25 15.96 4.20
CA ASP A 85 32.43 16.99 5.23
C ASP A 85 31.25 17.92 5.39
N LEU A 86 30.56 18.23 4.28
CA LEU A 86 29.48 19.19 4.35
C LEU A 86 28.52 18.86 3.22
N VAL A 87 27.22 18.96 3.53
CA VAL A 87 26.14 18.92 2.52
C VAL A 87 25.44 20.27 2.48
N ILE A 88 25.45 20.91 1.33
CA ILE A 88 24.72 22.16 1.05
C ILE A 88 23.37 21.75 0.44
N ILE A 89 22.28 22.13 1.09
CA ILE A 89 20.94 21.79 0.57
C ILE A 89 20.24 23.10 0.18
N MET A 90 20.02 23.27 -1.10
CA MET A 90 19.21 24.39 -1.61
C MET A 90 18.00 23.81 -2.31
N LEU A 91 16.85 23.79 -1.64
CA LEU A 91 15.62 23.26 -2.18
C LEU A 91 14.48 24.07 -1.63
N GLY A 92 13.32 23.90 -2.27
CA GLY A 92 12.11 24.56 -1.87
C GLY A 92 11.42 25.29 -3.00
N THR A 93 12.14 25.69 -4.02
CA THR A 93 11.54 26.37 -5.16
C THR A 93 10.43 25.52 -5.76
N ASN A 94 10.66 24.24 -6.02
CA ASN A 94 9.63 23.41 -6.66
C ASN A 94 8.43 23.20 -5.75
N ASP A 95 8.66 23.13 -4.44
CA ASP A 95 7.56 22.97 -3.48
C ASP A 95 6.58 24.12 -3.56
N THR A 96 7.00 25.29 -4.04
CA THR A 96 6.11 26.45 -4.15
C THR A 96 5.20 26.39 -5.39
N LYS A 97 5.34 25.40 -6.23
CA LYS A 97 4.41 25.26 -7.36
C LYS A 97 2.98 25.09 -6.87
N ALA A 98 2.06 25.70 -7.61
CA ALA A 98 0.67 25.78 -7.16
C ALA A 98 0.06 24.43 -6.85
N TYR A 99 0.36 23.41 -7.63
CA TYR A 99 -0.27 22.15 -7.44
C TYR A 99 0.02 21.43 -6.15
N PHE A 100 1.12 21.80 -5.51
CA PHE A 100 1.48 21.17 -4.24
C PHE A 100 0.70 21.72 -3.08
N ARG A 101 0.13 22.92 -3.23
CA ARG A 101 -0.68 23.50 -2.16
C ARG A 101 0.05 23.55 -0.82
N ARG A 102 1.35 23.87 -0.88
CA ARG A 102 2.17 23.92 0.35
C ARG A 102 2.37 25.33 0.84
N THR A 103 2.35 25.48 2.17
CA THR A 103 2.74 26.73 2.81
C THR A 103 4.26 26.75 3.02
N PRO A 104 4.82 27.94 3.28
CA PRO A 104 6.23 27.98 3.63
C PRO A 104 6.56 27.09 4.82
N LEU A 105 5.68 26.97 5.80
CA LEU A 105 5.95 26.04 6.92
C LEU A 105 6.03 24.60 6.42
N ASP A 106 5.11 24.18 5.58
CA ASP A 106 5.17 22.80 5.05
C ASP A 106 6.51 22.54 4.39
N ILE A 107 7.04 23.53 3.67
CA ILE A 107 8.28 23.39 2.91
C ILE A 107 9.45 23.35 3.90
N ALA A 108 9.45 24.20 4.92
CA ALA A 108 10.47 24.11 6.00
C ALA A 108 10.46 22.75 6.67
N LEU A 109 9.27 22.16 6.87
CA LEU A 109 9.19 20.82 7.46
C LEU A 109 9.80 19.78 6.54
N GLY A 110 9.63 19.92 5.23
CA GLY A 110 10.33 19.06 4.27
C GLY A 110 11.84 19.20 4.36
N MET A 111 12.29 20.44 4.44
CA MET A 111 13.70 20.72 4.66
C MET A 111 14.18 20.07 5.94
N SER A 112 13.39 20.11 7.00
CA SER A 112 13.79 19.48 8.28
C SER A 112 14.06 17.99 8.13
N VAL A 113 13.27 17.30 7.31
CA VAL A 113 13.50 15.89 7.05
C VAL A 113 14.86 15.71 6.41
N LEU A 114 15.20 16.52 5.41
CA LEU A 114 16.51 16.42 4.78
C LEU A 114 17.66 16.72 5.77
N VAL A 115 17.49 17.76 6.58
CA VAL A 115 18.54 18.07 7.57
C VAL A 115 18.76 16.85 8.44
N THR A 116 17.70 16.25 8.96
CA THR A 116 17.82 15.08 9.82
C THR A 116 18.50 13.93 9.11
N GLN A 117 18.20 13.72 7.83
CA GLN A 117 18.85 12.66 7.08
C GLN A 117 20.37 12.91 7.02
N VAL A 118 20.80 14.14 6.86
CA VAL A 118 22.25 14.44 6.89
C VAL A 118 22.80 14.16 8.28
N LEU A 119 22.11 14.65 9.29
CA LEU A 119 22.66 14.58 10.64
C LEU A 119 22.76 13.16 11.16
N THR A 120 21.96 12.24 10.65
CA THR A 120 21.89 10.86 11.10
C THR A 120 22.62 9.90 10.14
N SER A 121 23.43 10.44 9.26
CA SER A 121 24.08 9.64 8.20
C SER A 121 25.41 9.03 8.58
N ALA A 122 25.90 9.22 9.81
CA ALA A 122 27.21 8.65 10.17
C ALA A 122 27.23 7.15 9.89
N GLY A 123 28.38 6.68 9.41
CA GLY A 123 28.64 5.30 9.18
C GLY A 123 28.22 4.78 7.84
N GLY A 124 27.18 5.36 7.24
CA GLY A 124 26.77 4.86 5.93
C GLY A 124 26.46 3.37 6.00
N VAL A 125 26.96 2.66 5.00
CA VAL A 125 26.90 1.21 4.98
C VAL A 125 28.30 0.68 5.33
N GLY A 126 28.49 0.17 6.54
CA GLY A 126 29.71 -0.52 6.89
C GLY A 126 30.96 0.28 7.15
N THR A 127 30.82 1.57 7.44
CA THR A 127 32.00 2.45 7.62
C THR A 127 32.05 3.05 8.99
N THR A 128 33.23 3.67 9.26
CA THR A 128 33.53 4.38 10.43
C THR A 128 33.38 5.91 10.23
N TYR A 129 32.87 6.34 9.09
CA TYR A 129 32.93 7.77 8.76
C TYR A 129 31.90 8.54 9.53
N PRO A 130 32.20 9.82 9.78
CA PRO A 130 31.30 10.69 10.53
C PRO A 130 30.15 11.23 9.65
N ALA A 131 29.15 11.78 10.28
CA ALA A 131 28.15 12.55 9.56
C ALA A 131 28.80 13.82 9.08
N PRO A 132 28.50 14.25 7.86
CA PRO A 132 28.86 15.61 7.48
C PRO A 132 28.01 16.65 8.20
N LYS A 133 28.50 17.89 8.20
CA LYS A 133 27.68 19.04 8.56
C LYS A 133 26.69 19.31 7.46
N VAL A 134 25.73 20.19 7.76
CA VAL A 134 24.73 20.55 6.77
C VAL A 134 24.59 22.07 6.74
N LEU A 135 24.46 22.63 5.55
CA LEU A 135 24.18 24.05 5.37
C LEU A 135 22.83 24.15 4.67
N VAL A 136 21.89 24.78 5.33
CA VAL A 136 20.56 24.97 4.80
C VAL A 136 20.56 26.26 4.03
N VAL A 137 20.12 26.22 2.75
CA VAL A 137 20.11 27.40 1.91
C VAL A 137 18.72 27.66 1.38
N SER A 138 18.19 28.84 1.71
CA SER A 138 16.96 29.31 1.04
C SER A 138 17.33 29.79 -0.36
N PRO A 139 16.56 29.37 -1.39
CA PRO A 139 16.77 29.87 -2.74
C PRO A 139 16.31 31.33 -2.84
N PRO A 140 16.79 32.05 -3.87
CA PRO A 140 16.35 33.43 -3.98
C PRO A 140 14.85 33.48 -4.32
N PRO A 141 14.18 34.59 -4.00
CA PRO A 141 12.80 34.73 -4.45
C PRO A 141 12.68 34.62 -5.95
N LEU A 142 11.57 34.03 -6.40
CA LEU A 142 11.24 33.99 -7.81
C LEU A 142 10.87 35.38 -8.31
N ALA A 143 10.89 35.53 -9.62
CA ALA A 143 10.64 36.80 -10.32
C ALA A 143 9.52 36.58 -11.32
N PRO A 144 9.05 37.67 -11.93
CA PRO A 144 8.02 37.51 -12.94
C PRO A 144 8.40 36.61 -14.10
N MET A 145 7.46 35.77 -14.51
CA MET A 145 7.68 34.72 -15.50
C MET A 145 6.92 34.99 -16.79
N PRO A 146 7.62 35.28 -17.89
CA PRO A 146 6.89 35.52 -19.14
C PRO A 146 6.22 34.33 -19.76
N HIS A 147 6.66 33.12 -19.50
CA HIS A 147 6.10 31.96 -20.16
C HIS A 147 4.81 31.53 -19.51
N PRO A 148 3.72 31.40 -20.28
CA PRO A 148 2.47 31.14 -19.65
C PRO A 148 2.37 29.85 -18.87
N TRP A 149 3.14 28.82 -19.27
CA TRP A 149 3.12 27.59 -18.51
C TRP A 149 3.83 27.76 -17.17
N PHE A 150 4.98 28.41 -17.18
CA PHE A 150 5.67 28.66 -15.91
C PHE A 150 4.82 29.56 -14.99
N GLN A 151 4.14 30.57 -15.55
CA GLN A 151 3.25 31.39 -14.74
C GLN A 151 2.17 30.50 -14.05
N LEU A 152 1.56 29.61 -14.84
CA LEU A 152 0.54 28.72 -14.32
C LEU A 152 1.05 27.83 -13.20
N ILE A 153 2.13 27.11 -13.46
CA ILE A 153 2.56 26.14 -12.46
C ILE A 153 3.12 26.80 -11.22
N PHE A 154 3.61 28.03 -11.33
CA PHE A 154 4.16 28.74 -10.18
C PHE A 154 3.23 29.77 -9.56
N GLU A 155 1.94 29.76 -9.88
CA GLU A 155 1.05 30.73 -9.27
C GLU A 155 1.12 30.63 -7.76
N GLY A 156 1.29 31.76 -7.11
CA GLY A 156 1.44 31.86 -5.66
C GLY A 156 2.86 31.61 -5.18
N GLY A 157 3.73 31.13 -6.07
CA GLY A 157 5.10 30.76 -5.65
C GLY A 157 6.03 31.92 -5.47
N GLU A 158 5.91 33.01 -6.22
CA GLU A 158 6.72 34.19 -5.98
C GLU A 158 6.53 34.59 -4.51
N GLN A 159 5.29 34.66 -4.04
CA GLN A 159 5.09 35.05 -2.66
C GLN A 159 5.63 34.07 -1.66
N LYS A 160 5.42 32.78 -1.88
CA LYS A 160 5.97 31.78 -0.98
C LYS A 160 7.46 31.81 -0.91
N THR A 161 8.13 32.02 -2.01
CA THR A 161 9.60 32.03 -1.97
C THR A 161 10.13 33.24 -1.23
N THR A 162 9.39 34.34 -1.15
CA THR A 162 9.82 35.43 -0.28
C THR A 162 9.83 35.09 1.20
N GLU A 163 9.20 33.99 1.59
CA GLU A 163 9.11 33.56 2.99
C GLU A 163 10.08 32.50 3.37
N LEU A 164 10.78 31.91 2.42
CA LEU A 164 11.63 30.75 2.76
C LEU A 164 12.81 31.13 3.60
N ALA A 165 13.40 32.30 3.39
CA ALA A 165 14.54 32.67 4.25
C ALA A 165 14.11 32.72 5.72
N ARG A 166 12.92 33.27 5.99
CA ARG A 166 12.44 33.38 7.36
C ARG A 166 12.21 32.01 7.98
N VAL A 167 11.52 31.13 7.29
CA VAL A 167 11.17 29.84 7.86
C VAL A 167 12.39 28.93 7.93
N TYR A 168 13.25 28.97 6.92
CA TYR A 168 14.48 28.16 6.98
C TYR A 168 15.43 28.68 8.07
N SER A 169 15.54 29.99 8.25
CA SER A 169 16.44 30.51 9.32
C SER A 169 15.91 30.07 10.68
N ALA A 170 14.61 30.06 10.88
CA ALA A 170 14.05 29.63 12.16
C ALA A 170 14.30 28.16 12.39
N LEU A 171 14.12 27.35 11.34
CA LEU A 171 14.38 25.91 11.42
C LEU A 171 15.82 25.64 11.76
N ALA A 172 16.74 26.28 11.03
CA ALA A 172 18.16 26.03 11.22
C ALA A 172 18.58 26.44 12.61
N SER A 173 18.06 27.56 13.09
CA SER A 173 18.35 28.00 14.45
C SER A 173 17.89 26.97 15.46
N PHE A 174 16.70 26.45 15.34
CA PHE A 174 16.19 25.43 16.26
C PHE A 174 17.01 24.16 16.20
N MET A 175 17.38 23.72 14.99
CA MET A 175 18.13 22.49 14.80
C MET A 175 19.62 22.67 15.04
N LYS A 176 20.06 23.90 15.30
CA LYS A 176 21.47 24.18 15.57
C LYS A 176 22.40 23.80 14.41
N VAL A 177 21.98 24.18 13.19
CA VAL A 177 22.76 23.98 11.99
C VAL A 177 22.89 25.29 11.22
N PRO A 178 23.93 25.45 10.40
CA PRO A 178 24.15 26.66 9.65
C PRO A 178 23.08 26.90 8.58
N PHE A 179 22.84 28.19 8.35
CA PHE A 179 21.87 28.71 7.39
C PHE A 179 22.56 29.75 6.52
N PHE A 180 22.15 29.84 5.26
CA PHE A 180 22.57 30.92 4.37
C PHE A 180 21.43 31.21 3.41
N ASP A 181 21.12 32.48 3.23
CA ASP A 181 20.06 32.90 2.30
C ASP A 181 20.69 33.25 0.94
N ALA A 182 20.47 32.44 -0.07
CA ALA A 182 20.98 32.77 -1.41
C ALA A 182 20.44 34.09 -1.87
N GLY A 183 19.23 34.45 -1.48
CA GLY A 183 18.67 35.76 -1.84
C GLY A 183 19.40 36.96 -1.29
N SER A 184 20.25 36.74 -0.31
CA SER A 184 21.03 37.83 0.26
C SER A 184 22.15 38.26 -0.65
N VAL A 185 22.50 37.42 -1.62
CA VAL A 185 23.57 37.75 -2.57
C VAL A 185 23.18 37.84 -4.02
N ILE A 186 22.09 37.20 -4.41
CA ILE A 186 21.62 37.31 -5.79
C ILE A 186 20.12 37.47 -5.80
N SER A 187 19.63 38.07 -6.88
CA SER A 187 18.24 37.96 -7.29
C SER A 187 18.16 36.95 -8.43
N THR A 188 16.96 36.46 -8.67
CA THR A 188 16.69 35.56 -9.78
C THR A 188 16.60 36.37 -11.04
N ASP A 189 17.67 36.37 -11.84
CA ASP A 189 17.77 37.27 -12.98
C ASP A 189 17.61 36.56 -14.31
N GLY A 190 17.39 35.25 -14.31
CA GLY A 190 17.13 34.53 -15.56
C GLY A 190 15.88 35.04 -16.29
N VAL A 191 15.92 34.91 -17.59
CA VAL A 191 14.89 35.51 -18.46
C VAL A 191 13.54 34.89 -18.18
N ASP A 192 13.52 33.68 -17.65
CA ASP A 192 12.27 33.00 -17.33
C ASP A 192 11.66 33.32 -15.97
N GLY A 193 12.36 34.13 -15.16
CA GLY A 193 11.89 34.42 -13.82
C GLY A 193 12.20 33.38 -12.75
N ILE A 194 12.88 32.30 -13.14
CA ILE A 194 13.07 31.12 -12.27
C ILE A 194 14.52 30.74 -12.11
N HIS A 195 15.27 30.74 -13.20
CA HIS A 195 16.63 30.23 -13.16
C HIS A 195 17.70 31.32 -13.18
N PHE A 196 18.94 30.88 -13.05
CA PHE A 196 20.06 31.77 -12.83
C PHE A 196 20.81 32.13 -14.11
N THR A 197 21.24 33.38 -14.20
CA THR A 197 22.14 33.80 -15.25
C THR A 197 23.58 33.37 -14.94
N GLU A 198 24.50 33.62 -15.88
CA GLU A 198 25.92 33.34 -15.60
C GLU A 198 26.38 34.08 -14.37
N ALA A 199 26.04 35.34 -14.27
CA ALA A 199 26.49 36.14 -13.13
C ALA A 199 25.86 35.69 -11.86
N ASN A 200 24.57 35.32 -11.88
CA ASN A 200 23.92 34.77 -10.68
C ASN A 200 24.69 33.54 -10.18
N ASN A 201 25.07 32.68 -11.11
CA ASN A 201 25.88 31.50 -10.77
C ASN A 201 27.21 31.89 -10.18
N ARG A 202 27.90 32.84 -10.78
CA ARG A 202 29.22 33.21 -10.25
C ARG A 202 29.06 33.80 -8.85
N ASP A 203 28.13 34.71 -8.67
CA ASP A 203 27.98 35.40 -7.40
C ASP A 203 27.60 34.42 -6.29
N LEU A 204 26.71 33.46 -6.57
CA LEU A 204 26.34 32.49 -5.55
C LEU A 204 27.52 31.54 -5.24
N GLY A 205 28.23 31.10 -6.26
CA GLY A 205 29.39 30.22 -6.03
C GLY A 205 30.43 30.90 -5.18
N VAL A 206 30.72 32.18 -5.44
CA VAL A 206 31.72 32.91 -4.65
C VAL A 206 31.23 33.02 -3.22
N ALA A 207 29.96 33.36 -3.02
CA ALA A 207 29.42 33.48 -1.68
C ALA A 207 29.43 32.16 -0.91
N LEU A 208 29.06 31.09 -1.56
CA LEU A 208 29.03 29.79 -0.91
C LEU A 208 30.40 29.27 -0.58
N ALA A 209 31.40 29.64 -1.37
CA ALA A 209 32.78 29.23 -1.06
C ALA A 209 33.19 29.90 0.23
N GLU A 210 32.81 31.17 0.44
CA GLU A 210 33.10 31.85 1.69
C GLU A 210 32.41 31.13 2.85
N GLN A 211 31.15 30.73 2.68
CA GLN A 211 30.43 30.04 3.73
C GLN A 211 31.13 28.71 4.04
N VAL A 212 31.44 27.93 3.03
CA VAL A 212 32.08 26.63 3.24
C VAL A 212 33.38 26.77 4.00
N ARG A 213 34.23 27.68 3.58
CA ARG A 213 35.50 27.88 4.29
C ARG A 213 35.27 28.19 5.75
N SER A 214 34.31 29.04 6.06
CA SER A 214 34.04 29.43 7.44
C SER A 214 33.49 28.32 8.31
N LEU A 215 32.86 27.33 7.72
CA LEU A 215 32.23 26.24 8.42
C LEU A 215 33.12 25.03 8.71
N LEU A 216 34.24 24.92 7.99
CA LEU A 216 35.11 23.75 8.08
C LEU A 216 36.51 24.14 8.50
N ALA B 2 -22.18 -4.76 -38.22
CA ALA B 2 -21.32 -5.97 -38.18
C ALA B 2 -21.18 -6.44 -36.74
N LYS B 3 -20.95 -7.74 -36.61
CA LYS B 3 -20.66 -8.33 -35.31
C LYS B 3 -19.20 -8.10 -34.99
N ARG B 4 -18.94 -7.72 -33.75
CA ARG B 4 -17.61 -7.24 -33.34
C ARG B 4 -16.92 -8.23 -32.45
N ILE B 5 -15.70 -8.58 -32.84
CA ILE B 5 -14.88 -9.60 -32.21
C ILE B 5 -13.60 -8.96 -31.69
N LEU B 6 -13.45 -8.94 -30.39
CA LEU B 6 -12.20 -8.44 -29.77
C LEU B 6 -11.25 -9.59 -29.54
N CYS B 7 -10.06 -9.48 -30.11
CA CYS B 7 -8.97 -10.47 -29.94
C CYS B 7 -7.97 -9.97 -28.91
N PHE B 8 -8.11 -10.47 -27.68
CA PHE B 8 -7.28 -10.07 -26.57
C PHE B 8 -6.15 -11.07 -26.38
N GLY B 9 -4.91 -10.60 -26.40
CA GLY B 9 -3.80 -11.53 -26.34
C GLY B 9 -2.48 -10.86 -26.08
N ASP B 10 -1.46 -11.59 -26.45
CA ASP B 10 -0.07 -11.19 -26.24
C ASP B 10 0.64 -10.99 -27.58
C1 N10 B 11 4.77 -12.80 -26.98
O2 N10 B 11 4.16 -12.27 -26.06
N N10 B 11 1.93 -11.27 -27.67
CA N10 B 11 2.69 -11.06 -28.93
CB N10 B 11 4.17 -11.28 -28.67
OG N10 B 11 4.40 -12.65 -28.25
N1 N10 B 11 5.79 -13.66 -26.86
CA1 N10 B 11 6.39 -14.02 -25.59
CB2 N10 B 11 7.77 -13.45 -25.49
CG3 N10 B 11 7.83 -11.92 -25.49
CD4 N10 B 11 9.25 -11.35 -25.37
CG5 N10 B 11 9.27 -9.82 -25.30
CD6 N10 B 11 10.71 -9.29 -25.29
C N10 B 11 2.18 -11.98 -30.03
O N10 B 11 2.36 -11.64 -31.20
N LEU B 12 1.62 -13.12 -29.66
CA LEU B 12 1.07 -14.04 -30.65
C LEU B 12 -0.17 -13.46 -31.30
N THR B 13 -0.87 -12.59 -30.59
CA THR B 13 -2.01 -11.87 -31.18
C THR B 13 -1.54 -10.59 -31.89
N TRP B 14 -0.60 -9.86 -31.30
CA TRP B 14 -0.05 -8.64 -31.90
C TRP B 14 0.52 -8.96 -33.28
N GLY B 15 1.25 -10.06 -33.37
CA GLY B 15 1.89 -10.47 -34.63
C GLY B 15 3.38 -10.26 -34.64
N TRP B 16 4.07 -10.73 -33.61
CA TRP B 16 5.51 -10.62 -33.52
C TRP B 16 6.20 -11.46 -34.55
N VAL B 17 7.08 -10.85 -35.34
CA VAL B 17 7.84 -11.59 -36.35
C VAL B 17 9.04 -12.24 -35.69
N PRO B 18 9.11 -13.58 -35.73
CA PRO B 18 10.24 -14.22 -35.09
C PRO B 18 11.55 -13.90 -35.79
N VAL B 19 12.58 -13.64 -34.99
CA VAL B 19 13.93 -13.38 -35.51
C VAL B 19 14.99 -14.14 -34.75
N GLU B 20 16.07 -14.48 -35.47
CA GLU B 20 17.12 -15.26 -34.89
C GLU B 20 17.86 -14.54 -33.81
N ASP B 21 17.92 -13.23 -33.88
CA ASP B 21 18.58 -12.50 -32.80
C ASP B 21 17.66 -12.13 -31.65
N GLY B 22 16.46 -12.71 -31.64
CA GLY B 22 15.60 -12.67 -30.46
C GLY B 22 14.69 -11.45 -30.46
N ALA B 23 15.30 -10.28 -30.37
CA ALA B 23 14.64 -8.97 -30.40
C ALA B 23 15.70 -7.93 -30.77
N PRO B 24 15.30 -6.77 -31.26
CA PRO B 24 13.97 -6.30 -31.54
C PRO B 24 13.42 -6.80 -32.88
N THR B 25 12.14 -6.58 -33.09
CA THR B 25 11.48 -7.04 -34.29
C THR B 25 10.40 -6.04 -34.72
N GLU B 26 9.62 -6.44 -35.73
CA GLU B 26 8.48 -5.68 -36.22
C GLU B 26 7.22 -6.55 -36.16
N ARG B 27 6.10 -5.96 -36.59
CA ARG B 27 4.80 -6.61 -36.64
C ARG B 27 4.56 -7.21 -38.02
N PHE B 28 3.95 -8.39 -38.04
CA PHE B 28 3.48 -8.95 -39.29
C PHE B 28 2.51 -7.98 -39.96
N ALA B 29 2.47 -7.98 -41.27
CA ALA B 29 1.56 -7.10 -41.97
C ALA B 29 0.12 -7.42 -41.62
N PRO B 30 -0.75 -6.40 -41.75
CA PRO B 30 -2.13 -6.58 -41.33
C PRO B 30 -2.88 -7.68 -42.00
N ASP B 31 -2.52 -8.04 -43.22
CA ASP B 31 -3.16 -9.15 -43.90
C ASP B 31 -2.51 -10.51 -43.68
N VAL B 32 -1.43 -10.53 -42.89
CA VAL B 32 -0.66 -11.74 -42.63
C VAL B 32 -0.87 -12.24 -41.18
N ARG B 33 -0.88 -11.32 -40.23
CA ARG B 33 -1.12 -11.74 -38.85
C ARG B 33 -2.49 -12.40 -38.74
N TRP B 34 -2.65 -13.36 -37.85
CA TRP B 34 -3.88 -14.16 -37.82
C TRP B 34 -5.12 -13.33 -37.56
N THR B 35 -5.03 -12.22 -36.84
CA THR B 35 -6.22 -11.39 -36.64
C THR B 35 -6.70 -10.82 -37.98
N GLY B 36 -5.79 -10.52 -38.88
CA GLY B 36 -6.16 -10.06 -40.23
C GLY B 36 -6.66 -11.17 -41.11
N VAL B 37 -6.10 -12.35 -41.01
CA VAL B 37 -6.63 -13.52 -41.72
C VAL B 37 -8.04 -13.82 -41.24
N LEU B 38 -8.24 -13.78 -39.92
CA LEU B 38 -9.57 -13.96 -39.33
C LEU B 38 -10.55 -12.97 -39.94
N ALA B 39 -10.18 -11.72 -40.01
CA ALA B 39 -11.05 -10.67 -40.59
C ALA B 39 -11.40 -10.98 -42.04
N GLN B 40 -10.39 -11.35 -42.82
CA GLN B 40 -10.59 -11.65 -44.24
C GLN B 40 -11.47 -12.88 -44.40
N GLN B 41 -11.23 -13.92 -43.63
CA GLN B 41 -12.04 -15.14 -43.70
C GLN B 41 -13.49 -14.84 -43.35
N LEU B 42 -13.74 -14.00 -42.36
CA LEU B 42 -15.10 -13.70 -41.91
C LEU B 42 -15.84 -12.77 -42.86
N GLY B 43 -15.12 -11.84 -43.46
CA GLY B 43 -15.71 -10.82 -44.32
C GLY B 43 -16.45 -9.76 -43.58
N ALA B 44 -17.14 -8.91 -44.34
CA ALA B 44 -17.60 -7.62 -43.90
C ALA B 44 -18.76 -7.62 -42.87
N ASP B 45 -19.40 -8.76 -42.64
CA ASP B 45 -20.43 -8.87 -41.59
C ASP B 45 -19.82 -8.95 -40.19
N PHE B 46 -18.49 -8.94 -40.15
CA PHE B 46 -17.74 -9.02 -38.91
C PHE B 46 -16.67 -7.95 -38.87
N GLU B 47 -16.30 -7.55 -37.66
CA GLU B 47 -15.26 -6.56 -37.43
C GLU B 47 -14.35 -7.09 -36.35
N VAL B 48 -13.07 -7.18 -36.64
CA VAL B 48 -12.06 -7.68 -35.73
C VAL B 48 -11.31 -6.49 -35.10
N ILE B 49 -11.18 -6.52 -33.79
CA ILE B 49 -10.47 -5.52 -33.00
C ILE B 49 -9.24 -6.21 -32.43
N GLU B 50 -8.08 -5.66 -32.76
CA GLU B 50 -6.80 -6.24 -32.36
C GLU B 50 -6.26 -5.67 -31.06
N GLU B 51 -6.26 -6.48 -30.00
CA GLU B 51 -5.73 -6.06 -28.70
C GLU B 51 -4.71 -7.07 -28.17
N GLY B 52 -3.61 -7.16 -28.93
CA GLY B 52 -2.50 -8.01 -28.50
C GLY B 52 -1.34 -7.16 -28.06
N LEU B 53 -0.87 -7.44 -26.83
CA LEU B 53 0.24 -6.72 -26.25
C LEU B 53 1.38 -7.69 -26.01
N SER B 54 2.51 -7.47 -26.69
CA SER B 54 3.62 -8.37 -26.46
C SER B 54 4.03 -8.47 -24.99
N ALA B 55 4.31 -9.72 -24.59
CA ALA B 55 4.71 -10.09 -23.23
C ALA B 55 3.61 -10.09 -22.18
N ARG B 56 2.39 -9.81 -22.58
CA ARG B 56 1.27 -9.79 -21.65
C ARG B 56 1.01 -11.15 -21.01
N THR B 57 0.74 -11.12 -19.71
CA THR B 57 0.37 -12.28 -18.90
C THR B 57 -1.12 -12.26 -18.64
N THR B 58 -1.62 -13.36 -18.12
CA THR B 58 -3.05 -13.44 -17.75
C THR B 58 -3.38 -12.41 -16.68
N ASN B 59 -2.78 -12.53 -15.50
CA ASN B 59 -3.12 -11.65 -14.38
C ASN B 59 -1.96 -11.46 -13.42
N ILE B 60 -0.72 -11.49 -13.92
CA ILE B 60 0.40 -11.36 -13.00
C ILE B 60 1.29 -10.22 -13.44
N ASP B 61 1.65 -9.37 -12.49
CA ASP B 61 2.56 -8.26 -12.75
C ASP B 61 3.94 -8.79 -13.14
N ASP B 62 4.53 -8.18 -14.14
CA ASP B 62 5.87 -8.55 -14.56
C ASP B 62 6.80 -7.55 -13.90
N PRO B 63 7.79 -8.02 -13.14
CA PRO B 63 8.63 -7.03 -12.46
C PRO B 63 9.45 -6.14 -13.38
N THR B 64 9.61 -6.53 -14.63
CA THR B 64 10.39 -5.75 -15.59
C THR B 64 9.58 -4.70 -16.36
N ASP B 65 8.23 -4.72 -16.28
CA ASP B 65 7.43 -3.90 -17.19
C ASP B 65 6.05 -3.81 -16.63
N PRO B 66 5.58 -2.59 -16.30
CA PRO B 66 4.30 -2.46 -15.64
C PRO B 66 3.10 -2.58 -16.57
N ARG B 67 3.34 -2.77 -17.85
CA ARG B 67 2.24 -2.77 -18.81
C ARG B 67 1.56 -4.11 -19.04
N LEU B 68 2.04 -5.16 -18.42
CA LEU B 68 1.83 -6.50 -18.93
C LEU B 68 0.78 -7.35 -18.22
N ASN B 69 0.09 -6.81 -17.24
CA ASN B 69 -0.94 -7.58 -16.53
C ASN B 69 -2.25 -7.53 -17.32
N GLY B 70 -2.64 -8.65 -17.92
CA GLY B 70 -3.83 -8.65 -18.76
C GLY B 70 -5.07 -8.26 -18.01
N ALA B 71 -5.25 -8.80 -16.81
CA ALA B 71 -6.43 -8.53 -16.01
C ALA B 71 -6.54 -7.09 -15.53
N SER B 72 -5.41 -6.39 -15.44
CA SER B 72 -5.44 -4.97 -15.10
C SER B 72 -6.08 -4.13 -16.19
N TYR B 73 -5.94 -4.58 -17.43
CA TYR B 73 -6.30 -3.79 -18.63
C TYR B 73 -7.65 -4.19 -19.19
N LEU B 74 -8.02 -5.48 -19.09
CA LEU B 74 -9.17 -5.99 -19.83
C LEU B 74 -10.48 -5.26 -19.51
N PRO B 75 -10.83 -5.06 -18.24
CA PRO B 75 -12.13 -4.37 -18.02
C PRO B 75 -12.24 -3.04 -18.72
N SER B 76 -11.18 -2.23 -18.68
CA SER B 76 -11.18 -0.95 -19.40
C SER B 76 -11.26 -1.11 -20.91
N CYS B 77 -10.62 -2.14 -21.42
CA CYS B 77 -10.63 -2.45 -22.83
C CYS B 77 -12.03 -2.85 -23.30
N LEU B 78 -12.70 -3.71 -22.53
CA LEU B 78 -14.05 -4.13 -22.89
C LEU B 78 -14.95 -2.91 -22.94
N ALA B 79 -14.89 -2.05 -21.94
CA ALA B 79 -15.83 -0.93 -21.88
C ALA B 79 -15.53 0.08 -22.99
N THR B 80 -14.28 0.17 -23.40
CA THR B 80 -13.86 0.96 -24.54
C THR B 80 -14.53 0.52 -25.83
N HIS B 81 -14.62 -0.80 -26.04
CA HIS B 81 -14.96 -1.37 -27.33
C HIS B 81 -16.38 -1.85 -27.45
N LEU B 82 -17.20 -1.72 -26.42
CA LEU B 82 -18.63 -1.98 -26.62
C LEU B 82 -19.15 -1.12 -27.76
N PRO B 83 -20.06 -1.66 -28.59
CA PRO B 83 -20.66 -2.98 -28.46
C PRO B 83 -19.76 -4.12 -28.94
N LEU B 84 -19.81 -5.26 -28.24
CA LEU B 84 -19.05 -6.44 -28.62
C LEU B 84 -19.91 -7.68 -28.65
N ASP B 85 -19.58 -8.59 -29.55
CA ASP B 85 -20.29 -9.88 -29.67
C ASP B 85 -19.51 -11.07 -29.17
N LEU B 86 -18.19 -10.99 -29.27
CA LEU B 86 -17.31 -12.09 -28.85
C LEU B 86 -15.96 -11.55 -28.47
N VAL B 87 -15.39 -12.09 -27.40
CA VAL B 87 -13.99 -11.84 -27.00
C VAL B 87 -13.24 -13.14 -27.10
N ILE B 88 -12.20 -13.17 -27.92
CA ILE B 88 -11.29 -14.31 -28.03
C ILE B 88 -10.08 -14.01 -27.17
N ILE B 89 -9.80 -14.85 -26.20
CA ILE B 89 -8.66 -14.64 -25.29
C ILE B 89 -7.64 -15.74 -25.51
N MET B 90 -6.46 -15.39 -26.01
CA MET B 90 -5.35 -16.33 -26.10
C MET B 90 -4.20 -15.78 -25.30
N LEU B 91 -3.99 -16.32 -24.10
CA LEU B 91 -2.93 -15.89 -23.19
C LEU B 91 -2.48 -17.10 -22.43
N GLY B 92 -1.32 -16.96 -21.81
CA GLY B 92 -0.74 -17.95 -20.92
C GLY B 92 0.70 -18.26 -21.26
N THR B 93 1.12 -17.96 -22.49
CA THR B 93 2.51 -18.24 -22.88
C THR B 93 3.46 -17.48 -21.97
N ASN B 94 3.22 -16.19 -21.73
CA ASN B 94 4.18 -15.40 -20.94
C ASN B 94 4.19 -15.89 -19.48
N ASP B 95 3.06 -16.36 -18.98
CA ASP B 95 2.98 -16.85 -17.60
C ASP B 95 3.88 -18.06 -17.35
N THR B 96 4.29 -18.74 -18.41
CA THR B 96 5.18 -19.89 -18.29
C THR B 96 6.64 -19.52 -18.20
N LYS B 97 6.98 -18.23 -18.23
CA LYS B 97 8.36 -17.83 -18.04
C LYS B 97 8.83 -18.23 -16.65
N ALA B 98 10.10 -18.64 -16.57
CA ALA B 98 10.63 -19.20 -15.35
C ALA B 98 10.49 -18.30 -14.14
N TYR B 99 10.62 -16.99 -14.32
CA TYR B 99 10.62 -16.11 -13.20
C TYR B 99 9.28 -15.99 -12.49
N PHE B 100 8.20 -16.36 -13.16
CA PHE B 100 6.89 -16.29 -12.51
C PHE B 100 6.60 -17.45 -11.62
N ARG B 101 7.33 -18.55 -11.80
CA ARG B 101 7.18 -19.74 -10.95
C ARG B 101 5.71 -20.19 -10.88
N ARG B 102 5.02 -20.13 -12.01
CA ARG B 102 3.59 -20.53 -12.04
C ARG B 102 3.42 -21.95 -12.55
N THR B 103 2.46 -22.65 -11.95
CA THR B 103 1.99 -23.91 -12.46
C THR B 103 0.89 -23.71 -13.49
N PRO B 104 0.59 -24.73 -14.29
CA PRO B 104 -0.58 -24.63 -15.19
C PRO B 104 -1.87 -24.26 -14.47
N LEU B 105 -2.11 -24.76 -13.28
CA LEU B 105 -3.28 -24.31 -12.50
C LEU B 105 -3.26 -22.81 -12.25
N ASP B 106 -2.12 -22.28 -11.83
CA ASP B 106 -2.06 -20.86 -11.53
C ASP B 106 -2.43 -20.07 -12.78
N ILE B 107 -1.99 -20.54 -13.93
CA ILE B 107 -2.23 -19.84 -15.19
C ILE B 107 -3.70 -19.95 -15.58
N ALA B 108 -4.29 -21.13 -15.44
CA ALA B 108 -5.73 -21.27 -15.66
C ALA B 108 -6.55 -20.39 -14.70
N LEU B 109 -6.10 -20.21 -13.46
CA LEU B 109 -6.81 -19.31 -12.53
C LEU B 109 -6.73 -17.88 -13.05
N GLY B 110 -5.60 -17.49 -13.62
CA GLY B 110 -5.52 -16.17 -14.25
C GLY B 110 -6.48 -16.02 -15.40
N MET B 111 -6.52 -17.03 -16.26
CA MET B 111 -7.50 -17.07 -17.33
C MET B 111 -8.90 -16.96 -16.79
N SER B 112 -9.21 -17.61 -15.68
CA SER B 112 -10.56 -17.56 -15.08
C SER B 112 -10.96 -16.13 -14.73
N VAL B 113 -10.00 -15.34 -14.28
CA VAL B 113 -10.22 -13.96 -13.92
C VAL B 113 -10.65 -13.20 -15.16
N LEU B 114 -9.94 -13.42 -16.26
CA LEU B 114 -10.27 -12.77 -17.52
C LEU B 114 -11.63 -13.17 -18.06
N VAL B 115 -11.93 -14.45 -18.00
CA VAL B 115 -13.26 -14.95 -18.45
C VAL B 115 -14.36 -14.25 -17.65
N THR B 116 -14.21 -14.17 -16.33
CA THR B 116 -15.20 -13.51 -15.45
C THR B 116 -15.33 -12.06 -15.83
N GLN B 117 -14.22 -11.39 -16.16
CA GLN B 117 -14.28 -9.99 -16.60
C GLN B 117 -15.15 -9.84 -17.83
N VAL B 118 -15.05 -10.77 -18.76
CA VAL B 118 -15.89 -10.70 -19.96
C VAL B 118 -17.33 -10.99 -19.60
N LEU B 119 -17.57 -12.02 -18.82
CA LEU B 119 -18.95 -12.43 -18.52
C LEU B 119 -19.71 -11.36 -17.77
N THR B 120 -19.01 -10.55 -16.97
CA THR B 120 -19.60 -9.50 -16.11
C THR B 120 -19.56 -8.11 -16.74
N SER B 121 -19.29 -8.03 -18.03
CA SER B 121 -19.04 -6.76 -18.70
C SER B 121 -20.28 -6.04 -19.26
N ALA B 122 -21.48 -6.61 -19.11
CA ALA B 122 -22.66 -6.00 -19.65
C ALA B 122 -22.79 -4.57 -19.20
N GLY B 123 -23.21 -3.72 -20.12
CA GLY B 123 -23.45 -2.32 -19.84
C GLY B 123 -22.29 -1.40 -20.00
N GLY B 124 -21.09 -1.87 -19.75
CA GLY B 124 -19.95 -0.96 -19.76
C GLY B 124 -20.14 0.20 -18.86
N VAL B 125 -19.81 1.38 -19.39
CA VAL B 125 -20.08 2.65 -18.72
C VAL B 125 -21.31 3.27 -19.36
N GLY B 126 -22.43 3.10 -18.71
CA GLY B 126 -23.65 3.83 -19.13
C GLY B 126 -24.38 3.34 -20.35
N THR B 127 -24.18 2.11 -20.82
CA THR B 127 -24.80 1.66 -22.07
C THR B 127 -25.86 0.60 -21.84
N THR B 128 -26.63 0.37 -22.90
CA THR B 128 -27.61 -0.69 -22.92
C THR B 128 -27.07 -2.00 -23.49
N TYR B 129 -25.78 -2.09 -23.77
CA TYR B 129 -25.28 -3.23 -24.47
C TYR B 129 -25.15 -4.46 -23.58
N PRO B 130 -25.34 -5.66 -24.14
CA PRO B 130 -25.16 -6.92 -23.42
C PRO B 130 -23.69 -7.27 -23.31
N ALA B 131 -23.40 -8.27 -22.49
CA ALA B 131 -22.06 -8.83 -22.47
C ALA B 131 -21.82 -9.60 -23.74
N PRO B 132 -20.57 -9.57 -24.26
CA PRO B 132 -20.22 -10.47 -25.34
C PRO B 132 -20.08 -11.90 -24.85
N LYS B 133 -20.06 -12.85 -25.79
CA LYS B 133 -19.61 -14.22 -25.51
C LYS B 133 -18.08 -14.21 -25.37
N VAL B 134 -17.54 -15.29 -24.90
CA VAL B 134 -16.08 -15.44 -24.72
C VAL B 134 -15.64 -16.77 -25.32
N LEU B 135 -14.45 -16.79 -25.92
CA LEU B 135 -13.83 -18.01 -26.40
C LEU B 135 -12.46 -18.09 -25.76
N VAL B 136 -12.24 -19.10 -24.94
CA VAL B 136 -10.95 -19.33 -24.29
C VAL B 136 -10.08 -20.15 -25.24
N VAL B 137 -8.88 -19.65 -25.51
CA VAL B 137 -7.96 -20.29 -26.44
C VAL B 137 -6.63 -20.58 -25.78
N SER B 138 -6.25 -21.85 -25.72
CA SER B 138 -4.93 -22.22 -25.24
C SER B 138 -3.97 -22.02 -26.41
N PRO B 139 -2.82 -21.39 -26.15
CA PRO B 139 -1.82 -21.21 -27.19
C PRO B 139 -1.17 -22.55 -27.50
N PRO B 140 -0.49 -22.66 -28.66
CA PRO B 140 0.21 -23.91 -28.98
C PRO B 140 1.37 -24.09 -28.03
N PRO B 141 1.81 -25.33 -27.80
CA PRO B 141 3.04 -25.54 -27.03
C PRO B 141 4.24 -24.83 -27.63
N LEU B 142 5.09 -24.35 -26.74
CA LEU B 142 6.35 -23.76 -27.15
C LEU B 142 7.28 -24.83 -27.73
N ALA B 143 8.32 -24.37 -28.42
CA ALA B 143 9.27 -25.27 -29.07
C ALA B 143 10.70 -24.90 -28.63
N PRO B 144 11.71 -25.71 -29.02
CA PRO B 144 13.09 -25.38 -28.65
C PRO B 144 13.51 -24.01 -29.18
N MET B 145 14.25 -23.29 -28.35
CA MET B 145 14.60 -21.90 -28.59
C MET B 145 16.13 -21.76 -28.75
N PRO B 146 16.57 -21.32 -29.93
CA PRO B 146 18.02 -21.15 -30.08
C PRO B 146 18.63 -19.97 -29.36
N HIS B 147 17.89 -18.92 -29.00
CA HIS B 147 18.51 -17.77 -28.42
C HIS B 147 18.75 -17.98 -26.94
N PRO B 148 20.01 -17.82 -26.47
CA PRO B 148 20.29 -18.05 -25.06
C PRO B 148 19.42 -17.32 -24.08
N TRP B 149 18.98 -16.11 -24.41
CA TRP B 149 18.16 -15.39 -23.43
C TRP B 149 16.74 -15.96 -23.39
N PHE B 150 16.16 -16.26 -24.55
CA PHE B 150 14.88 -16.95 -24.55
C PHE B 150 14.93 -18.29 -23.84
N GLN B 151 16.03 -19.05 -24.04
CA GLN B 151 16.19 -20.32 -23.33
C GLN B 151 16.13 -20.10 -21.82
N LEU B 152 16.86 -19.08 -21.33
CA LEU B 152 16.85 -18.76 -19.90
C LEU B 152 15.48 -18.37 -19.36
N ILE B 153 14.85 -17.42 -20.02
CA ILE B 153 13.60 -16.87 -19.46
C ILE B 153 12.44 -17.83 -19.60
N PHE B 154 12.50 -18.79 -20.51
CA PHE B 154 11.42 -19.76 -20.69
C PHE B 154 11.72 -21.14 -20.12
N GLU B 155 12.78 -21.25 -19.32
CA GLU B 155 13.10 -22.58 -18.76
C GLU B 155 11.88 -23.13 -18.04
N GLY B 156 11.51 -24.36 -18.35
CA GLY B 156 10.30 -24.99 -17.81
C GLY B 156 9.01 -24.66 -18.56
N GLY B 157 9.07 -23.70 -19.47
CA GLY B 157 7.89 -23.19 -20.13
C GLY B 157 7.32 -24.10 -21.19
N GLU B 158 8.18 -24.77 -21.95
CA GLU B 158 7.68 -25.72 -22.93
C GLU B 158 6.80 -26.77 -22.24
N GLN B 159 7.28 -27.32 -21.13
CA GLN B 159 6.48 -28.31 -20.43
C GLN B 159 5.17 -27.75 -19.90
N LYS B 160 5.16 -26.53 -19.36
CA LYS B 160 3.90 -25.97 -18.89
C LYS B 160 2.93 -25.68 -20.01
N THR B 161 3.41 -25.17 -21.14
CA THR B 161 2.52 -24.91 -22.27
C THR B 161 1.86 -26.17 -22.79
N THR B 162 2.50 -27.34 -22.66
CA THR B 162 1.85 -28.60 -23.08
C THR B 162 0.59 -28.93 -22.27
N GLU B 163 0.46 -28.35 -21.06
CA GLU B 163 -0.65 -28.62 -20.14
C GLU B 163 -1.81 -27.61 -20.25
N LEU B 164 -1.60 -26.54 -21.02
CA LEU B 164 -2.62 -25.48 -21.04
C LEU B 164 -3.91 -25.88 -21.72
N ALA B 165 -3.86 -26.69 -22.77
CA ALA B 165 -5.12 -27.12 -23.38
C ALA B 165 -5.96 -27.89 -22.39
N ARG B 166 -5.34 -28.78 -21.63
CA ARG B 166 -6.08 -29.55 -20.63
C ARG B 166 -6.69 -28.67 -19.54
N VAL B 167 -5.89 -27.80 -18.95
CA VAL B 167 -6.42 -27.02 -17.85
C VAL B 167 -7.40 -25.96 -18.28
N TYR B 168 -7.16 -25.35 -19.43
CA TYR B 168 -8.14 -24.39 -20.00
C TYR B 168 -9.45 -25.09 -20.38
N SER B 169 -9.37 -26.29 -20.94
CA SER B 169 -10.57 -27.04 -21.27
C SER B 169 -11.39 -27.33 -20.03
N ALA B 170 -10.73 -27.69 -18.96
CA ALA B 170 -11.41 -28.00 -17.71
C ALA B 170 -12.07 -26.74 -17.19
N LEU B 171 -11.34 -25.64 -17.20
CA LEU B 171 -11.88 -24.37 -16.72
C LEU B 171 -13.08 -23.93 -17.51
N ALA B 172 -12.95 -23.97 -18.85
CA ALA B 172 -14.05 -23.56 -19.74
C ALA B 172 -15.29 -24.43 -19.53
N SER B 173 -15.08 -25.72 -19.35
CA SER B 173 -16.21 -26.61 -19.08
C SER B 173 -16.93 -26.20 -17.79
N PHE B 174 -16.16 -25.96 -16.73
CA PHE B 174 -16.73 -25.56 -15.44
C PHE B 174 -17.51 -24.27 -15.57
N MET B 175 -16.93 -23.30 -16.28
CA MET B 175 -17.51 -21.96 -16.41
C MET B 175 -18.58 -21.91 -17.49
N LYS B 176 -18.78 -23.02 -18.22
CA LYS B 176 -19.80 -23.12 -19.27
C LYS B 176 -19.63 -22.09 -20.39
N VAL B 177 -18.39 -22.01 -20.84
CA VAL B 177 -17.99 -21.14 -21.95
C VAL B 177 -17.20 -21.91 -23.00
N PRO B 178 -17.22 -21.44 -24.24
CA PRO B 178 -16.49 -22.10 -25.30
C PRO B 178 -14.99 -22.14 -25.15
N PHE B 179 -14.38 -23.22 -25.66
CA PHE B 179 -12.93 -23.45 -25.61
C PHE B 179 -12.44 -23.92 -26.98
N PHE B 180 -11.24 -23.48 -27.34
CA PHE B 180 -10.55 -23.93 -28.55
C PHE B 180 -9.08 -24.00 -28.31
N ASP B 181 -8.46 -25.08 -28.72
CA ASP B 181 -7.01 -25.26 -28.57
C ASP B 181 -6.28 -24.84 -29.81
N ALA B 182 -5.52 -23.77 -29.79
CA ALA B 182 -4.75 -23.36 -30.98
C ALA B 182 -3.78 -24.46 -31.38
N GLY B 183 -3.24 -25.17 -30.41
CA GLY B 183 -2.31 -26.27 -30.68
C GLY B 183 -2.91 -27.43 -31.47
N SER B 184 -4.23 -27.50 -31.55
CA SER B 184 -4.91 -28.52 -32.36
C SER B 184 -4.81 -28.28 -33.85
N VAL B 185 -4.45 -27.06 -34.24
CA VAL B 185 -4.36 -26.71 -35.65
C VAL B 185 -2.98 -26.21 -36.10
N ILE B 186 -2.13 -25.76 -35.17
CA ILE B 186 -0.76 -25.36 -35.51
C ILE B 186 0.20 -25.79 -34.46
N SER B 187 1.46 -25.91 -34.88
CA SER B 187 2.60 -25.96 -33.98
C SER B 187 3.33 -24.62 -34.05
N THR B 188 4.07 -24.34 -32.99
CA THR B 188 4.86 -23.12 -32.90
C THR B 188 6.08 -23.31 -33.79
N ASP B 189 6.07 -22.69 -34.96
CA ASP B 189 7.08 -22.97 -35.98
C ASP B 189 8.03 -21.81 -36.20
N GLY B 190 7.89 -20.67 -35.49
CA GLY B 190 8.84 -19.59 -35.64
C GLY B 190 10.25 -20.02 -35.30
N VAL B 191 11.20 -19.37 -35.92
CA VAL B 191 12.61 -19.73 -35.78
C VAL B 191 13.09 -19.62 -34.33
N ASP B 192 12.43 -18.77 -33.53
CA ASP B 192 12.81 -18.56 -32.14
C ASP B 192 12.21 -19.56 -31.15
N GLY B 193 11.34 -20.44 -31.64
CA GLY B 193 10.66 -21.47 -30.81
C GLY B 193 9.46 -20.91 -30.04
N ILE B 194 9.10 -19.66 -30.30
CA ILE B 194 8.04 -18.96 -29.50
C ILE B 194 6.94 -18.41 -30.38
N HIS B 195 7.30 -17.78 -31.49
CA HIS B 195 6.34 -17.01 -32.29
C HIS B 195 5.94 -17.73 -33.55
N PHE B 196 5.01 -17.15 -34.28
CA PHE B 196 4.35 -17.81 -35.39
C PHE B 196 4.98 -17.47 -36.73
N THR B 197 5.02 -18.45 -37.63
CA THR B 197 5.31 -18.18 -39.04
C THR B 197 4.11 -17.59 -39.76
N GLU B 198 4.31 -17.13 -40.98
CA GLU B 198 3.20 -16.67 -41.81
C GLU B 198 2.16 -17.78 -41.93
N ALA B 199 2.57 -19.02 -42.19
CA ALA B 199 1.62 -20.12 -42.30
C ALA B 199 0.90 -20.44 -41.01
N ASN B 200 1.59 -20.35 -39.88
CA ASN B 200 0.96 -20.50 -38.58
C ASN B 200 -0.19 -19.50 -38.43
N ASN B 201 0.08 -18.26 -38.82
CA ASN B 201 -0.93 -17.21 -38.74
C ASN B 201 -2.12 -17.51 -39.64
N ARG B 202 -1.83 -17.96 -40.87
CA ARG B 202 -2.93 -18.29 -41.78
C ARG B 202 -3.79 -19.42 -41.21
N ASP B 203 -3.18 -20.52 -40.82
CA ASP B 203 -3.90 -21.67 -40.32
C ASP B 203 -4.73 -21.35 -39.07
N LEU B 204 -4.19 -20.56 -38.17
CA LEU B 204 -4.99 -20.19 -36.99
C LEU B 204 -6.12 -19.27 -37.34
N GLY B 205 -5.89 -18.30 -38.20
CA GLY B 205 -6.96 -17.40 -38.66
C GLY B 205 -8.11 -18.12 -39.33
N VAL B 206 -7.80 -19.07 -40.20
CA VAL B 206 -8.80 -19.89 -40.87
C VAL B 206 -9.56 -20.69 -39.82
N ALA B 207 -8.86 -21.37 -38.90
CA ALA B 207 -9.52 -22.18 -37.87
C ALA B 207 -10.42 -21.32 -36.94
N LEU B 208 -9.94 -20.16 -36.54
CA LEU B 208 -10.72 -19.31 -35.66
C LEU B 208 -11.92 -18.72 -36.35
N ALA B 209 -11.87 -18.52 -37.67
CA ALA B 209 -13.07 -18.05 -38.36
C ALA B 209 -14.18 -19.06 -38.27
N GLU B 210 -13.86 -20.33 -38.42
CA GLU B 210 -14.85 -21.40 -38.26
C GLU B 210 -15.43 -21.37 -36.84
N GLN B 211 -14.57 -21.16 -35.85
CA GLN B 211 -15.05 -21.09 -34.45
C GLN B 211 -16.00 -19.94 -34.25
N VAL B 212 -15.66 -18.76 -34.78
CA VAL B 212 -16.50 -17.60 -34.66
C VAL B 212 -17.84 -17.84 -35.34
N ARG B 213 -17.84 -18.45 -36.50
CA ARG B 213 -19.07 -18.64 -37.26
C ARG B 213 -19.99 -19.56 -36.47
N SER B 214 -19.44 -20.50 -35.73
CA SER B 214 -20.23 -21.45 -34.93
C SER B 214 -20.93 -20.75 -33.77
N LEU B 215 -20.34 -19.67 -33.25
CA LEU B 215 -20.83 -18.94 -32.06
C LEU B 215 -21.75 -17.79 -32.33
N LEU B 216 -21.67 -17.18 -33.51
CA LEU B 216 -22.38 -15.91 -33.80
C LEU B 216 -23.33 -16.01 -34.96
N ALA C 2 1.51 -4.72 44.03
CA ALA C 2 1.31 -3.28 43.79
C ALA C 2 0.44 -3.12 42.56
N LYS C 3 -0.32 -2.05 42.55
CA LYS C 3 -1.11 -1.71 41.37
C LYS C 3 -0.26 -1.00 40.35
N ARG C 4 -0.48 -1.31 39.09
CA ARG C 4 0.35 -0.81 38.00
C ARG C 4 -0.36 0.27 37.20
N ILE C 5 0.30 1.42 37.06
CA ILE C 5 -0.26 2.61 36.45
C ILE C 5 0.61 3.00 35.26
N LEU C 6 0.06 2.94 34.07
CA LEU C 6 0.78 3.29 32.86
C LEU C 6 0.48 4.73 32.51
N CYS C 7 1.51 5.56 32.38
CA CYS C 7 1.38 6.96 32.01
C CYS C 7 1.81 7.09 30.56
N PHE C 8 0.83 7.17 29.66
CA PHE C 8 1.05 7.22 28.21
C PHE C 8 0.90 8.67 27.74
N GLY C 9 1.95 9.22 27.14
CA GLY C 9 1.93 10.61 26.76
C GLY C 9 3.04 11.00 25.82
N ASP C 10 3.27 12.29 25.82
CA ASP C 10 4.21 12.95 24.90
C ASP C 10 5.37 13.54 25.71
C1 N10 C 11 6.23 17.54 23.76
O2 N10 C 11 5.83 16.57 23.10
N N10 C 11 5.98 14.62 25.25
CA N10 C 11 7.12 15.19 25.96
CB N10 C 11 7.68 16.37 25.19
OG N10 C 11 6.72 17.41 25.01
N1 N10 C 11 6.18 18.80 23.38
CA1 N10 C 11 5.69 19.26 22.09
CB2 N10 C 11 6.79 19.83 21.23
CG3 N10 C 11 7.84 18.76 20.85
CD4 N10 C 11 9.04 19.29 20.07
CG5 N10 C 11 10.02 18.21 19.64
CD6 N10 C 11 11.17 18.76 18.80
C N10 C 11 6.71 15.70 27.35
O N10 C 11 7.58 15.81 28.24
N LEU C 12 5.45 16.06 27.55
CA LEU C 12 4.98 16.52 28.85
C LEU C 12 4.96 15.38 29.86
N THR C 13 4.82 14.14 29.40
CA THR C 13 4.91 12.94 30.23
C THR C 13 6.36 12.49 30.36
N TRP C 14 7.13 12.56 29.27
CA TRP C 14 8.54 12.21 29.29
C TRP C 14 9.29 13.07 30.29
N GLY C 15 8.97 14.36 30.30
CA GLY C 15 9.66 15.33 31.19
C GLY C 15 10.65 16.23 30.50
N TRP C 16 10.26 16.80 29.39
CA TRP C 16 11.11 17.69 28.61
C TRP C 16 11.39 18.96 29.43
N VAL C 17 12.68 19.27 29.61
CA VAL C 17 13.09 20.51 30.28
C VAL C 17 13.01 21.69 29.30
N PRO C 18 12.16 22.69 29.60
CA PRO C 18 12.07 23.81 28.67
C PRO C 18 13.36 24.62 28.62
N VAL C 19 13.78 24.95 27.40
CA VAL C 19 15.01 25.75 27.17
C VAL C 19 14.75 26.91 26.21
N GLU C 20 15.47 28.00 26.43
CA GLU C 20 15.32 29.17 25.59
C GLU C 20 15.79 28.93 24.17
N ASP C 21 16.68 28.00 23.96
CA ASP C 21 17.03 27.83 22.56
C ASP C 21 16.21 26.76 21.88
N GLY C 22 15.12 26.34 22.53
CA GLY C 22 14.12 25.52 21.87
C GLY C 22 14.42 24.05 22.04
N ALA C 23 15.53 23.65 21.45
CA ALA C 23 16.04 22.28 21.48
C ALA C 23 17.55 22.40 21.17
N PRO C 24 18.38 21.45 21.55
CA PRO C 24 18.03 20.21 22.23
C PRO C 24 17.95 20.43 23.75
N THR C 25 17.43 19.42 24.43
CA THR C 25 17.30 19.48 25.87
C THR C 25 17.58 18.11 26.51
N GLU C 26 17.28 18.03 27.81
CA GLU C 26 17.36 16.79 28.56
C GLU C 26 16.02 16.54 29.26
N ARG C 27 15.98 15.41 29.97
CA ARG C 27 14.86 14.99 30.77
C ARG C 27 14.96 15.50 32.20
N PHE C 28 13.85 15.92 32.75
CA PHE C 28 13.80 16.19 34.19
C PHE C 28 14.20 14.94 34.96
N ALA C 29 14.83 15.14 36.13
CA ALA C 29 15.28 14.05 36.94
C ALA C 29 14.11 13.15 37.37
N PRO C 30 14.40 11.88 37.62
CA PRO C 30 13.34 10.92 37.92
C PRO C 30 12.47 11.27 39.11
N ASP C 31 12.96 12.04 40.08
CA ASP C 31 12.16 12.53 41.20
C ASP C 31 11.53 13.90 41.00
N VAL C 32 11.73 14.55 39.84
CA VAL C 32 11.21 15.85 39.52
C VAL C 32 10.08 15.81 38.46
N ARG C 33 10.27 15.03 37.40
CA ARG C 33 9.21 14.88 36.40
C ARG C 33 7.97 14.36 37.11
N TRP C 34 6.79 14.77 36.62
CA TRP C 34 5.56 14.48 37.34
C TRP C 34 5.27 12.99 37.50
N THR C 35 5.69 12.16 36.55
CA THR C 35 5.47 10.72 36.73
C THR C 35 6.23 10.25 37.96
N GLY C 36 7.41 10.80 38.22
CA GLY C 36 8.18 10.46 39.44
C GLY C 36 7.57 11.03 40.70
N VAL C 37 7.04 12.23 40.62
CA VAL C 37 6.28 12.81 41.74
C VAL C 37 5.08 11.94 42.04
N LEU C 38 4.37 11.55 40.99
CA LEU C 38 3.23 10.63 41.14
C LEU C 38 3.68 9.36 41.86
N ALA C 39 4.72 8.73 41.39
CA ALA C 39 5.27 7.50 42.04
C ALA C 39 5.60 7.71 43.54
N GLN C 40 6.23 8.84 43.84
CA GLN C 40 6.63 9.13 45.23
C GLN C 40 5.40 9.35 46.10
N GLN C 41 4.43 10.06 45.59
CA GLN C 41 3.22 10.40 46.33
C GLN C 41 2.39 9.15 46.57
N LEU C 42 2.35 8.25 45.59
CA LEU C 42 1.56 7.02 45.73
C LEU C 42 2.25 5.99 46.65
N GLY C 43 3.57 5.90 46.59
CA GLY C 43 4.33 4.92 47.38
C GLY C 43 4.31 3.51 46.83
N ALA C 44 4.83 2.59 47.63
CA ALA C 44 5.17 1.25 47.18
C ALA C 44 4.02 0.31 46.83
N ASP C 45 2.79 0.69 47.17
CA ASP C 45 1.61 -0.09 46.74
C ASP C 45 1.23 0.15 45.30
N PHE C 46 1.99 1.01 44.62
CA PHE C 46 1.77 1.36 43.22
C PHE C 46 3.10 1.32 42.47
N GLU C 47 3.04 0.97 41.20
CA GLU C 47 4.17 1.00 40.29
C GLU C 47 3.78 1.82 39.07
N VAL C 48 4.51 2.89 38.84
CA VAL C 48 4.28 3.80 37.74
C VAL C 48 5.20 3.47 36.58
N ILE C 49 4.60 3.32 35.41
CA ILE C 49 5.29 2.96 34.14
C ILE C 49 5.27 4.19 33.25
N GLU C 50 6.46 4.70 32.92
CA GLU C 50 6.64 5.94 32.13
C GLU C 50 6.73 5.65 30.66
N GLU C 51 5.68 6.04 29.92
CA GLU C 51 5.65 5.88 28.48
C GLU C 51 5.30 7.22 27.82
N GLY C 52 6.18 8.17 28.01
CA GLY C 52 6.09 9.46 27.34
C GLY C 52 7.10 9.57 26.23
N LEU C 53 6.64 9.83 25.02
CA LEU C 53 7.47 10.01 23.84
C LEU C 53 7.32 11.42 23.32
N SER C 54 8.39 12.19 23.33
CA SER C 54 8.32 13.56 22.87
C SER C 54 7.83 13.62 21.44
N ALA C 55 6.96 14.60 21.20
CA ALA C 55 6.31 14.88 19.90
C ALA C 55 5.20 13.91 19.51
N ARG C 56 4.85 12.98 20.39
CA ARG C 56 3.81 12.01 20.07
C ARG C 56 2.45 12.70 19.89
N THR C 57 1.70 12.23 18.88
CA THR C 57 0.34 12.65 18.62
C THR C 57 -0.62 11.58 19.07
N THR C 58 -1.92 11.89 19.08
CA THR C 58 -2.92 10.88 19.42
C THR C 58 -2.90 9.74 18.42
N ASN C 59 -3.19 10.02 17.14
CA ASN C 59 -3.35 8.96 16.14
C ASN C 59 -3.02 9.44 14.75
N ILE C 60 -2.13 10.41 14.64
CA ILE C 60 -1.79 10.93 13.32
C ILE C 60 -0.32 10.81 13.03
N ASP C 61 0.01 10.27 11.86
CA ASP C 61 1.41 10.17 11.47
C ASP C 61 2.02 11.56 11.31
N ASP C 62 3.22 11.74 11.82
CA ASP C 62 3.95 12.96 11.62
C ASP C 62 4.87 12.76 10.42
N PRO C 63 4.77 13.63 9.39
CA PRO C 63 5.60 13.43 8.19
C PRO C 63 7.09 13.54 8.45
N THR C 64 7.48 14.14 9.57
CA THR C 64 8.89 14.29 9.87
C THR C 64 9.50 13.14 10.65
N ASP C 65 8.67 12.24 11.20
CA ASP C 65 9.22 11.27 12.17
C ASP C 65 8.21 10.12 12.28
N PRO C 66 8.59 8.89 11.90
CA PRO C 66 7.64 7.78 11.90
C PRO C 66 7.31 7.21 13.28
N ARG C 67 7.95 7.73 14.33
CA ARG C 67 7.79 7.14 15.67
C ARG C 67 6.61 7.70 16.45
N LEU C 68 5.89 8.69 15.92
CA LEU C 68 5.10 9.58 16.78
C LEU C 68 3.61 9.33 16.81
N ASN C 69 3.11 8.28 16.14
CA ASN C 69 1.66 8.02 16.17
C ASN C 69 1.32 7.22 17.41
N GLY C 70 0.64 7.83 18.36
CA GLY C 70 0.35 7.14 19.61
C GLY C 70 -0.43 5.87 19.46
N ALA C 71 -1.43 5.91 18.61
CA ALA C 71 -2.33 4.77 18.41
C ALA C 71 -1.65 3.60 17.71
N SER C 72 -0.60 3.86 16.95
CA SER C 72 0.19 2.79 16.34
C SER C 72 0.93 1.98 17.39
N TYR C 73 1.24 2.61 18.53
CA TYR C 73 2.13 2.02 19.55
C TYR C 73 1.38 1.47 20.74
N LEU C 74 0.27 2.10 21.10
CA LEU C 74 -0.38 1.81 22.37
C LEU C 74 -0.80 0.34 22.54
N PRO C 75 -1.45 -0.30 21.54
CA PRO C 75 -1.83 -1.69 21.79
C PRO C 75 -0.65 -2.60 22.16
N SER C 76 0.49 -2.46 21.49
CA SER C 76 1.70 -3.23 21.79
C SER C 76 2.23 -2.89 23.19
N CYS C 77 2.14 -1.62 23.56
CA CYS C 77 2.57 -1.13 24.85
C CYS C 77 1.71 -1.74 25.98
N LEU C 78 0.40 -1.73 25.79
CA LEU C 78 -0.51 -2.30 26.78
C LEU C 78 -0.23 -3.78 27.01
N ALA C 79 -0.06 -4.52 25.92
CA ALA C 79 0.15 -5.97 26.06
C ALA C 79 1.52 -6.26 26.65
N THR C 80 2.48 -5.38 26.44
CA THR C 80 3.78 -5.44 27.10
C THR C 80 3.67 -5.34 28.61
N HIS C 81 2.82 -4.43 29.05
CA HIS C 81 2.82 -4.02 30.44
C HIS C 81 1.77 -4.64 31.35
N LEU C 82 0.91 -5.49 30.81
CA LEU C 82 0.02 -6.22 31.67
C LEU C 82 0.83 -6.97 32.73
N PRO C 83 0.27 -7.10 33.94
CA PRO C 83 -1.04 -6.61 34.38
C PRO C 83 -1.03 -5.10 34.62
N LEU C 84 -2.12 -4.44 34.31
CA LEU C 84 -2.31 -3.02 34.53
C LEU C 84 -3.61 -2.73 35.22
N ASP C 85 -3.59 -1.73 36.09
CA ASP C 85 -4.79 -1.28 36.78
C ASP C 85 -5.37 0.01 36.21
N LEU C 86 -4.52 0.91 35.69
CA LEU C 86 -4.95 2.18 35.21
C LEU C 86 -3.98 2.65 34.13
N VAL C 87 -4.53 3.25 33.06
CA VAL C 87 -3.75 3.95 32.06
C VAL C 87 -4.16 5.38 32.07
N ILE C 88 -3.21 6.28 32.34
CA ILE C 88 -3.41 7.71 32.24
C ILE C 88 -2.93 8.19 30.87
N ILE C 89 -3.80 8.82 30.09
CA ILE C 89 -3.43 9.29 28.76
C ILE C 89 -3.51 10.78 28.73
N MET C 90 -2.36 11.45 28.56
CA MET C 90 -2.32 12.92 28.32
C MET C 90 -1.65 13.17 26.99
N LEU C 91 -2.46 13.46 25.99
CA LEU C 91 -2.00 13.72 24.64
C LEU C 91 -2.91 14.75 24.02
N GLY C 92 -2.42 15.32 22.92
CA GLY C 92 -3.18 16.27 22.10
C GLY C 92 -2.42 17.53 21.80
N THR C 93 -1.40 17.83 22.60
CA THR C 93 -0.64 19.04 22.38
C THR C 93 0.03 19.01 21.01
N ASN C 94 0.65 17.88 20.64
CA ASN C 94 1.31 17.85 19.34
C ASN C 94 0.34 17.92 18.16
N ASP C 95 -0.84 17.37 18.33
CA ASP C 95 -1.87 17.42 17.30
C ASP C 95 -2.26 18.86 16.93
N THR C 96 -2.03 19.81 17.83
CA THR C 96 -2.38 21.22 17.58
C THR C 96 -1.34 21.94 16.74
N LYS C 97 -0.23 21.29 16.38
CA LYS C 97 0.77 21.94 15.52
C LYS C 97 0.13 22.28 14.17
N ALA C 98 0.50 23.43 13.62
CA ALA C 98 -0.14 23.97 12.42
C ALA C 98 -0.19 23.01 11.29
N TYR C 99 0.86 22.23 11.08
CA TYR C 99 0.94 21.39 9.92
C TYR C 99 -0.04 20.23 9.86
N PHE C 100 -0.61 19.85 11.01
CA PHE C 100 -1.61 18.80 11.05
C PHE C 100 -2.97 19.30 10.64
N ARG C 101 -3.22 20.60 10.73
CA ARG C 101 -4.54 21.15 10.30
C ARG C 101 -5.69 20.42 10.97
N ARG C 102 -5.54 20.12 12.25
CA ARG C 102 -6.57 19.41 13.01
C ARG C 102 -7.41 20.36 13.85
N THR C 103 -8.71 20.06 13.91
CA THR C 103 -9.60 20.73 14.82
C THR C 103 -9.58 20.03 16.18
N PRO C 104 -10.11 20.68 17.23
CA PRO C 104 -10.28 19.99 18.50
C PRO C 104 -11.05 18.70 18.38
N LEU C 105 -12.10 18.65 17.55
CA LEU C 105 -12.83 17.39 17.33
C LEU C 105 -11.91 16.30 16.79
N ASP C 106 -11.13 16.63 15.77
CA ASP C 106 -10.23 15.64 15.19
C ASP C 106 -9.34 15.04 16.30
N ILE C 107 -8.88 15.89 17.20
CA ILE C 107 -7.94 15.46 18.26
C ILE C 107 -8.68 14.57 19.26
N ALA C 108 -9.88 14.97 19.64
CA ALA C 108 -10.71 14.14 20.51
C ALA C 108 -11.03 12.78 19.88
N LEU C 109 -11.22 12.75 18.56
CA LEU C 109 -11.43 11.46 17.89
C LEU C 109 -10.17 10.59 17.98
N GLY C 110 -9.01 11.18 17.85
CA GLY C 110 -7.77 10.43 18.11
C GLY C 110 -7.68 9.91 19.52
N MET C 111 -8.02 10.73 20.49
CA MET C 111 -8.09 10.29 21.88
C MET C 111 -9.06 9.13 22.04
N SER C 112 -10.19 9.16 21.31
CA SER C 112 -11.20 8.11 21.43
C SER C 112 -10.60 6.76 21.00
N VAL C 113 -9.73 6.79 20.00
CA VAL C 113 -9.10 5.58 19.52
C VAL C 113 -8.25 4.96 20.63
N LEU C 114 -7.49 5.81 21.30
CA LEU C 114 -6.65 5.36 22.41
C LEU C 114 -7.45 4.81 23.58
N VAL C 115 -8.53 5.50 23.94
CA VAL C 115 -9.43 5.01 24.97
C VAL C 115 -9.93 3.62 24.64
N THR C 116 -10.44 3.45 23.42
CA THR C 116 -10.95 2.14 23.02
C THR C 116 -9.85 1.08 23.06
N GLN C 117 -8.61 1.44 22.68
CA GLN C 117 -7.52 0.48 22.77
C GLN C 117 -7.31 0.04 24.23
N VAL C 118 -7.43 0.94 25.19
CA VAL C 118 -7.33 0.54 26.60
C VAL C 118 -8.49 -0.36 27.00
N LEU C 119 -9.69 0.08 26.66
CA LEU C 119 -10.88 -0.63 27.07
C LEU C 119 -10.97 -2.02 26.53
N THR C 120 -10.37 -2.26 25.36
CA THR C 120 -10.41 -3.58 24.70
C THR C 120 -9.15 -4.41 24.89
N SER C 121 -8.33 -4.05 25.87
CA SER C 121 -7.03 -4.67 26.03
C SER C 121 -7.00 -5.93 26.93
N ALA C 122 -8.13 -6.35 27.49
CA ALA C 122 -8.13 -7.50 28.38
C ALA C 122 -7.44 -8.70 27.73
N GLY C 123 -6.68 -9.41 28.54
CA GLY C 123 -6.04 -10.62 28.08
C GLY C 123 -4.67 -10.42 27.47
N GLY C 124 -4.44 -9.33 26.75
CA GLY C 124 -3.17 -9.16 26.06
C GLY C 124 -2.85 -10.34 25.19
N VAL C 125 -1.63 -10.83 25.28
CA VAL C 125 -1.21 -12.03 24.56
C VAL C 125 -1.23 -13.16 25.58
N GLY C 126 -2.25 -13.99 25.57
CA GLY C 126 -2.19 -15.22 26.35
C GLY C 126 -2.41 -15.15 27.85
N THR C 127 -2.95 -14.05 28.36
CA THR C 127 -3.09 -13.89 29.80
C THR C 127 -4.54 -13.93 30.28
N THR C 128 -4.65 -14.06 31.60
CA THR C 128 -5.94 -14.03 32.31
C THR C 128 -6.27 -12.64 32.86
N TYR C 129 -5.51 -11.63 32.48
CA TYR C 129 -5.66 -10.31 33.13
C TYR C 129 -6.78 -9.49 32.55
N PRO C 130 -7.42 -8.71 33.39
CA PRO C 130 -8.49 -7.81 32.94
C PRO C 130 -7.94 -6.58 32.22
N ALA C 131 -8.80 -5.83 31.55
CA ALA C 131 -8.41 -4.52 31.07
C ALA C 131 -8.21 -3.56 32.24
N PRO C 132 -7.24 -2.64 32.11
CA PRO C 132 -7.16 -1.58 33.06
C PRO C 132 -8.29 -0.57 32.88
N LYS C 133 -8.51 0.27 33.88
CA LYS C 133 -9.28 1.50 33.77
C LYS C 133 -8.45 2.51 32.95
N VAL C 134 -9.11 3.56 32.53
CA VAL C 134 -8.48 4.65 31.80
C VAL C 134 -8.82 5.97 32.42
N LEU C 135 -7.87 6.90 32.39
CA LEU C 135 -8.09 8.27 32.76
C LEU C 135 -7.66 9.16 31.61
N VAL C 136 -8.64 9.87 31.02
CA VAL C 136 -8.37 10.82 29.95
C VAL C 136 -7.98 12.13 30.54
N VAL C 137 -6.82 12.66 30.12
CA VAL C 137 -6.29 13.92 30.64
C VAL C 137 -6.06 14.93 29.53
N SER C 138 -6.76 16.06 29.60
CA SER C 138 -6.45 17.17 28.72
C SER C 138 -5.20 17.88 29.22
N PRO C 139 -4.24 18.17 28.33
CA PRO C 139 -3.09 18.95 28.75
C PRO C 139 -3.49 20.41 29.03
N PRO C 140 -2.64 21.15 29.76
CA PRO C 140 -2.95 22.57 29.99
C PRO C 140 -2.84 23.33 28.68
N PRO C 141 -3.51 24.47 28.56
CA PRO C 141 -3.31 25.30 27.37
C PRO C 141 -1.87 25.78 27.20
N LEU C 142 -1.44 25.88 25.95
CA LEU C 142 -0.16 26.46 25.59
C LEU C 142 -0.12 27.95 25.98
N ALA C 143 1.08 28.47 26.06
CA ALA C 143 1.39 29.84 26.51
C ALA C 143 2.26 30.53 25.44
N PRO C 144 2.52 31.85 25.62
CA PRO C 144 3.34 32.53 24.65
C PRO C 144 4.70 31.87 24.49
N MET C 145 5.18 31.83 23.25
CA MET C 145 6.42 31.14 22.92
C MET C 145 7.49 32.11 22.38
N PRO C 146 8.63 32.20 23.05
CA PRO C 146 9.69 33.07 22.52
C PRO C 146 10.51 32.56 21.34
N HIS C 147 10.54 31.26 21.06
CA HIS C 147 11.39 30.75 20.01
C HIS C 147 10.70 30.80 18.65
N PRO C 148 11.32 31.44 17.64
CA PRO C 148 10.68 31.55 16.34
C PRO C 148 10.20 30.27 15.69
N TRP C 149 10.92 29.17 15.87
CA TRP C 149 10.47 27.90 15.28
C TRP C 149 9.24 27.35 16.00
N PHE C 150 9.22 27.44 17.32
CA PHE C 150 8.02 27.00 18.05
C PHE C 150 6.83 27.90 17.70
N GLN C 151 7.04 29.20 17.52
CA GLN C 151 5.99 30.09 17.11
C GLN C 151 5.40 29.61 15.80
N LEU C 152 6.25 29.20 14.86
CA LEU C 152 5.80 28.75 13.55
C LEU C 152 5.03 27.43 13.64
N ILE C 153 5.61 26.40 14.26
CA ILE C 153 4.99 25.09 14.23
C ILE C 153 3.74 25.04 15.10
N PHE C 154 3.61 25.90 16.12
CA PHE C 154 2.44 25.91 16.96
C PHE C 154 1.45 27.02 16.60
N GLU C 155 1.58 27.62 15.42
CA GLU C 155 0.62 28.66 15.05
C GLU C 155 -0.79 28.08 15.07
N GLY C 156 -1.65 28.79 15.77
CA GLY C 156 -3.04 28.33 15.97
C GLY C 156 -3.23 27.30 17.07
N GLY C 157 -2.13 26.85 17.68
CA GLY C 157 -2.19 25.77 18.64
C GLY C 157 -2.72 26.15 19.98
N GLU C 158 -2.35 27.33 20.49
CA GLU C 158 -2.86 27.75 21.78
C GLU C 158 -4.40 27.73 21.81
N GLN C 159 -4.99 28.25 20.77
CA GLN C 159 -6.44 28.30 20.70
C GLN C 159 -7.04 26.90 20.68
N LYS C 160 -6.41 25.96 20.01
CA LYS C 160 -6.91 24.60 20.03
C LYS C 160 -6.72 23.92 21.36
N THR C 161 -5.58 24.12 22.01
CA THR C 161 -5.38 23.51 23.34
C THR C 161 -6.39 24.04 24.37
N THR C 162 -6.88 25.28 24.23
CA THR C 162 -7.88 25.80 25.17
C THR C 162 -9.22 25.06 25.06
N GLU C 163 -9.46 24.36 23.95
CA GLU C 163 -10.68 23.61 23.74
C GLU C 163 -10.62 22.16 24.16
N LEU C 164 -9.44 21.65 24.49
CA LEU C 164 -9.32 20.23 24.71
C LEU C 164 -10.02 19.77 25.96
N ALA C 165 -10.04 20.56 27.03
CA ALA C 165 -10.76 20.10 28.23
C ALA C 165 -12.24 19.89 27.89
N ARG C 166 -12.81 20.80 27.11
CA ARG C 166 -14.24 20.69 26.76
C ARG C 166 -14.47 19.44 25.89
N VAL C 167 -13.67 19.25 24.86
CA VAL C 167 -13.94 18.16 23.94
C VAL C 167 -13.61 16.81 24.55
N TYR C 168 -12.53 16.74 25.35
CA TYR C 168 -12.22 15.49 26.02
C TYR C 168 -13.22 15.13 27.12
N SER C 169 -13.73 16.14 27.83
CA SER C 169 -14.78 15.86 28.83
C SER C 169 -16.04 15.32 28.18
N ALA C 170 -16.44 15.89 27.04
CA ALA C 170 -17.61 15.39 26.29
C ALA C 170 -17.37 13.93 25.83
N LEU C 171 -16.20 13.65 25.28
CA LEU C 171 -15.84 12.31 24.88
C LEU C 171 -15.86 11.32 26.03
N ALA C 172 -15.21 11.69 27.12
CA ALA C 172 -15.14 10.80 28.27
C ALA C 172 -16.51 10.51 28.86
N SER C 173 -17.34 11.54 28.88
CA SER C 173 -18.71 11.37 29.33
C SER C 173 -19.45 10.37 28.43
N PHE C 174 -19.32 10.54 27.13
CA PHE C 174 -19.99 9.61 26.20
C PHE C 174 -19.52 8.16 26.37
N MET C 175 -18.21 7.99 26.49
CA MET C 175 -17.57 6.66 26.62
C MET C 175 -17.61 6.12 28.03
N LYS C 176 -18.16 6.89 28.97
CA LYS C 176 -18.31 6.44 30.36
C LYS C 176 -16.98 6.08 31.02
N VAL C 177 -15.98 6.95 30.84
CA VAL C 177 -14.69 6.79 31.44
C VAL C 177 -14.29 8.07 32.16
N PRO C 178 -13.39 7.95 33.15
CA PRO C 178 -12.93 9.10 33.91
C PRO C 178 -12.16 10.13 33.09
N PHE C 179 -12.32 11.40 33.49
CA PHE C 179 -11.67 12.57 32.85
C PHE C 179 -11.04 13.44 33.93
N PHE C 180 -9.90 14.03 33.62
CA PHE C 180 -9.26 15.03 34.46
C PHE C 180 -8.60 16.08 33.57
N ASP C 181 -8.77 17.36 33.89
CA ASP C 181 -8.15 18.44 33.15
C ASP C 181 -6.87 18.87 33.85
N ALA C 182 -5.69 18.61 33.27
CA ALA C 182 -4.44 19.09 33.85
C ALA C 182 -4.43 20.61 34.00
N GLY C 183 -5.11 21.29 33.09
CA GLY C 183 -5.23 22.77 33.12
C GLY C 183 -5.99 23.29 34.34
N SER C 184 -6.68 22.39 35.04
CA SER C 184 -7.38 22.79 36.27
C SER C 184 -6.43 22.92 37.46
N VAL C 185 -5.21 22.43 37.36
CA VAL C 185 -4.26 22.52 38.48
C VAL C 185 -2.98 23.23 38.12
N ILE C 186 -2.60 23.29 36.84
CA ILE C 186 -1.42 24.04 36.46
C ILE C 186 -1.68 24.86 35.21
N SER C 187 -0.86 25.91 35.02
CA SER C 187 -0.69 26.57 33.73
C SER C 187 0.66 26.13 33.16
N THR C 188 0.81 26.27 31.84
CA THR C 188 2.07 25.93 31.16
C THR C 188 3.06 27.05 31.44
N ASP C 189 3.98 26.81 32.36
CA ASP C 189 4.86 27.87 32.85
C ASP C 189 6.30 27.81 32.34
N GLY C 190 6.68 26.80 31.58
CA GLY C 190 8.01 26.71 31.05
C GLY C 190 8.36 27.90 30.17
N VAL C 191 9.63 28.21 30.14
CA VAL C 191 10.11 29.41 29.44
C VAL C 191 9.77 29.40 27.95
N ASP C 192 9.66 28.20 27.36
CA ASP C 192 9.33 28.07 25.96
C ASP C 192 7.86 28.17 25.60
N GLY C 193 6.98 28.30 26.60
CA GLY C 193 5.56 28.33 26.40
C GLY C 193 4.84 27.03 26.13
N ILE C 194 5.57 25.92 26.23
CA ILE C 194 5.06 24.57 25.85
C ILE C 194 5.22 23.59 27.00
N HIS C 195 6.37 23.58 27.65
CA HIS C 195 6.72 22.56 28.60
C HIS C 195 6.59 23.06 30.05
N PHE C 196 6.80 22.13 30.96
CA PHE C 196 6.49 22.34 32.37
C PHE C 196 7.72 22.74 33.17
N THR C 197 7.50 23.61 34.17
CA THR C 197 8.52 23.88 35.18
C THR C 197 8.54 22.76 36.21
N GLU C 198 9.54 22.78 37.08
CA GLU C 198 9.62 21.86 38.20
C GLU C 198 8.34 21.94 39.04
N ALA C 199 7.86 23.14 39.32
CA ALA C 199 6.64 23.30 40.11
C ALA C 199 5.40 22.79 39.39
N ASN C 200 5.32 23.00 38.07
CA ASN C 200 4.20 22.44 37.28
C ASN C 200 4.21 20.91 37.46
N ASN C 201 5.38 20.32 37.33
CA ASN C 201 5.51 18.86 37.48
C ASN C 201 5.07 18.39 38.88
N ARG C 202 5.47 19.13 39.90
CA ARG C 202 5.09 18.77 41.26
C ARG C 202 3.59 18.83 41.45
N ASP C 203 2.98 19.92 41.02
CA ASP C 203 1.59 20.15 41.23
C ASP C 203 0.75 19.12 40.47
N LEU C 204 1.18 18.78 39.25
CA LEU C 204 0.42 17.79 38.47
C LEU C 204 0.55 16.38 39.06
N GLY C 205 1.73 16.03 39.51
CA GLY C 205 1.98 14.73 40.13
C GLY C 205 1.17 14.54 41.41
N VAL C 206 1.12 15.57 42.23
CA VAL C 206 0.31 15.50 43.46
C VAL C 206 -1.17 15.37 43.10
N ALA C 207 -1.67 16.17 42.17
CA ALA C 207 -3.06 16.08 41.76
C ALA C 207 -3.43 14.72 41.18
N LEU C 208 -2.56 14.19 40.34
CA LEU C 208 -2.84 12.89 39.74
C LEU C 208 -2.79 11.75 40.75
N ALA C 209 -1.97 11.84 41.79
CA ALA C 209 -1.99 10.80 42.80
C ALA C 209 -3.35 10.74 43.45
N GLU C 210 -3.97 11.88 43.69
CA GLU C 210 -5.30 11.89 44.26
C GLU C 210 -6.29 11.27 43.30
N GLN C 211 -6.16 11.57 42.01
CA GLN C 211 -7.04 10.93 41.02
C GLN C 211 -6.87 9.41 41.00
N VAL C 212 -5.65 8.91 41.03
CA VAL C 212 -5.38 7.49 41.01
C VAL C 212 -6.03 6.82 42.22
N ARG C 213 -5.82 7.39 43.41
CA ARG C 213 -6.39 6.78 44.62
C ARG C 213 -7.91 6.75 44.52
N SER C 214 -8.53 7.76 43.93
CA SER C 214 -9.99 7.82 43.80
C SER C 214 -10.52 6.74 42.87
N LEU C 215 -9.72 6.28 41.92
CA LEU C 215 -10.18 5.31 40.92
C LEU C 215 -9.85 3.87 41.28
N LEU C 216 -8.84 3.67 42.12
CA LEU C 216 -8.34 2.34 42.43
C LEU C 216 -8.54 1.90 43.86
N ALA D 2 -35.33 -15.65 22.71
CA ALA D 2 -34.63 -16.77 22.01
C ALA D 2 -33.13 -16.53 22.06
N LYS D 3 -32.38 -17.61 22.23
CA LYS D 3 -30.93 -17.54 22.15
C LYS D 3 -30.54 -17.55 20.66
N ARG D 4 -29.55 -16.72 20.34
CA ARG D 4 -29.19 -16.45 18.95
C ARG D 4 -27.86 -17.07 18.55
N ILE D 5 -27.90 -17.82 17.45
CA ILE D 5 -26.79 -18.63 16.97
C ILE D 5 -26.43 -18.16 15.57
N LEU D 6 -25.23 -17.61 15.42
CA LEU D 6 -24.72 -17.24 14.11
C LEU D 6 -23.86 -18.36 13.54
N CYS D 7 -24.22 -18.81 12.33
CA CYS D 7 -23.50 -19.86 11.62
C CYS D 7 -22.66 -19.22 10.52
N PHE D 8 -21.36 -19.10 10.79
CA PHE D 8 -20.43 -18.43 9.89
C PHE D 8 -19.67 -19.51 9.14
N GLY D 9 -19.73 -19.47 7.82
CA GLY D 9 -19.08 -20.51 7.05
C GLY D 9 -18.99 -20.19 5.58
N ASP D 10 -18.83 -21.26 4.82
CA ASP D 10 -18.59 -21.18 3.37
C ASP D 10 -19.78 -21.80 2.64
C1 N10 D 11 -17.92 -24.21 -0.73
O2 N10 D 11 -17.41 -23.16 -0.30
N N10 D 11 -19.54 -22.37 1.46
CA N10 D 11 -20.65 -22.99 0.71
CB N10 D 11 -20.15 -23.50 -0.63
OG N10 D 11 -19.18 -24.52 -0.42
N1 N10 D 11 -17.30 -25.12 -1.46
CA1 N10 D 11 -15.92 -25.06 -1.93
CB2 N10 D 11 -15.84 -24.87 -3.43
CG3 N10 D 11 -16.53 -23.59 -3.94
CD4 N10 D 11 -16.47 -23.44 -5.44
CG5 N10 D 11 -16.98 -22.09 -5.95
CD6 N10 D 11 -17.12 -22.01 -7.47
C N10 D 11 -21.35 -24.12 1.44
O N10 D 11 -22.52 -24.42 1.13
N LEU D 12 -20.64 -24.79 2.34
CA LEU D 12 -21.22 -25.88 3.12
C LEU D 12 -22.24 -25.36 4.11
N THR D 13 -22.08 -24.10 4.54
CA THR D 13 -23.03 -23.43 5.41
C THR D 13 -24.11 -22.77 4.57
N TRP D 14 -23.75 -22.14 3.45
CA TRP D 14 -24.76 -21.55 2.55
C TRP D 14 -25.77 -22.58 2.09
N GLY D 15 -25.30 -23.77 1.74
CA GLY D 15 -26.20 -24.83 1.24
C GLY D 15 -26.06 -25.09 -0.25
N TRP D 16 -24.83 -25.25 -0.74
CA TRP D 16 -24.57 -25.48 -2.15
C TRP D 16 -25.06 -26.85 -2.56
N VAL D 17 -25.89 -26.89 -3.60
CA VAL D 17 -26.43 -28.18 -4.08
C VAL D 17 -25.38 -28.82 -5.01
N PRO D 18 -24.84 -29.98 -4.63
CA PRO D 18 -23.85 -30.59 -5.53
C PRO D 18 -24.44 -30.96 -6.89
N VAL D 19 -23.70 -30.63 -7.95
CA VAL D 19 -24.09 -30.94 -9.33
C VAL D 19 -22.93 -31.59 -10.10
N GLU D 20 -23.29 -32.53 -10.97
CA GLU D 20 -22.31 -33.20 -11.79
C GLU D 20 -21.55 -32.26 -12.70
N ASP D 21 -22.17 -31.20 -13.15
CA ASP D 21 -21.37 -30.33 -14.00
C ASP D 21 -20.60 -29.25 -13.25
N GLY D 22 -20.47 -29.40 -11.93
CA GLY D 22 -19.56 -28.60 -11.12
C GLY D 22 -20.20 -27.33 -10.61
N ALA D 23 -20.51 -26.47 -11.55
CA ALA D 23 -21.19 -25.17 -11.36
C ALA D 23 -21.83 -24.79 -12.69
N PRO D 24 -22.83 -23.90 -12.69
CA PRO D 24 -23.45 -23.23 -11.54
C PRO D 24 -24.49 -24.09 -10.89
N THR D 25 -24.92 -23.64 -9.71
CA THR D 25 -25.89 -24.38 -8.94
C THR D 25 -26.88 -23.43 -8.23
N GLU D 26 -27.66 -23.99 -7.34
CA GLU D 26 -28.58 -23.22 -6.51
C GLU D 26 -28.42 -23.63 -5.07
N ARG D 27 -29.19 -22.98 -4.21
CA ARG D 27 -29.17 -23.21 -2.77
C ARG D 27 -30.18 -24.26 -2.35
N PHE D 28 -29.84 -25.11 -1.42
CA PHE D 28 -30.81 -26.03 -0.80
C PHE D 28 -31.92 -25.25 -0.16
N ALA D 29 -33.11 -25.82 -0.15
CA ALA D 29 -34.24 -25.20 0.46
C ALA D 29 -34.00 -24.90 1.93
N PRO D 30 -34.70 -23.88 2.45
CA PRO D 30 -34.42 -23.40 3.79
C PRO D 30 -34.53 -24.47 4.85
N ASP D 31 -35.44 -25.44 4.70
CA ASP D 31 -35.54 -26.50 5.69
C ASP D 31 -34.68 -27.71 5.43
N VAL D 32 -33.92 -27.68 4.34
CA VAL D 32 -33.08 -28.78 3.92
C VAL D 32 -31.61 -28.54 4.28
N ARG D 33 -31.16 -27.33 4.00
CA ARG D 33 -29.79 -26.99 4.37
C ARG D 33 -29.61 -27.14 5.87
N TRP D 34 -28.42 -27.54 6.31
CA TRP D 34 -28.26 -27.88 7.73
C TRP D 34 -28.57 -26.73 8.66
N THR D 35 -28.34 -25.49 8.24
CA THR D 35 -28.67 -24.40 9.14
C THR D 35 -30.17 -24.38 9.42
N GLY D 36 -30.99 -24.70 8.42
CA GLY D 36 -32.44 -24.77 8.59
C GLY D 36 -32.83 -25.98 9.42
N VAL D 37 -32.14 -27.10 9.23
CA VAL D 37 -32.36 -28.30 10.06
C VAL D 37 -32.05 -27.97 11.50
N LEU D 38 -30.93 -27.30 11.72
CA LEU D 38 -30.55 -26.83 13.06
C LEU D 38 -31.69 -26.02 13.68
N ALA D 39 -32.21 -25.05 12.93
CA ALA D 39 -33.28 -24.19 13.44
C ALA D 39 -34.51 -25.04 13.80
N GLN D 40 -34.85 -26.00 12.93
CA GLN D 40 -36.08 -26.77 13.10
C GLN D 40 -35.90 -27.68 14.31
N GLN D 41 -34.74 -28.31 14.45
CA GLN D 41 -34.44 -29.20 15.57
C GLN D 41 -34.41 -28.47 16.91
N LEU D 42 -33.89 -27.25 16.94
CA LEU D 42 -33.77 -26.49 18.18
C LEU D 42 -35.12 -25.92 18.59
N GLY D 43 -35.90 -25.47 17.64
CA GLY D 43 -37.22 -24.93 17.90
C GLY D 43 -37.17 -23.50 18.39
N ALA D 44 -38.28 -23.04 18.95
CA ALA D 44 -38.56 -21.62 19.07
C ALA D 44 -37.75 -20.89 20.16
N ASP D 45 -37.10 -21.64 21.05
CA ASP D 45 -36.23 -21.05 22.09
C ASP D 45 -34.91 -20.57 21.49
N PHE D 46 -34.70 -20.84 20.18
CA PHE D 46 -33.45 -20.48 19.50
C PHE D 46 -33.74 -19.81 18.18
N GLU D 47 -32.78 -19.00 17.71
CA GLU D 47 -32.84 -18.35 16.43
C GLU D 47 -31.48 -18.59 15.75
N VAL D 48 -31.52 -18.95 14.47
CA VAL D 48 -30.30 -19.20 13.68
C VAL D 48 -30.17 -18.13 12.62
N ILE D 49 -28.95 -17.58 12.49
CA ILE D 49 -28.59 -16.58 11.53
C ILE D 49 -27.60 -17.22 10.56
N GLU D 50 -27.90 -17.21 9.28
CA GLU D 50 -27.13 -17.90 8.23
C GLU D 50 -26.15 -16.95 7.60
N GLU D 51 -24.85 -17.17 7.82
CA GLU D 51 -23.79 -16.35 7.20
C GLU D 51 -22.77 -17.27 6.52
N GLY D 52 -23.25 -18.00 5.54
CA GLY D 52 -22.43 -18.86 4.71
C GLY D 52 -22.17 -18.20 3.36
N LEU D 53 -20.90 -18.05 3.00
CA LEU D 53 -20.49 -17.47 1.72
C LEU D 53 -19.67 -18.50 0.96
N SER D 54 -20.16 -18.91 -0.19
CA SER D 54 -19.48 -19.90 -0.99
C SER D 54 -18.09 -19.42 -1.34
N ALA D 55 -17.15 -20.36 -1.23
CA ALA D 55 -15.73 -20.18 -1.51
C ALA D 55 -14.96 -19.40 -0.45
N ARG D 56 -15.61 -19.00 0.64
CA ARG D 56 -14.90 -18.30 1.70
C ARG D 56 -13.77 -19.10 2.34
N THR D 57 -12.69 -18.40 2.62
CA THR D 57 -11.53 -18.92 3.35
C THR D 57 -11.52 -18.43 4.77
N THR D 58 -10.67 -19.00 5.60
CA THR D 58 -10.49 -18.49 6.95
C THR D 58 -10.03 -17.03 6.93
N ASN D 59 -8.85 -16.78 6.39
CA ASN D 59 -8.26 -15.43 6.45
C ASN D 59 -7.29 -15.14 5.34
N ILE D 60 -7.55 -15.71 4.15
CA ILE D 60 -6.66 -15.50 3.04
C ILE D 60 -7.42 -14.97 1.85
N ASP D 61 -6.87 -13.94 1.23
CA ASP D 61 -7.50 -13.37 0.06
C ASP D 61 -7.41 -14.36 -1.10
N ASP D 62 -8.48 -14.47 -1.89
CA ASP D 62 -8.48 -15.32 -3.08
C ASP D 62 -8.20 -14.40 -4.25
N PRO D 63 -7.16 -14.68 -5.04
CA PRO D 63 -6.84 -13.80 -6.15
C PRO D 63 -7.92 -13.72 -7.20
N THR D 64 -8.91 -14.63 -7.17
CA THR D 64 -9.96 -14.61 -8.18
C THR D 64 -11.20 -13.85 -7.74
N ASP D 65 -11.31 -13.49 -6.46
CA ASP D 65 -12.59 -12.95 -5.97
C ASP D 65 -12.31 -12.24 -4.68
N PRO D 66 -12.59 -10.93 -4.61
CA PRO D 66 -12.26 -10.16 -3.40
C PRO D 66 -13.19 -10.34 -2.21
N ARG D 67 -14.20 -11.17 -2.36
CA ARG D 67 -15.24 -11.29 -1.35
C ARG D 67 -15.00 -12.34 -0.29
N LEU D 68 -13.90 -13.10 -0.43
CA LEU D 68 -13.82 -14.42 0.21
C LEU D 68 -12.99 -14.55 1.48
N ASN D 69 -12.41 -13.47 1.97
CA ASN D 69 -11.57 -13.55 3.18
C ASN D 69 -12.48 -13.47 4.39
N GLY D 70 -12.67 -14.59 5.07
CA GLY D 70 -13.56 -14.62 6.22
C GLY D 70 -13.24 -13.61 7.29
N ALA D 71 -11.97 -13.50 7.65
CA ALA D 71 -11.49 -12.63 8.72
C ALA D 71 -11.68 -11.17 8.39
N SER D 72 -11.76 -10.83 7.10
CA SER D 72 -12.02 -9.43 6.72
C SER D 72 -13.45 -9.04 7.03
N TYR D 73 -14.35 -10.02 7.05
CA TYR D 73 -15.79 -9.81 7.17
C TYR D 73 -16.36 -10.04 8.56
N LEU D 74 -15.79 -10.98 9.31
CA LEU D 74 -16.39 -11.44 10.51
C LEU D 74 -16.61 -10.34 11.56
N PRO D 75 -15.60 -9.47 11.83
CA PRO D 75 -15.89 -8.46 12.88
C PRO D 75 -17.10 -7.59 12.60
N SER D 76 -17.22 -7.17 11.34
CA SER D 76 -18.36 -6.36 10.91
C SER D 76 -19.68 -7.15 11.04
N CYS D 77 -19.63 -8.45 10.75
CA CYS D 77 -20.77 -9.36 10.87
C CYS D 77 -21.22 -9.51 12.30
N LEU D 78 -20.27 -9.72 13.17
CA LEU D 78 -20.61 -9.88 14.58
C LEU D 78 -21.27 -8.63 15.15
N ALA D 79 -20.72 -7.47 14.82
CA ALA D 79 -21.28 -6.23 15.35
C ALA D 79 -22.66 -5.93 14.76
N THR D 80 -22.89 -6.37 13.54
CA THR D 80 -24.19 -6.32 12.92
C THR D 80 -25.24 -7.13 13.64
N HIS D 81 -24.87 -8.28 14.15
CA HIS D 81 -25.83 -9.22 14.64
C HIS D 81 -26.01 -9.32 16.13
N LEU D 82 -25.21 -8.59 16.91
CA LEU D 82 -25.46 -8.55 18.34
C LEU D 82 -26.93 -8.17 18.58
N PRO D 83 -27.55 -8.75 19.63
CA PRO D 83 -26.97 -9.68 20.59
C PRO D 83 -26.84 -11.10 20.05
N LEU D 84 -25.74 -11.77 20.41
CA LEU D 84 -25.52 -13.16 20.02
C LEU D 84 -25.14 -13.99 21.24
N ASP D 85 -25.54 -15.26 21.20
CA ASP D 85 -25.16 -16.24 22.23
C ASP D 85 -24.09 -17.22 21.80
N LEU D 86 -24.05 -17.55 20.52
CA LEU D 86 -23.09 -18.52 20.04
C LEU D 86 -22.77 -18.26 18.59
N VAL D 87 -21.49 -18.40 18.22
CA VAL D 87 -21.06 -18.40 16.82
C VAL D 87 -20.49 -19.77 16.51
N ILE D 88 -21.03 -20.42 15.49
CA ILE D 88 -20.52 -21.67 15.00
C ILE D 88 -19.71 -21.33 13.73
N ILE D 89 -18.41 -21.69 13.73
CA ILE D 89 -17.55 -21.41 12.60
C ILE D 89 -17.12 -22.72 11.96
N MET D 90 -17.55 -22.96 10.72
CA MET D 90 -17.08 -24.12 9.96
C MET D 90 -16.43 -23.56 8.67
N LEU D 91 -15.11 -23.53 8.68
CA LEU D 91 -14.32 -23.03 7.57
C LEU D 91 -13.07 -23.85 7.48
N GLY D 92 -12.40 -23.74 6.33
CA GLY D 92 -11.10 -24.37 6.07
C GLY D 92 -11.06 -25.18 4.80
N THR D 93 -12.21 -25.63 4.32
CA THR D 93 -12.26 -26.39 3.08
C THR D 93 -11.61 -25.59 1.95
N ASN D 94 -12.00 -24.31 1.77
CA ASN D 94 -11.45 -23.52 0.64
C ASN D 94 -9.96 -23.27 0.77
N ASP D 95 -9.49 -23.13 1.98
CA ASP D 95 -8.05 -22.95 2.25
C ASP D 95 -7.18 -24.09 1.73
N THR D 96 -7.80 -25.27 1.58
CA THR D 96 -7.08 -26.47 1.05
C THR D 96 -6.96 -26.48 -0.45
N LYS D 97 -7.49 -25.49 -1.17
CA LYS D 97 -7.27 -25.43 -2.62
C LYS D 97 -5.78 -25.30 -2.92
N ALA D 98 -5.36 -25.96 -3.99
CA ALA D 98 -3.96 -26.03 -4.33
C ALA D 98 -3.29 -24.67 -4.43
N TYR D 99 -3.99 -23.71 -5.00
CA TYR D 99 -3.39 -22.44 -5.25
C TYR D 99 -3.02 -21.65 -4.02
N PHE D 100 -3.60 -21.93 -2.87
CA PHE D 100 -3.21 -21.25 -1.65
C PHE D 100 -1.94 -21.78 -1.04
N ARG D 101 -1.53 -23.00 -1.41
CA ARG D 101 -0.29 -23.59 -0.88
C ARG D 101 -0.24 -23.52 0.67
N ARG D 102 -1.37 -23.78 1.31
CA ARG D 102 -1.43 -23.75 2.77
C ARG D 102 -1.32 -25.12 3.39
N THR D 103 -0.65 -25.17 4.54
CA THR D 103 -0.62 -26.40 5.37
C THR D 103 -1.79 -26.38 6.34
N PRO D 104 -2.11 -27.53 6.93
CA PRO D 104 -3.13 -27.54 7.98
C PRO D 104 -2.84 -26.55 9.11
N LEU D 105 -1.58 -26.37 9.52
CA LEU D 105 -1.24 -25.33 10.50
C LEU D 105 -1.62 -23.94 10.02
N ASP D 106 -1.31 -23.60 8.77
CA ASP D 106 -1.64 -22.25 8.27
C ASP D 106 -3.16 -22.05 8.40
N ILE D 107 -3.94 -23.09 8.09
CA ILE D 107 -5.41 -23.01 8.12
C ILE D 107 -5.89 -22.86 9.55
N ALA D 108 -5.31 -23.62 10.47
CA ALA D 108 -5.65 -23.49 11.89
C ALA D 108 -5.32 -22.09 12.42
N LEU D 109 -4.21 -21.49 11.97
CA LEU D 109 -3.90 -20.13 12.32
C LEU D 109 -4.95 -19.15 11.82
N GLY D 110 -5.46 -19.37 10.62
CA GLY D 110 -6.57 -18.56 10.13
C GLY D 110 -7.80 -18.72 10.99
N MET D 111 -8.15 -19.95 11.35
CA MET D 111 -9.23 -20.19 12.29
C MET D 111 -9.01 -19.48 13.62
N SER D 112 -7.77 -19.46 14.10
CA SER D 112 -7.47 -18.79 15.38
C SER D 112 -7.80 -17.30 15.33
N VAL D 113 -7.55 -16.68 14.16
CA VAL D 113 -7.91 -15.28 13.99
C VAL D 113 -9.41 -15.09 14.17
N LEU D 114 -10.18 -15.96 13.54
CA LEU D 114 -11.65 -15.88 13.62
C LEU D 114 -12.14 -16.12 15.05
N VAL D 115 -11.56 -17.11 15.74
CA VAL D 115 -11.93 -17.35 17.14
C VAL D 115 -11.69 -16.11 17.98
N THR D 116 -10.52 -15.50 17.84
CA THR D 116 -10.19 -14.31 18.59
C THR D 116 -11.17 -13.17 18.27
N GLN D 117 -11.56 -13.06 17.00
CA GLN D 117 -12.55 -12.03 16.63
C GLN D 117 -13.87 -12.23 17.36
N VAL D 118 -14.29 -13.47 17.54
CA VAL D 118 -15.51 -13.74 18.32
C VAL D 118 -15.28 -13.44 19.79
N LEU D 119 -14.16 -13.91 20.35
CA LEU D 119 -13.93 -13.74 21.77
C LEU D 119 -13.78 -12.26 22.19
N THR D 120 -13.36 -11.38 21.28
CA THR D 120 -13.11 -9.98 21.56
C THR D 120 -14.26 -9.09 21.09
N SER D 121 -15.42 -9.68 20.78
CA SER D 121 -16.50 -8.94 20.14
C SER D 121 -17.48 -8.25 21.09
N ALA D 122 -17.28 -8.36 22.40
CA ALA D 122 -18.20 -7.71 23.33
C ALA D 122 -18.39 -6.24 23.03
N GLY D 123 -19.64 -5.82 23.16
CA GLY D 123 -20.03 -4.47 23.00
C GLY D 123 -20.33 -4.04 21.58
N GLY D 124 -19.73 -4.67 20.60
CA GLY D 124 -19.98 -4.26 19.21
C GLY D 124 -19.72 -2.78 19.04
N VAL D 125 -20.62 -2.11 18.38
CA VAL D 125 -20.57 -0.66 18.28
C VAL D 125 -21.58 -0.11 19.26
N GLY D 126 -21.10 0.39 20.39
CA GLY D 126 -21.94 1.15 21.29
C GLY D 126 -22.94 0.42 22.16
N THR D 127 -22.77 -0.89 22.35
CA THR D 127 -23.78 -1.66 23.08
C THR D 127 -23.27 -2.15 24.41
N THR D 128 -24.23 -2.67 25.18
CA THR D 128 -23.96 -3.31 26.46
C THR D 128 -23.86 -4.85 26.38
N TYR D 129 -23.88 -5.38 25.17
CA TYR D 129 -23.98 -6.82 25.00
C TYR D 129 -22.66 -7.53 25.21
N PRO D 130 -22.73 -8.76 25.74
CA PRO D 130 -21.52 -9.57 25.92
C PRO D 130 -21.08 -10.23 24.62
N ALA D 131 -19.87 -10.75 24.62
CA ALA D 131 -19.42 -11.61 23.53
C ALA D 131 -20.17 -12.92 23.55
N PRO D 132 -20.51 -13.46 22.35
CA PRO D 132 -21.01 -14.82 22.28
C PRO D 132 -19.92 -15.84 22.56
N LYS D 133 -20.35 -17.04 22.89
CA LYS D 133 -19.49 -18.23 22.85
C LYS D 133 -19.16 -18.54 21.40
N VAL D 134 -18.16 -19.39 21.22
CA VAL D 134 -17.76 -19.86 19.91
C VAL D 134 -17.70 -21.38 19.90
N LEU D 135 -17.99 -21.96 18.74
CA LEU D 135 -17.82 -23.39 18.51
C LEU D 135 -17.02 -23.52 17.23
N VAL D 136 -15.83 -24.09 17.34
CA VAL D 136 -14.97 -24.34 16.19
C VAL D 136 -15.33 -25.66 15.59
N VAL D 137 -15.64 -25.69 14.29
CA VAL D 137 -16.07 -26.92 13.60
C VAL D 137 -15.13 -27.25 12.44
N SER D 138 -14.46 -28.40 12.49
CA SER D 138 -13.78 -28.88 11.30
C SER D 138 -14.76 -29.46 10.32
N PRO D 139 -14.63 -29.11 9.01
CA PRO D 139 -15.50 -29.69 8.01
C PRO D 139 -15.13 -31.15 7.82
N PRO D 140 -16.02 -31.93 7.20
CA PRO D 140 -15.62 -33.30 6.92
C PRO D 140 -14.52 -33.37 5.87
N PRO D 141 -13.76 -34.46 5.81
CA PRO D 141 -12.81 -34.64 4.72
C PRO D 141 -13.46 -34.59 3.37
N LEU D 142 -12.75 -34.03 2.40
CA LEU D 142 -13.20 -34.03 1.01
C LEU D 142 -13.17 -35.46 0.47
N ALA D 143 -13.81 -35.65 -0.66
CA ALA D 143 -13.92 -36.98 -1.29
C ALA D 143 -13.54 -36.85 -2.76
N PRO D 144 -13.42 -37.98 -3.48
CA PRO D 144 -13.08 -37.94 -4.88
C PRO D 144 -14.01 -37.06 -5.70
N MET D 145 -13.45 -36.27 -6.60
CA MET D 145 -14.20 -35.28 -7.35
C MET D 145 -14.23 -35.62 -8.83
N PRO D 146 -15.41 -35.94 -9.38
CA PRO D 146 -15.45 -36.27 -10.82
C PRO D 146 -15.20 -35.12 -11.80
N HIS D 147 -15.42 -33.87 -11.41
CA HIS D 147 -15.26 -32.79 -12.38
C HIS D 147 -13.80 -32.40 -12.47
N PRO D 148 -13.23 -32.37 -13.69
CA PRO D 148 -11.83 -32.08 -13.82
C PRO D 148 -11.36 -30.74 -13.25
N TRP D 149 -12.20 -29.73 -13.28
CA TRP D 149 -11.81 -28.43 -12.71
C TRP D 149 -11.75 -28.49 -11.19
N PHE D 150 -12.72 -29.15 -10.56
CA PHE D 150 -12.64 -29.32 -9.11
C PHE D 150 -11.42 -30.16 -8.70
N GLN D 151 -11.13 -31.21 -9.47
CA GLN D 151 -9.97 -32.03 -9.18
C GLN D 151 -8.70 -31.17 -9.21
N LEU D 152 -8.61 -30.31 -10.23
CA LEU D 152 -7.45 -29.43 -10.37
C LEU D 152 -7.34 -28.44 -9.22
N ILE D 153 -8.40 -27.70 -8.92
CA ILE D 153 -8.27 -26.65 -7.88
C ILE D 153 -8.13 -27.21 -6.47
N PHE D 154 -8.56 -28.46 -6.24
CA PHE D 154 -8.45 -29.10 -4.94
C PHE D 154 -7.32 -30.13 -4.85
N GLU D 155 -6.37 -30.11 -5.79
CA GLU D 155 -5.26 -31.07 -5.68
C GLU D 155 -4.56 -30.90 -4.34
N GLY D 156 -4.40 -32.01 -3.61
CA GLY D 156 -3.81 -32.05 -2.29
C GLY D 156 -4.76 -31.69 -1.17
N GLY D 157 -5.97 -31.30 -1.55
CA GLY D 157 -6.92 -30.77 -0.59
C GLY D 157 -7.50 -31.79 0.34
N GLU D 158 -7.83 -32.96 -0.19
CA GLU D 158 -8.38 -34.02 0.64
C GLU D 158 -7.46 -34.38 1.80
N GLN D 159 -6.18 -34.56 1.51
CA GLN D 159 -5.23 -34.87 2.53
C GLN D 159 -5.17 -33.79 3.60
N LYS D 160 -5.24 -32.53 3.19
CA LYS D 160 -5.25 -31.46 4.17
C LYS D 160 -6.53 -31.43 4.99
N THR D 161 -7.69 -31.62 4.36
CA THR D 161 -8.94 -31.65 5.14
C THR D 161 -8.99 -32.79 6.17
N THR D 162 -8.32 -33.90 5.87
CA THR D 162 -8.23 -35.01 6.82
C THR D 162 -7.50 -34.64 8.12
N GLU D 163 -6.65 -33.62 8.08
CA GLU D 163 -5.88 -33.16 9.24
C GLU D 163 -6.58 -32.05 10.03
N LEU D 164 -7.69 -31.51 9.50
CA LEU D 164 -8.27 -30.34 10.19
C LEU D 164 -8.90 -30.67 11.51
N ALA D 165 -9.49 -31.86 11.68
CA ALA D 165 -10.06 -32.17 13.01
C ALA D 165 -8.93 -32.14 14.05
N ARG D 166 -7.76 -32.70 13.72
CA ARG D 166 -6.67 -32.74 14.68
C ARG D 166 -6.12 -31.34 15.01
N VAL D 167 -5.84 -30.54 14.00
CA VAL D 167 -5.28 -29.23 14.24
C VAL D 167 -6.26 -28.23 14.87
N TYR D 168 -7.52 -28.31 14.47
CA TYR D 168 -8.54 -27.48 15.09
C TYR D 168 -8.79 -27.89 16.53
N SER D 169 -8.78 -29.20 16.82
CA SER D 169 -8.99 -29.62 18.20
C SER D 169 -7.86 -29.11 19.06
N ALA D 170 -6.65 -29.18 18.55
CA ALA D 170 -5.48 -28.71 19.31
C ALA D 170 -5.62 -27.21 19.57
N LEU D 171 -5.97 -26.44 18.53
CA LEU D 171 -6.16 -25.00 18.65
C LEU D 171 -7.23 -24.69 19.68
N ALA D 172 -8.36 -25.37 19.57
CA ALA D 172 -9.50 -25.09 20.46
C ALA D 172 -9.14 -25.39 21.91
N SER D 173 -8.39 -26.47 22.10
CA SER D 173 -7.95 -26.83 23.45
C SER D 173 -7.05 -25.73 24.01
N PHE D 174 -6.13 -25.23 23.19
CA PHE D 174 -5.22 -24.16 23.63
C PHE D 174 -5.99 -22.88 23.99
N MET D 175 -6.96 -22.53 23.15
CA MET D 175 -7.73 -21.31 23.34
C MET D 175 -8.88 -21.49 24.31
N LYS D 176 -9.05 -22.69 24.85
CA LYS D 176 -10.11 -22.98 25.81
C LYS D 176 -11.49 -22.63 25.29
N VAL D 177 -11.76 -23.13 24.08
CA VAL D 177 -13.08 -22.97 23.44
C VAL D 177 -13.57 -24.31 22.92
N PRO D 178 -14.89 -24.46 22.78
CA PRO D 178 -15.48 -25.67 22.26
C PRO D 178 -15.11 -26.04 20.83
N PHE D 179 -15.04 -27.34 20.59
CA PHE D 179 -14.71 -27.92 19.29
C PHE D 179 -15.69 -29.05 18.98
N PHE D 180 -16.02 -29.17 17.70
CA PHE D 180 -16.80 -30.29 17.17
C PHE D 180 -16.32 -30.64 15.80
N ASP D 181 -16.16 -31.92 15.50
CA ASP D 181 -15.74 -32.38 14.15
C ASP D 181 -16.94 -32.80 13.33
N ALA D 182 -17.28 -32.07 12.28
CA ALA D 182 -18.38 -32.47 11.43
C ALA D 182 -18.12 -33.84 10.83
N GLY D 183 -16.86 -34.15 10.57
CA GLY D 183 -16.48 -35.47 10.05
C GLY D 183 -16.78 -36.63 10.97
N SER D 184 -17.05 -36.35 12.24
CA SER D 184 -17.44 -37.42 13.17
C SER D 184 -18.86 -37.89 12.95
N VAL D 185 -19.68 -37.16 12.21
CA VAL D 185 -21.08 -37.55 11.97
C VAL D 185 -21.49 -37.72 10.52
N ILE D 186 -20.80 -37.07 9.60
CA ILE D 186 -21.05 -37.28 8.19
C ILE D 186 -19.75 -37.44 7.40
N SER D 187 -19.86 -38.13 6.27
CA SER D 187 -18.87 -38.06 5.20
C SER D 187 -19.40 -37.09 4.14
N THR D 188 -18.48 -36.58 3.31
CA THR D 188 -18.84 -35.72 2.19
C THR D 188 -19.40 -36.58 1.08
N ASP D 189 -20.71 -36.63 0.98
CA ASP D 189 -21.36 -37.56 0.04
C ASP D 189 -21.92 -36.93 -1.22
N GLY D 190 -21.83 -35.62 -1.39
CA GLY D 190 -22.27 -34.99 -2.60
C GLY D 190 -21.57 -35.57 -3.82
N VAL D 191 -22.26 -35.53 -4.94
CA VAL D 191 -21.77 -36.16 -6.17
C VAL D 191 -20.47 -35.53 -6.65
N ASP D 192 -20.22 -34.29 -6.24
CA ASP D 192 -19.01 -33.59 -6.67
C ASP D 192 -17.81 -33.80 -5.80
N GLY D 193 -17.96 -34.57 -4.71
CA GLY D 193 -16.87 -34.82 -3.79
C GLY D 193 -16.59 -33.71 -2.80
N ILE D 194 -17.39 -32.65 -2.82
CA ILE D 194 -17.13 -31.45 -1.98
C ILE D 194 -18.31 -31.06 -1.10
N HIS D 195 -19.51 -31.11 -1.68
CA HIS D 195 -20.67 -30.59 -0.99
C HIS D 195 -21.55 -31.70 -0.40
N PHE D 196 -22.60 -31.29 0.30
CA PHE D 196 -23.41 -32.18 1.10
C PHE D 196 -24.69 -32.61 0.41
N THR D 197 -25.06 -33.88 0.64
CA THR D 197 -26.38 -34.34 0.25
C THR D 197 -27.44 -33.84 1.22
N GLU D 198 -28.71 -34.04 0.87
CA GLU D 198 -29.82 -33.78 1.82
C GLU D 198 -29.57 -34.51 3.14
N ALA D 199 -29.18 -35.78 3.10
CA ALA D 199 -28.94 -36.52 4.31
C ALA D 199 -27.76 -36.02 5.13
N ASN D 200 -26.69 -35.62 4.44
CA ASN D 200 -25.57 -35.03 5.12
C ASN D 200 -26.05 -33.78 5.89
N ASN D 201 -26.83 -32.95 5.23
CA ASN D 201 -27.38 -31.76 5.88
C ASN D 201 -28.22 -32.09 7.09
N ARG D 202 -29.07 -33.09 6.97
CA ARG D 202 -29.93 -33.44 8.09
C ARG D 202 -29.09 -33.96 9.25
N ASP D 203 -28.18 -34.90 8.99
CA ASP D 203 -27.35 -35.47 10.02
C ASP D 203 -26.52 -34.42 10.73
N LEU D 204 -25.92 -33.48 9.98
CA LEU D 204 -25.15 -32.43 10.62
C LEU D 204 -26.01 -31.46 11.44
N GLY D 205 -27.17 -31.06 10.92
CA GLY D 205 -28.10 -30.22 11.65
C GLY D 205 -28.54 -30.83 12.97
N VAL D 206 -28.87 -32.12 12.96
CA VAL D 206 -29.28 -32.81 14.18
C VAL D 206 -28.12 -32.84 15.17
N ALA D 207 -26.92 -33.16 14.69
CA ALA D 207 -25.75 -33.24 15.56
C ALA D 207 -25.39 -31.88 16.17
N LEU D 208 -25.45 -30.84 15.35
CA LEU D 208 -25.13 -29.52 15.87
C LEU D 208 -26.17 -29.01 16.85
N ALA D 209 -27.43 -29.43 16.70
CA ALA D 209 -28.44 -29.01 17.66
C ALA D 209 -28.10 -29.56 19.03
N GLU D 210 -27.67 -30.81 19.10
CA GLU D 210 -27.18 -31.39 20.38
C GLU D 210 -26.02 -30.57 20.94
N GLN D 211 -25.10 -30.17 20.07
CA GLN D 211 -23.95 -29.38 20.54
C GLN D 211 -24.39 -28.02 21.08
N VAL D 212 -25.31 -27.36 20.40
CA VAL D 212 -25.82 -26.08 20.84
C VAL D 212 -26.48 -26.22 22.21
N ARG D 213 -27.28 -27.28 22.41
CA ARG D 213 -27.97 -27.44 23.69
C ARG D 213 -27.01 -27.64 24.83
N SER D 214 -25.91 -28.29 24.55
CA SER D 214 -24.90 -28.54 25.57
C SER D 214 -24.15 -27.27 25.97
N LEU D 215 -24.13 -26.27 25.09
CA LEU D 215 -23.38 -25.05 25.32
C LEU D 215 -24.22 -23.90 25.86
N LEU D 216 -25.53 -23.93 25.61
CA LEU D 216 -26.38 -22.77 25.94
C LEU D 216 -27.49 -23.13 26.91
N ALA E 2 -40.65 -17.89 -0.61
CA ALA E 2 -40.86 -16.49 -0.22
C ALA E 2 -39.90 -15.58 -0.98
N LYS E 3 -40.30 -14.34 -1.13
CA LYS E 3 -39.39 -13.33 -1.65
C LYS E 3 -38.53 -12.89 -0.50
N ARG E 4 -37.28 -12.59 -0.82
CA ARG E 4 -36.23 -12.28 0.18
C ARG E 4 -35.74 -10.83 0.04
N ILE E 5 -35.81 -10.10 1.16
CA ILE E 5 -35.59 -8.65 1.23
C ILE E 5 -34.42 -8.39 2.19
N LEU E 6 -33.33 -7.88 1.65
CA LEU E 6 -32.16 -7.55 2.50
C LEU E 6 -32.20 -6.08 2.85
N CYS E 7 -32.13 -5.80 4.15
CA CYS E 7 -32.12 -4.41 4.63
C CYS E 7 -30.70 -4.08 5.06
N PHE E 8 -30.04 -3.30 4.23
CA PHE E 8 -28.62 -2.95 4.49
C PHE E 8 -28.58 -1.51 4.99
N GLY E 9 -27.95 -1.32 6.15
CA GLY E 9 -27.93 0.00 6.72
C GLY E 9 -27.03 0.13 7.90
N ASP E 10 -27.34 1.13 8.70
CA ASP E 10 -26.54 1.53 9.87
C ASP E 10 -27.31 1.29 11.15
C1 N10 E 11 -26.31 4.90 13.68
O2 N10 E 11 -25.50 4.43 12.90
N N10 E 11 -27.04 2.07 12.19
CA N10 E 11 -27.75 1.92 13.45
CB N10 E 11 -27.22 2.88 14.52
OG N10 E 11 -27.41 4.21 14.06
N1 N10 E 11 -26.27 6.11 14.26
CA1 N10 E 11 -25.21 7.09 14.04
CB2 N10 E 11 -24.38 7.26 15.28
CG3 N10 E 11 -23.68 6.01 15.79
CD4 N10 E 11 -22.85 6.22 17.07
CG5 N10 E 11 -22.07 4.98 17.52
CD6 N10 E 11 -21.39 5.17 18.85
C N10 E 11 -29.26 2.08 13.34
O N10 E 11 -30.00 1.52 14.17
N LEU E 12 -29.70 2.86 12.38
CA LEU E 12 -31.12 3.05 12.18
C LEU E 12 -31.80 1.81 11.67
N THR E 13 -31.05 0.98 10.94
CA THR E 13 -31.51 -0.33 10.50
C THR E 13 -31.34 -1.41 11.60
N TRP E 14 -30.20 -1.36 12.29
CA TRP E 14 -29.97 -2.27 13.40
C TRP E 14 -31.04 -2.16 14.48
N GLY E 15 -31.41 -0.94 14.80
CA GLY E 15 -32.44 -0.69 15.83
C GLY E 15 -31.85 -0.17 17.12
N TRP E 16 -31.04 0.85 17.02
CA TRP E 16 -30.43 1.49 18.18
C TRP E 16 -31.48 2.22 19.02
N VAL E 17 -31.53 1.88 20.30
CA VAL E 17 -32.46 2.53 21.25
C VAL E 17 -31.85 3.85 21.69
N PRO E 18 -32.48 4.98 21.36
CA PRO E 18 -31.90 6.27 21.78
C PRO E 18 -31.91 6.42 23.29
N VAL E 19 -30.78 6.90 23.84
CA VAL E 19 -30.65 7.14 25.29
C VAL E 19 -30.07 8.53 25.56
N GLU E 20 -30.48 9.07 26.70
CA GLU E 20 -30.03 10.36 27.11
C GLU E 20 -28.56 10.40 27.39
N ASP E 21 -27.97 9.30 27.79
CA ASP E 21 -26.55 9.38 28.01
C ASP E 21 -25.73 9.02 26.81
N GLY E 22 -26.36 8.94 25.65
CA GLY E 22 -25.66 8.85 24.35
C GLY E 22 -25.35 7.43 23.96
N ALA E 23 -24.53 6.78 24.75
CA ALA E 23 -24.13 5.39 24.63
C ALA E 23 -23.62 4.92 25.98
N PRO E 24 -23.59 3.62 26.23
CA PRO E 24 -24.03 2.52 25.40
C PRO E 24 -25.53 2.28 25.47
N THR E 25 -26.01 1.40 24.59
CA THR E 25 -27.41 1.08 24.53
C THR E 25 -27.64 -0.36 24.13
N GLU E 26 -28.90 -0.66 23.82
CA GLU E 26 -29.30 -2.00 23.37
C GLU E 26 -30.09 -1.86 22.07
N ARG E 27 -30.55 -2.98 21.57
CA ARG E 27 -31.32 -3.08 20.35
C ARG E 27 -32.80 -3.09 20.64
N PHE E 28 -33.55 -2.39 19.82
CA PHE E 28 -35.00 -2.54 19.87
C PHE E 28 -35.38 -4.02 19.67
N ALA E 29 -36.48 -4.44 20.31
CA ALA E 29 -36.98 -5.79 20.16
C ALA E 29 -37.30 -6.11 18.69
N PRO E 30 -37.20 -7.41 18.34
CA PRO E 30 -37.36 -7.80 16.95
C PRO E 30 -38.70 -7.42 16.34
N ASP E 31 -39.76 -7.31 17.14
CA ASP E 31 -41.04 -6.88 16.61
C ASP E 31 -41.28 -5.38 16.67
N VAL E 32 -40.31 -4.62 17.15
CA VAL E 32 -40.41 -3.17 17.32
C VAL E 32 -39.53 -2.44 16.31
N ARG E 33 -38.29 -2.89 16.10
CA ARG E 33 -37.44 -2.24 15.12
C ARG E 33 -38.09 -2.31 13.73
N TRP E 34 -37.89 -1.31 12.90
CA TRP E 34 -38.64 -1.24 11.63
C TRP E 34 -38.46 -2.44 10.72
N THR E 35 -37.30 -3.11 10.76
CA THR E 35 -37.10 -4.26 9.90
C THR E 35 -38.07 -5.36 10.33
N GLY E 36 -38.37 -5.45 11.62
CA GLY E 36 -39.37 -6.39 12.12
C GLY E 36 -40.78 -5.99 11.75
N VAL E 37 -41.10 -4.70 11.84
CA VAL E 37 -42.40 -4.21 11.42
C VAL E 37 -42.58 -4.45 9.93
N LEU E 38 -41.54 -4.20 9.14
CA LEU E 38 -41.54 -4.53 7.71
C LEU E 38 -41.89 -5.99 7.48
N ALA E 39 -41.22 -6.90 8.15
CA ALA E 39 -41.50 -8.33 8.06
C ALA E 39 -42.94 -8.66 8.39
N GLN E 40 -43.47 -8.05 9.43
CA GLN E 40 -44.82 -8.34 9.88
C GLN E 40 -45.82 -7.84 8.87
N GLN E 41 -45.59 -6.67 8.34
CA GLN E 41 -46.52 -6.04 7.41
C GLN E 41 -46.49 -6.76 6.08
N LEU E 42 -45.34 -7.17 5.58
CA LEU E 42 -45.23 -7.93 4.34
C LEU E 42 -45.89 -9.30 4.44
N GLY E 43 -45.77 -9.91 5.60
CA GLY E 43 -46.29 -11.24 5.84
C GLY E 43 -45.37 -12.38 5.55
N ALA E 44 -45.88 -13.59 5.71
CA ALA E 44 -45.04 -14.76 5.73
C ALA E 44 -44.59 -15.35 4.39
N ASP E 45 -44.96 -14.69 3.29
CA ASP E 45 -44.41 -15.00 1.96
C ASP E 45 -43.23 -14.09 1.59
N PHE E 46 -42.73 -13.36 2.61
CA PHE E 46 -41.51 -12.57 2.51
C PHE E 46 -40.60 -12.97 3.66
N GLU E 47 -39.30 -12.89 3.41
CA GLU E 47 -38.30 -13.07 4.41
C GLU E 47 -37.41 -11.85 4.41
N VAL E 48 -37.27 -11.24 5.58
CA VAL E 48 -36.46 -10.04 5.75
C VAL E 48 -35.16 -10.42 6.43
N ILE E 49 -34.07 -9.95 5.84
CA ILE E 49 -32.69 -10.19 6.34
C ILE E 49 -32.18 -8.85 6.85
N GLU E 50 -31.78 -8.86 8.11
CA GLU E 50 -31.32 -7.63 8.81
C GLU E 50 -29.81 -7.46 8.75
N GLU E 51 -29.31 -6.45 8.01
CA GLU E 51 -27.88 -6.18 7.95
C GLU E 51 -27.62 -4.69 8.20
N GLY E 52 -28.00 -4.28 9.41
CA GLY E 52 -27.68 -2.95 9.92
C GLY E 52 -26.51 -3.01 10.89
N LEU E 53 -25.52 -2.19 10.61
CA LEU E 53 -24.32 -2.07 11.43
C LEU E 53 -24.23 -0.62 11.93
N SER E 54 -24.25 -0.45 13.24
CA SER E 54 -24.18 0.88 13.81
C SER E 54 -22.90 1.57 13.36
N ALA E 55 -23.03 2.85 13.07
CA ALA E 55 -21.94 3.74 12.63
C ALA E 55 -21.46 3.52 11.17
N ARG E 56 -22.11 2.62 10.44
CA ARG E 56 -21.69 2.33 9.08
C ARG E 56 -21.89 3.56 8.16
N THR E 57 -20.91 3.79 7.30
CA THR E 57 -20.93 4.80 6.26
C THR E 57 -21.18 4.15 4.91
N THR E 58 -21.46 4.96 3.89
CA THR E 58 -21.65 4.45 2.54
C THR E 58 -20.38 3.74 2.04
N ASN E 59 -19.28 4.48 1.95
CA ASN E 59 -18.05 3.93 1.36
C ASN E 59 -16.82 4.62 1.87
N ILE E 60 -16.85 5.11 3.10
CA ILE E 60 -15.65 5.76 3.60
C ILE E 60 -15.15 5.09 4.83
N ASP E 61 -13.84 4.85 4.89
CA ASP E 61 -13.22 4.27 6.08
C ASP E 61 -13.33 5.27 7.24
N ASP E 62 -13.64 4.76 8.41
CA ASP E 62 -13.72 5.57 9.60
C ASP E 62 -12.41 5.31 10.34
N PRO E 63 -11.62 6.35 10.61
CA PRO E 63 -10.34 6.07 11.28
C PRO E 63 -10.47 5.50 12.69
N THR E 64 -11.64 5.59 13.30
CA THR E 64 -11.84 5.08 14.64
C THR E 64 -12.26 3.61 14.65
N ASP E 65 -12.60 3.02 13.49
CA ASP E 65 -13.20 1.67 13.52
C ASP E 65 -13.18 1.10 12.13
N PRO E 66 -12.44 0.01 11.88
CA PRO E 66 -12.27 -0.57 10.57
C PRO E 66 -13.50 -1.32 10.03
N ARG E 67 -14.56 -1.43 10.81
CA ARG E 67 -15.73 -2.23 10.40
C ARG E 67 -16.79 -1.49 9.59
N LEU E 68 -16.60 -0.21 9.40
CA LEU E 68 -17.72 0.67 9.13
C LEU E 68 -17.87 1.09 7.67
N ASN E 69 -17.04 0.62 6.77
CA ASN E 69 -17.16 0.98 5.36
C ASN E 69 -18.19 0.07 4.69
N GLY E 70 -19.36 0.63 4.35
CA GLY E 70 -20.44 -0.19 3.78
C GLY E 70 -20.04 -0.91 2.51
N ALA E 71 -19.41 -0.18 1.62
CA ALA E 71 -18.97 -0.72 0.33
C ALA E 71 -17.95 -1.82 0.45
N SER E 72 -17.19 -1.86 1.53
CA SER E 72 -16.24 -2.94 1.73
C SER E 72 -16.93 -4.25 2.03
N TYR E 73 -18.13 -4.20 2.61
CA TYR E 73 -18.84 -5.37 3.11
C TYR E 73 -19.96 -5.83 2.18
N LEU E 74 -20.59 -4.90 1.48
CA LEU E 74 -21.81 -5.24 0.74
C LEU E 74 -21.66 -6.35 -0.30
N PRO E 75 -20.60 -6.34 -1.14
CA PRO E 75 -20.53 -7.47 -2.10
C PRO E 75 -20.51 -8.84 -1.46
N SER E 76 -19.74 -9.00 -0.39
CA SER E 76 -19.70 -10.27 0.33
C SER E 76 -21.05 -10.63 0.95
N CYS E 77 -21.75 -9.59 1.43
CA CYS E 77 -23.05 -9.79 2.03
C CYS E 77 -24.10 -10.24 0.99
N LEU E 78 -24.10 -9.60 -0.16
CA LEU E 78 -25.02 -9.98 -1.24
C LEU E 78 -24.83 -11.44 -1.63
N ALA E 79 -23.56 -11.85 -1.79
CA ALA E 79 -23.26 -13.22 -2.27
C ALA E 79 -23.59 -14.24 -1.19
N THR E 80 -23.52 -13.82 0.07
CA THR E 80 -23.91 -14.65 1.22
C THR E 80 -25.40 -14.96 1.18
N HIS E 81 -26.22 -13.96 0.84
CA HIS E 81 -27.65 -14.06 1.02
C HIS E 81 -28.43 -14.37 -0.20
N LEU E 82 -27.79 -14.53 -1.35
CA LEU E 82 -28.55 -14.99 -2.50
C LEU E 82 -29.25 -16.30 -2.14
N PRO E 83 -30.46 -16.54 -2.66
CA PRO E 83 -31.20 -15.66 -3.58
C PRO E 83 -31.87 -14.48 -2.89
N LEU E 84 -31.88 -13.33 -3.58
CA LEU E 84 -32.47 -12.10 -3.08
C LEU E 84 -33.34 -11.45 -4.14
N ASP E 85 -34.43 -10.86 -3.71
CA ASP E 85 -35.33 -10.11 -4.59
C ASP E 85 -35.16 -8.61 -4.54
N LEU E 86 -34.84 -8.05 -3.37
CA LEU E 86 -34.71 -6.62 -3.25
C LEU E 86 -33.76 -6.32 -2.09
N VAL E 87 -32.93 -5.29 -2.29
CA VAL E 87 -32.03 -4.77 -1.25
C VAL E 87 -32.50 -3.34 -0.97
N ILE E 88 -32.84 -3.05 0.27
CA ILE E 88 -33.17 -1.72 0.74
C ILE E 88 -31.89 -1.14 1.35
N ILE E 89 -31.43 0.01 0.82
CA ILE E 89 -30.20 0.64 1.37
C ILE E 89 -30.56 1.97 1.99
N MET E 90 -30.48 2.06 3.32
CA MET E 90 -30.64 3.35 3.99
C MET E 90 -29.32 3.67 4.69
N LEU E 91 -28.54 4.56 4.09
CA LEU E 91 -27.22 4.94 4.65
C LEU E 91 -27.02 6.39 4.31
N GLY E 92 -26.02 7.02 4.95
CA GLY E 92 -25.65 8.39 4.70
C GLY E 92 -25.58 9.22 5.97
N THR E 93 -26.29 8.82 7.02
CA THR E 93 -26.31 9.58 8.25
C THR E 93 -24.89 9.66 8.80
N ASN E 94 -24.17 8.55 8.87
CA ASN E 94 -22.82 8.60 9.43
C ASN E 94 -21.84 9.40 8.58
N ASP E 95 -22.00 9.41 7.27
CA ASP E 95 -21.15 10.20 6.41
C ASP E 95 -21.25 11.70 6.68
N THR E 96 -22.32 12.13 7.33
CA THR E 96 -22.47 13.55 7.66
C THR E 96 -21.74 13.96 8.93
N LYS E 97 -21.09 13.05 9.61
CA LYS E 97 -20.27 13.43 10.77
C LYS E 97 -19.16 14.39 10.30
N ALA E 98 -18.86 15.36 11.16
CA ALA E 98 -17.97 16.46 10.80
C ALA E 98 -16.62 16.00 10.33
N TYR E 99 -16.08 14.97 10.97
CA TYR E 99 -14.73 14.59 10.62
C TYR E 99 -14.54 14.13 9.21
N PHE E 100 -15.59 13.59 8.60
CA PHE E 100 -15.47 13.11 7.21
C PHE E 100 -15.43 14.26 6.21
N ARG E 101 -15.90 15.45 6.57
CA ARG E 101 -15.80 16.60 5.68
C ARG E 101 -16.42 16.30 4.29
N ARG E 102 -17.53 15.56 4.27
CA ARG E 102 -18.20 15.17 3.01
C ARG E 102 -19.35 16.10 2.72
N THR E 103 -19.50 16.45 1.44
CA THR E 103 -20.69 17.13 0.96
C THR E 103 -21.80 16.15 0.65
N PRO E 104 -23.03 16.63 0.50
CA PRO E 104 -24.09 15.74 0.05
C PRO E 104 -23.77 15.00 -1.25
N LEU E 105 -23.12 15.63 -2.20
CA LEU E 105 -22.67 14.94 -3.41
C LEU E 105 -21.74 13.78 -3.11
N ASP E 106 -20.75 14.00 -2.25
CA ASP E 106 -19.82 12.95 -1.92
C ASP E 106 -20.59 11.74 -1.40
N ILE E 107 -21.60 12.01 -0.56
CA ILE E 107 -22.37 10.94 0.07
C ILE E 107 -23.20 10.19 -0.99
N ALA E 108 -23.88 10.94 -1.85
CA ALA E 108 -24.60 10.35 -2.98
C ALA E 108 -23.67 9.50 -3.85
N LEU E 109 -22.42 9.93 -4.06
CA LEU E 109 -21.47 9.11 -4.81
C LEU E 109 -21.17 7.78 -4.09
N GLY E 110 -21.06 7.82 -2.76
CA GLY E 110 -20.92 6.60 -1.98
C GLY E 110 -22.10 5.66 -2.16
N MET E 111 -23.28 6.23 -2.09
CA MET E 111 -24.50 5.48 -2.35
C MET E 111 -24.47 4.88 -3.75
N SER E 112 -23.98 5.63 -4.74
CA SER E 112 -23.92 5.10 -6.11
C SER E 112 -23.07 3.85 -6.19
N VAL E 113 -21.98 3.80 -5.41
CA VAL E 113 -21.14 2.63 -5.39
C VAL E 113 -21.93 1.42 -4.90
N LEU E 114 -22.69 1.61 -3.83
CA LEU E 114 -23.50 0.56 -3.28
C LEU E 114 -24.58 0.09 -4.25
N VAL E 115 -25.20 1.04 -4.90
CA VAL E 115 -26.24 0.69 -5.89
C VAL E 115 -25.62 -0.18 -6.98
N THR E 116 -24.46 0.21 -7.50
CA THR E 116 -23.78 -0.56 -8.54
C THR E 116 -23.41 -1.96 -8.04
N GLN E 117 -22.98 -2.07 -6.77
CA GLN E 117 -22.71 -3.38 -6.20
C GLN E 117 -23.96 -4.28 -6.24
N VAL E 118 -25.12 -3.72 -5.94
CA VAL E 118 -26.35 -4.52 -6.01
C VAL E 118 -26.66 -4.90 -7.46
N LEU E 119 -26.58 -3.94 -8.34
CA LEU E 119 -26.94 -4.15 -9.75
C LEU E 119 -26.04 -5.14 -10.45
N THR E 120 -24.79 -5.29 -9.98
CA THR E 120 -23.82 -6.19 -10.61
C THR E 120 -23.63 -7.49 -9.83
N SER E 121 -24.56 -7.80 -8.94
CA SER E 121 -24.45 -8.95 -8.06
C SER E 121 -24.96 -10.28 -8.62
N ALA E 122 -25.49 -10.29 -9.83
CA ALA E 122 -26.02 -11.56 -10.32
C ALA E 122 -25.01 -12.68 -10.29
N GLY E 123 -25.51 -13.87 -9.97
CA GLY E 123 -24.69 -15.07 -9.88
C GLY E 123 -23.96 -15.33 -8.58
N GLY E 124 -23.62 -14.28 -7.84
CA GLY E 124 -22.92 -14.50 -6.59
C GLY E 124 -21.66 -15.27 -6.85
N VAL E 125 -21.42 -16.28 -6.01
CA VAL E 125 -20.36 -17.25 -6.24
C VAL E 125 -21.01 -18.53 -6.76
N GLY E 126 -20.85 -18.80 -8.05
CA GLY E 126 -21.21 -20.11 -8.56
C GLY E 126 -22.69 -20.41 -8.75
N THR E 127 -23.57 -19.38 -8.80
CA THR E 127 -25.01 -19.64 -8.94
C THR E 127 -25.58 -19.09 -10.22
N THR E 128 -26.85 -19.46 -10.39
CA THR E 128 -27.68 -19.03 -11.46
C THR E 128 -28.62 -17.91 -11.08
N TYR E 129 -28.47 -17.36 -9.88
CA TYR E 129 -29.46 -16.44 -9.36
C TYR E 129 -29.34 -15.05 -9.95
N PRO E 130 -30.45 -14.32 -10.07
CA PRO E 130 -30.41 -12.99 -10.60
C PRO E 130 -29.92 -11.94 -9.60
N ALA E 131 -29.61 -10.75 -10.10
CA ALA E 131 -29.39 -9.60 -9.23
C ALA E 131 -30.72 -9.21 -8.60
N PRO E 132 -30.75 -8.89 -7.32
CA PRO E 132 -31.93 -8.24 -6.77
C PRO E 132 -32.10 -6.84 -7.33
N LYS E 133 -33.30 -6.30 -7.20
CA LYS E 133 -33.54 -4.87 -7.34
C LYS E 133 -33.00 -4.13 -6.12
N VAL E 134 -32.89 -2.81 -6.25
CA VAL E 134 -32.40 -1.99 -5.15
C VAL E 134 -33.32 -0.84 -4.89
N LEU E 135 -33.60 -0.53 -3.64
CA LEU E 135 -34.38 0.64 -3.25
C LEU E 135 -33.45 1.55 -2.47
N VAL E 136 -33.21 2.76 -3.00
CA VAL E 136 -32.36 3.75 -2.35
C VAL E 136 -33.22 4.51 -1.38
N VAL E 137 -32.82 4.59 -0.12
CA VAL E 137 -33.59 5.29 0.91
C VAL E 137 -32.76 6.39 1.56
N SER E 138 -33.20 7.64 1.45
CA SER E 138 -32.59 8.70 2.23
C SER E 138 -33.09 8.62 3.65
N PRO E 139 -32.20 8.72 4.65
CA PRO E 139 -32.63 8.73 6.02
C PRO E 139 -33.32 10.05 6.34
N PRO E 140 -34.11 10.09 7.40
CA PRO E 140 -34.75 11.35 7.75
C PRO E 140 -33.67 12.35 8.19
N PRO E 141 -33.94 13.65 8.06
CA PRO E 141 -33.00 14.61 8.58
C PRO E 141 -32.73 14.41 10.07
N LEU E 142 -31.50 14.63 10.48
CA LEU E 142 -31.15 14.65 11.90
C LEU E 142 -31.84 15.81 12.62
N ALA E 143 -31.94 15.67 13.92
CA ALA E 143 -32.59 16.66 14.81
C ALA E 143 -31.54 17.19 15.81
N PRO E 144 -31.87 18.25 16.58
CA PRO E 144 -30.94 18.71 17.57
C PRO E 144 -30.64 17.66 18.61
N MET E 145 -29.39 17.62 19.04
CA MET E 145 -28.86 16.58 19.87
C MET E 145 -28.44 17.12 21.23
N PRO E 146 -29.04 16.62 22.31
CA PRO E 146 -28.64 17.15 23.63
C PRO E 146 -27.32 16.70 24.15
N HIS E 147 -26.76 15.62 23.62
CA HIS E 147 -25.53 15.10 24.23
C HIS E 147 -24.36 15.83 23.60
N PRO E 148 -23.47 16.44 24.43
CA PRO E 148 -22.38 17.22 23.85
C PRO E 148 -21.48 16.50 22.88
N TRP E 149 -21.31 15.19 23.08
CA TRP E 149 -20.44 14.45 22.16
C TRP E 149 -21.13 14.25 20.84
N PHE E 150 -22.38 13.84 20.85
CA PHE E 150 -23.09 13.77 19.58
C PHE E 150 -23.16 15.12 18.87
N GLN E 151 -23.38 16.22 19.58
CA GLN E 151 -23.37 17.53 18.97
C GLN E 151 -22.04 17.76 18.25
N LEU E 152 -20.93 17.47 18.93
CA LEU E 152 -19.62 17.67 18.36
C LEU E 152 -19.38 16.82 17.09
N ILE E 153 -19.64 15.53 17.17
CA ILE E 153 -19.27 14.66 16.06
C ILE E 153 -20.20 14.87 14.86
N PHE E 154 -21.41 15.38 15.10
CA PHE E 154 -22.35 15.64 14.02
C PHE E 154 -22.44 17.10 13.61
N GLU E 155 -21.50 17.95 13.99
CA GLU E 155 -21.58 19.37 13.61
C GLU E 155 -21.64 19.46 12.09
N GLY E 156 -22.64 20.19 11.58
CA GLY E 156 -22.84 20.32 10.13
C GLY E 156 -23.72 19.22 9.55
N GLY E 157 -23.99 18.19 10.33
CA GLY E 157 -24.71 17.01 9.85
C GLY E 157 -26.18 17.19 9.64
N GLU E 158 -26.85 17.94 10.52
CA GLU E 158 -28.26 18.25 10.33
C GLU E 158 -28.44 18.88 8.97
N GLN E 159 -27.61 19.87 8.66
CA GLN E 159 -27.71 20.55 7.39
C GLN E 159 -27.51 19.61 6.21
N LYS E 160 -26.53 18.72 6.28
CA LYS E 160 -26.26 17.85 5.15
C LYS E 160 -27.35 16.79 4.98
N THR E 161 -27.87 16.27 6.09
CA THR E 161 -28.97 15.30 6.00
C THR E 161 -30.23 15.89 5.35
N THR E 162 -30.45 17.20 5.45
CA THR E 162 -31.61 17.79 4.78
C THR E 162 -31.50 17.74 3.27
N GLU E 163 -30.28 17.57 2.73
CA GLU E 163 -30.07 17.51 1.29
C GLU E 163 -30.08 16.10 0.72
N LEU E 164 -30.11 15.07 1.56
CA LEU E 164 -29.95 13.73 1.01
C LEU E 164 -31.11 13.24 0.17
N ALA E 165 -32.33 13.62 0.52
CA ALA E 165 -33.45 13.22 -0.31
C ALA E 165 -33.31 13.75 -1.74
N ARG E 166 -32.89 15.00 -1.87
CA ARG E 166 -32.70 15.59 -3.16
C ARG E 166 -31.61 14.90 -3.99
N VAL E 167 -30.44 14.72 -3.41
CA VAL E 167 -29.33 14.14 -4.16
C VAL E 167 -29.49 12.64 -4.43
N TYR E 168 -30.07 11.92 -3.48
CA TYR E 168 -30.39 10.51 -3.68
C TYR E 168 -31.50 10.31 -4.73
N SER E 169 -32.51 11.17 -4.73
CA SER E 169 -33.52 11.10 -5.77
C SER E 169 -32.92 11.32 -7.13
N ALA E 170 -31.99 12.26 -7.24
CA ALA E 170 -31.38 12.52 -8.54
C ALA E 170 -30.54 11.33 -9.01
N LEU E 171 -29.77 10.76 -8.08
CA LEU E 171 -28.96 9.60 -8.36
C LEU E 171 -29.82 8.42 -8.81
N ALA E 172 -30.87 8.13 -8.05
CA ALA E 172 -31.76 7.02 -8.35
C ALA E 172 -32.42 7.19 -9.72
N SER E 173 -32.83 8.42 -10.01
CA SER E 173 -33.40 8.69 -11.33
C SER E 173 -32.42 8.42 -12.44
N PHE E 174 -31.18 8.86 -12.28
CA PHE E 174 -30.17 8.65 -13.31
C PHE E 174 -29.89 7.15 -13.50
N MET E 175 -29.76 6.43 -12.39
CA MET E 175 -29.45 5.00 -12.41
C MET E 175 -30.67 4.13 -12.67
N LYS E 176 -31.86 4.72 -12.81
CA LYS E 176 -33.10 4.00 -13.14
C LYS E 176 -33.42 2.94 -12.08
N VAL E 177 -33.30 3.33 -10.82
CA VAL E 177 -33.66 2.48 -9.67
C VAL E 177 -34.59 3.22 -8.75
N PRO E 178 -35.44 2.48 -8.03
CA PRO E 178 -36.37 3.13 -7.17
C PRO E 178 -35.75 3.87 -5.99
N PHE E 179 -36.47 4.89 -5.54
CA PHE E 179 -36.06 5.79 -4.43
C PHE E 179 -37.22 5.96 -3.45
N PHE E 180 -36.94 6.10 -2.17
CA PHE E 180 -37.94 6.47 -1.18
C PHE E 180 -37.29 7.33 -0.13
N ASP E 181 -37.94 8.41 0.28
CA ASP E 181 -37.41 9.30 1.32
C ASP E 181 -38.02 8.92 2.66
N ALA E 182 -37.25 8.35 3.58
CA ALA E 182 -37.75 8.05 4.92
C ALA E 182 -38.26 9.30 5.61
N GLY E 183 -37.65 10.45 5.31
CA GLY E 183 -38.07 11.72 5.88
C GLY E 183 -39.47 12.15 5.45
N SER E 184 -40.02 11.53 4.43
CA SER E 184 -41.37 11.86 3.95
C SER E 184 -42.42 11.25 4.85
N VAL E 185 -42.06 10.29 5.71
CA VAL E 185 -43.02 9.67 6.58
C VAL E 185 -42.72 9.79 8.07
N ILE E 186 -41.47 10.05 8.44
CA ILE E 186 -41.10 10.24 9.84
C ILE E 186 -40.14 11.42 9.99
N SER E 187 -40.09 11.97 11.19
CA SER E 187 -39.02 12.82 11.65
C SER E 187 -38.20 12.01 12.66
N THR E 188 -36.96 12.43 12.84
CA THR E 188 -36.08 11.79 13.78
C THR E 188 -36.47 12.22 15.17
N ASP E 189 -37.16 11.35 15.91
CA ASP E 189 -37.78 11.77 17.17
C ASP E 189 -37.10 11.19 18.41
N GLY E 190 -36.08 10.35 18.25
CA GLY E 190 -35.35 9.80 19.39
C GLY E 190 -34.81 10.93 20.27
N VAL E 191 -34.70 10.65 21.56
CA VAL E 191 -34.30 11.69 22.52
C VAL E 191 -32.90 12.25 22.24
N ASP E 192 -32.08 11.49 21.51
CA ASP E 192 -30.72 11.89 21.20
C ASP E 192 -30.58 12.72 19.92
N GLY E 193 -31.67 12.93 19.18
CA GLY E 193 -31.65 13.67 17.93
C GLY E 193 -31.17 12.88 16.71
N ILE E 194 -30.90 11.59 16.91
CA ILE E 194 -30.27 10.77 15.85
C ILE E 194 -31.08 9.52 15.54
N HIS E 195 -31.53 8.83 16.58
CA HIS E 195 -32.17 7.52 16.40
C HIS E 195 -33.69 7.58 16.50
N PHE E 196 -34.35 6.45 16.31
CA PHE E 196 -35.79 6.37 16.13
C PHE E 196 -36.50 5.96 17.42
N THR E 197 -37.67 6.55 17.62
CA THR E 197 -38.60 6.08 18.62
C THR E 197 -39.31 4.81 18.15
N GLU E 198 -40.04 4.17 19.07
CA GLU E 198 -40.88 3.02 18.69
C GLU E 198 -41.85 3.40 17.55
N ALA E 199 -42.48 4.56 17.67
CA ALA E 199 -43.40 5.01 16.64
C ALA E 199 -42.72 5.33 15.33
N ASN E 200 -41.49 5.88 15.37
CA ASN E 200 -40.72 6.11 14.16
C ASN E 200 -40.50 4.77 13.44
N ASN E 201 -40.12 3.76 14.21
CA ASN E 201 -39.89 2.43 13.64
C ASN E 201 -41.17 1.87 13.03
N ARG E 202 -42.30 2.02 13.71
CA ARG E 202 -43.55 1.47 13.19
C ARG E 202 -43.91 2.18 11.89
N ASP E 203 -43.85 3.50 11.90
CA ASP E 203 -44.29 4.26 10.74
C ASP E 203 -43.39 3.98 9.52
N LEU E 204 -42.07 3.84 9.73
CA LEU E 204 -41.20 3.56 8.61
C LEU E 204 -41.38 2.13 8.13
N GLY E 205 -41.56 1.18 9.03
CA GLY E 205 -41.77 -0.18 8.60
C GLY E 205 -43.03 -0.35 7.76
N VAL E 206 -44.10 0.31 8.20
CA VAL E 206 -45.37 0.28 7.44
C VAL E 206 -45.14 0.91 6.07
N ALA E 207 -44.49 2.07 6.02
CA ALA E 207 -44.26 2.76 4.75
C ALA E 207 -43.40 1.94 3.81
N LEU E 208 -42.35 1.32 4.34
CA LEU E 208 -41.48 0.52 3.49
C LEU E 208 -42.12 -0.77 3.00
N ALA E 209 -43.02 -1.35 3.79
CA ALA E 209 -43.77 -2.50 3.31
C ALA E 209 -44.59 -2.16 2.10
N GLU E 210 -45.20 -0.97 2.12
CA GLU E 210 -45.96 -0.52 0.96
C GLU E 210 -45.03 -0.37 -0.24
N GLN E 211 -43.85 0.24 -0.04
CA GLN E 211 -42.91 0.35 -1.16
C GLN E 211 -42.50 -1.00 -1.69
N VAL E 212 -42.09 -1.90 -0.82
CA VAL E 212 -41.65 -3.21 -1.23
C VAL E 212 -42.73 -3.93 -2.06
N ARG E 213 -43.97 -3.95 -1.57
CA ARG E 213 -45.03 -4.66 -2.31
C ARG E 213 -45.21 -4.10 -3.70
N SER E 214 -45.11 -2.79 -3.81
CA SER E 214 -45.27 -2.13 -5.11
C SER E 214 -44.17 -2.40 -6.10
N LEU E 215 -42.98 -2.77 -5.60
CA LEU E 215 -41.81 -2.95 -6.44
C LEU E 215 -41.61 -4.39 -6.93
N LEU E 216 -42.32 -5.33 -6.33
CA LEU E 216 -42.13 -6.74 -6.62
C LEU E 216 -43.44 -7.40 -7.04
N ALA F 2 21.49 7.07 38.04
CA ALA F 2 21.59 5.62 37.85
C ALA F 2 21.71 5.36 36.35
N LYS F 3 22.39 4.29 36.02
CA LYS F 3 22.51 3.82 34.68
C LYS F 3 21.25 3.04 34.34
N ARG F 4 20.74 3.26 33.15
CA ARG F 4 19.44 2.75 32.70
C ARG F 4 19.60 1.65 31.66
N ILE F 5 18.99 0.51 31.93
CA ILE F 5 19.09 -0.71 31.14
C ILE F 5 17.69 -1.08 30.61
N LEU F 6 17.51 -1.06 29.29
CA LEU F 6 16.26 -1.45 28.70
C LEU F 6 16.37 -2.92 28.29
N CYS F 7 15.43 -3.76 28.74
CA CYS F 7 15.38 -5.17 28.42
C CYS F 7 14.25 -5.34 27.38
N PHE F 8 14.65 -5.49 26.12
CA PHE F 8 13.69 -5.61 25.01
C PHE F 8 13.59 -7.05 24.63
N GLY F 9 12.37 -7.61 24.62
CA GLY F 9 12.23 -9.02 24.37
C GLY F 9 10.80 -9.46 24.18
N ASP F 10 10.60 -10.75 24.41
CA ASP F 10 9.33 -11.42 24.14
C ASP F 10 8.77 -11.95 25.46
C1 N10 F 11 7.06 -16.02 24.39
O2 N10 F 11 7.07 -15.08 23.58
N N10 F 11 8.01 -13.03 25.42
CA N10 F 11 7.43 -13.59 26.65
CB N10 F 11 6.53 -14.77 26.31
OG N10 F 11 7.30 -15.82 25.69
N1 N10 F 11 6.92 -17.32 24.10
CA1 N10 F 11 6.66 -17.84 22.76
CB2 N10 F 11 5.27 -18.43 22.68
CG3 N10 F 11 4.16 -17.37 22.86
CD4 N10 F 11 2.73 -17.94 22.83
CG5 N10 F 11 1.70 -16.86 22.97
CD6 N10 F 11 0.26 -17.39 22.98
C N10 F 11 8.50 -14.07 27.64
O N10 F 11 8.22 -14.11 28.83
N LEU F 12 9.68 -14.40 27.16
CA LEU F 12 10.76 -14.80 28.06
C LEU F 12 11.27 -13.61 28.85
N THR F 13 11.15 -12.39 28.31
CA THR F 13 11.48 -11.17 29.03
C THR F 13 10.28 -10.70 29.90
N TRP F 14 9.07 -10.78 29.35
CA TRP F 14 7.88 -10.42 30.09
C TRP F 14 7.76 -11.25 31.36
N GLY F 15 8.07 -12.55 31.28
CA GLY F 15 7.96 -13.43 32.44
C GLY F 15 6.74 -14.34 32.40
N TRP F 16 6.51 -14.96 31.27
CA TRP F 16 5.37 -15.88 31.11
C TRP F 16 5.53 -17.11 32.02
N VAL F 17 4.51 -17.40 32.83
CA VAL F 17 4.54 -18.57 33.73
C VAL F 17 4.10 -19.79 32.93
N PRO F 18 4.98 -20.75 32.71
CA PRO F 18 4.57 -21.90 31.90
C PRO F 18 3.54 -22.77 32.62
N VAL F 19 2.61 -23.29 31.84
CA VAL F 19 1.54 -24.12 32.36
C VAL F 19 1.29 -25.32 31.47
N GLU F 20 0.79 -26.41 32.07
CA GLU F 20 0.53 -27.65 31.38
C GLU F 20 -0.50 -27.49 30.30
N ASP F 21 -1.48 -26.66 30.53
CA ASP F 21 -2.54 -26.50 29.52
C ASP F 21 -2.25 -25.36 28.53
N GLY F 22 -1.03 -24.90 28.46
CA GLY F 22 -0.58 -24.06 27.37
C GLY F 22 -0.79 -22.57 27.60
N ALA F 23 -2.06 -22.20 27.67
CA ALA F 23 -2.50 -20.84 27.87
C ALA F 23 -3.95 -20.92 28.35
N PRO F 24 -4.46 -19.86 29.01
CA PRO F 24 -3.82 -18.62 29.39
C PRO F 24 -3.02 -18.73 30.66
N THR F 25 -2.26 -17.70 30.95
CA THR F 25 -1.40 -17.70 32.11
C THR F 25 -1.25 -16.30 32.68
N GLU F 26 -0.36 -16.17 33.66
CA GLU F 26 -0.01 -14.91 34.31
C GLU F 26 1.49 -14.67 34.17
N ARG F 27 1.93 -13.54 34.72
CA ARG F 27 3.30 -13.09 34.72
C ARG F 27 3.95 -13.49 36.03
N PHE F 28 5.20 -13.88 35.97
CA PHE F 28 5.98 -14.05 37.19
C PHE F 28 6.02 -12.75 37.97
N ALA F 29 6.08 -12.86 39.32
CA ALA F 29 6.13 -11.71 40.18
C ALA F 29 7.33 -10.83 39.86
N PRO F 30 7.20 -9.52 40.16
CA PRO F 30 8.29 -8.60 39.84
C PRO F 30 9.64 -8.95 40.40
N ASP F 31 9.69 -9.66 41.52
CA ASP F 31 10.96 -10.04 42.11
C ASP F 31 11.41 -11.43 41.70
N VAL F 32 10.67 -12.08 40.82
CA VAL F 32 10.95 -13.43 40.36
C VAL F 32 11.40 -13.43 38.91
N ARG F 33 10.66 -12.73 38.03
CA ARG F 33 11.09 -12.67 36.66
C ARG F 33 12.52 -12.13 36.57
N TRP F 34 13.25 -12.61 35.58
CA TRP F 34 14.68 -12.26 35.51
C TRP F 34 14.97 -10.79 35.40
N THR F 35 14.08 -9.99 34.79
CA THR F 35 14.35 -8.55 34.75
C THR F 35 14.33 -7.97 36.17
N GLY F 36 13.52 -8.52 37.05
CA GLY F 36 13.47 -8.13 38.48
C GLY F 36 14.67 -8.63 39.24
N VAL F 37 15.07 -9.86 38.98
CA VAL F 37 16.33 -10.36 39.53
C VAL F 37 17.49 -9.50 39.13
N LEU F 38 17.58 -9.17 37.83
CA LEU F 38 18.61 -8.26 37.32
C LEU F 38 18.64 -6.96 38.11
N ALA F 39 17.50 -6.34 38.27
CA ALA F 39 17.41 -5.07 39.02
C ALA F 39 17.87 -5.23 40.47
N GLN F 40 17.47 -6.31 41.09
CA GLN F 40 17.87 -6.50 42.49
C GLN F 40 19.35 -6.74 42.61
N GLN F 41 19.91 -7.50 41.70
CA GLN F 41 21.32 -7.85 41.74
C GLN F 41 22.17 -6.65 41.46
N LEU F 42 21.74 -5.80 40.55
CA LEU F 42 22.48 -4.61 40.20
C LEU F 42 22.44 -3.53 41.28
N GLY F 43 21.29 -3.37 41.93
CA GLY F 43 21.09 -2.38 42.97
C GLY F 43 20.88 -0.95 42.51
N ALA F 44 21.00 0.00 43.44
CA ALA F 44 20.50 1.34 43.27
C ALA F 44 21.22 2.18 42.23
N ASP F 45 22.42 1.77 41.82
CA ASP F 45 23.18 2.52 40.81
C ASP F 45 22.62 2.24 39.41
N PHE F 46 21.59 1.38 39.31
CA PHE F 46 21.01 0.99 38.03
C PHE F 46 19.50 1.03 38.08
N GLU F 47 18.88 1.18 36.91
CA GLU F 47 17.45 1.13 36.73
C GLU F 47 17.13 0.26 35.54
N VAL F 48 16.22 -0.70 35.70
CA VAL F 48 15.88 -1.66 34.68
C VAL F 48 14.48 -1.31 34.16
N ILE F 49 14.36 -1.25 32.84
CA ILE F 49 13.10 -0.99 32.12
C ILE F 49 12.70 -2.28 31.40
N GLU F 50 11.49 -2.74 31.70
CA GLU F 50 10.98 -4.02 31.22
C GLU F 50 10.13 -3.80 29.96
N GLU F 51 10.58 -4.27 28.80
CA GLU F 51 9.87 -4.18 27.53
C GLU F 51 9.82 -5.54 26.83
N GLY F 52 9.19 -6.49 27.52
CA GLY F 52 8.95 -7.81 27.02
C GLY F 52 7.49 -7.97 26.58
N LEU F 53 7.28 -8.31 25.31
CA LEU F 53 5.94 -8.53 24.75
C LEU F 53 5.82 -9.98 24.29
N SER F 54 4.89 -10.70 24.89
CA SER F 54 4.72 -12.07 24.51
C SER F 54 4.43 -12.23 23.04
N ALA F 55 5.04 -13.24 22.43
CA ALA F 55 4.93 -13.60 21.02
C ALA F 55 5.69 -12.66 20.06
N ARG F 56 6.42 -11.68 20.58
CA ARG F 56 7.15 -10.75 19.71
C ARG F 56 8.24 -11.45 18.91
N THR F 57 8.36 -11.05 17.64
CA THR F 57 9.40 -11.53 16.70
C THR F 57 10.45 -10.42 16.54
N THR F 58 11.57 -10.76 15.93
CA THR F 58 12.58 -9.76 15.62
C THR F 58 12.03 -8.64 14.72
N ASN F 59 11.59 -9.00 13.52
CA ASN F 59 11.19 -8.01 12.52
C ASN F 59 10.17 -8.53 11.52
N ILE F 60 9.35 -9.50 11.94
CA ILE F 60 8.39 -10.07 11.02
C ILE F 60 7.00 -9.94 11.53
N ASP F 61 6.07 -9.46 10.69
CA ASP F 61 4.69 -9.37 11.05
C ASP F 61 4.08 -10.75 11.27
N ASP F 62 3.30 -10.88 12.31
CA ASP F 62 2.61 -12.10 12.60
C ASP F 62 1.19 -11.94 12.03
N PRO F 63 0.75 -12.86 11.14
CA PRO F 63 -0.55 -12.66 10.52
C PRO F 63 -1.70 -12.74 11.54
N THR F 64 -1.43 -13.28 12.71
CA THR F 64 -2.49 -13.39 13.71
C THR F 64 -2.63 -12.19 14.65
N ASP F 65 -1.66 -11.28 14.66
CA ASP F 65 -1.61 -10.26 15.72
C ASP F 65 -0.70 -9.16 15.26
N PRO F 66 -1.23 -7.92 15.09
CA PRO F 66 -0.46 -6.83 14.56
C PRO F 66 0.55 -6.20 15.53
N ARG F 67 0.57 -6.66 16.78
CA ARG F 67 1.40 -6.05 17.80
C ARG F 67 2.83 -6.57 17.88
N LEU F 68 3.18 -7.57 17.08
CA LEU F 68 4.28 -8.45 17.43
C LEU F 68 5.59 -8.20 16.70
N ASN F 69 5.65 -7.24 15.79
CA ASN F 69 6.90 -6.98 15.05
C ASN F 69 7.83 -6.12 15.88
N GLY F 70 8.92 -6.68 16.39
CA GLY F 70 9.80 -5.96 17.26
C GLY F 70 10.36 -4.69 16.68
N ALA F 71 10.84 -4.80 15.44
CA ALA F 71 11.47 -3.66 14.73
C ALA F 71 10.51 -2.52 14.46
N SER F 72 9.21 -2.80 14.41
CA SER F 72 8.21 -1.74 14.23
C SER F 72 8.12 -0.87 15.47
N TYR F 73 8.39 -1.45 16.64
CA TYR F 73 8.16 -0.80 17.93
C TYR F 73 9.45 -0.21 18.52
N LEU F 74 10.58 -0.85 18.27
CA LEU F 74 11.79 -0.51 19.00
C LEU F 74 12.20 0.96 18.86
N PRO F 75 12.21 1.54 17.66
CA PRO F 75 12.65 2.95 17.60
C PRO F 75 11.86 3.91 18.49
N SER F 76 10.55 3.74 18.49
CA SER F 76 9.68 4.55 19.34
C SER F 76 9.97 4.28 20.84
N CYS F 77 10.22 3.01 21.17
CA CYS F 77 10.54 2.58 22.54
C CYS F 77 11.86 3.22 23.01
N LEU F 78 12.87 3.19 22.14
CA LEU F 78 14.16 3.78 22.51
C LEU F 78 14.01 5.27 22.80
N ALA F 79 13.28 5.98 21.91
CA ALA F 79 13.15 7.43 22.11
C ALA F 79 12.31 7.78 23.33
N THR F 80 11.37 6.91 23.66
CA THR F 80 10.60 7.00 24.87
C THR F 80 11.47 6.98 26.13
N HIS F 81 12.45 6.07 26.13
CA HIS F 81 13.17 5.74 27.36
C HIS F 81 14.52 6.37 27.52
N LEU F 82 14.99 7.15 26.54
CA LEU F 82 16.20 7.92 26.78
C LEU F 82 16.01 8.76 28.06
N PRO F 83 17.08 8.88 28.89
CA PRO F 83 18.45 8.40 28.63
C PRO F 83 18.64 6.92 28.90
N LEU F 84 19.44 6.26 28.07
CA LEU F 84 19.71 4.84 28.21
C LEU F 84 21.21 4.58 28.13
N ASP F 85 21.69 3.62 28.91
CA ASP F 85 23.07 3.18 28.84
C ASP F 85 23.28 1.86 28.13
N LEU F 86 22.28 0.97 28.19
CA LEU F 86 22.38 -0.34 27.58
C LEU F 86 21.00 -0.82 27.18
N VAL F 87 20.93 -1.46 26.02
CA VAL F 87 19.72 -2.21 25.62
C VAL F 87 20.10 -3.68 25.49
N ILE F 88 19.43 -4.56 26.23
CA ILE F 88 19.61 -6.00 26.14
C ILE F 88 18.48 -6.51 25.25
N ILE F 89 18.82 -7.17 24.16
CA ILE F 89 17.81 -7.68 23.24
C ILE F 89 17.86 -9.21 23.24
N MET F 90 16.80 -9.86 23.72
CA MET F 90 16.68 -11.31 23.65
C MET F 90 15.42 -11.61 22.84
N LEU F 91 15.60 -11.98 21.58
CA LEU F 91 14.48 -12.29 20.68
C LEU F 91 14.93 -13.35 19.72
N GLY F 92 13.98 -13.95 19.01
CA GLY F 92 14.25 -14.97 18.01
C GLY F 92 13.46 -16.25 18.23
N THR F 93 13.01 -16.49 19.47
CA THR F 93 12.23 -17.72 19.73
C THR F 93 10.97 -17.73 18.89
N ASN F 94 10.22 -16.63 18.85
CA ASN F 94 8.97 -16.66 18.07
C ASN F 94 9.22 -16.78 16.58
N ASP F 95 10.34 -16.25 16.09
CA ASP F 95 10.67 -16.33 14.67
C ASP F 95 10.83 -17.78 14.21
N THR F 96 11.08 -18.70 15.16
CA THR F 96 11.27 -20.11 14.85
C THR F 96 9.97 -20.87 14.73
N LYS F 97 8.83 -20.22 14.92
CA LYS F 97 7.54 -20.88 14.72
C LYS F 97 7.38 -21.31 13.26
N ALA F 98 6.80 -22.48 13.04
CA ALA F 98 6.77 -23.09 11.73
C ALA F 98 6.20 -22.17 10.67
N TYR F 99 5.19 -21.41 11.02
CA TYR F 99 4.51 -20.63 10.01
C TYR F 99 5.32 -19.50 9.41
N PHE F 100 6.38 -19.06 10.08
CA PHE F 100 7.22 -18.02 9.54
C PHE F 100 8.21 -18.54 8.50
N ARG F 101 8.46 -19.85 8.49
CA ARG F 101 9.35 -20.44 7.48
C ARG F 101 10.70 -19.73 7.42
N ARG F 102 11.23 -19.37 8.60
CA ARG F 102 12.49 -18.66 8.68
C ARG F 102 13.66 -19.56 9.02
N THR F 103 14.80 -19.28 8.39
CA THR F 103 16.05 -19.92 8.77
C THR F 103 16.74 -19.17 9.87
N PRO F 104 17.69 -19.81 10.56
CA PRO F 104 18.49 -19.05 11.52
C PRO F 104 19.10 -17.76 10.95
N LEU F 105 19.58 -17.81 9.71
CA LEU F 105 20.07 -16.57 9.08
C LEU F 105 19.01 -15.49 9.00
N ASP F 106 17.82 -15.84 8.55
CA ASP F 106 16.78 -14.84 8.44
C ASP F 106 16.53 -14.19 9.80
N ILE F 107 16.60 -14.98 10.87
CA ILE F 107 16.36 -14.51 12.22
C ILE F 107 17.46 -13.57 12.68
N ALA F 108 18.71 -13.97 12.44
CA ALA F 108 19.87 -13.09 12.68
C ALA F 108 19.79 -11.76 11.92
N LEU F 109 19.28 -11.80 10.68
CA LEU F 109 19.09 -10.56 9.93
C LEU F 109 18.07 -9.69 10.62
N GLY F 110 17.00 -10.29 11.14
CA GLY F 110 16.07 -9.52 11.96
C GLY F 110 16.70 -8.87 13.16
N MET F 111 17.48 -9.66 13.92
CA MET F 111 18.26 -9.11 15.01
C MET F 111 19.17 -7.96 14.58
N SER F 112 19.78 -8.06 13.40
CA SER F 112 20.67 -7.01 12.90
C SER F 112 19.92 -5.68 12.77
N VAL F 113 18.67 -5.76 12.35
CA VAL F 113 17.87 -4.55 12.22
C VAL F 113 17.70 -3.89 13.58
N LEU F 114 17.38 -4.69 14.60
CA LEU F 114 17.22 -4.18 15.93
C LEU F 114 18.53 -3.57 16.49
N VAL F 115 19.64 -4.28 16.29
CA VAL F 115 20.93 -3.76 16.71
C VAL F 115 21.17 -2.36 16.10
N THR F 116 20.95 -2.23 14.79
CA THR F 116 21.19 -0.97 14.13
C THR F 116 20.26 0.12 14.66
N GLN F 117 19.03 -0.25 14.99
CA GLN F 117 18.09 0.72 15.60
C GLN F 117 18.66 1.23 16.94
N VAL F 118 19.29 0.37 17.74
CA VAL F 118 19.90 0.85 18.98
C VAL F 118 21.12 1.73 18.68
N LEU F 119 21.96 1.27 17.77
CA LEU F 119 23.20 1.99 17.50
C LEU F 119 22.98 3.38 16.93
N THR F 120 21.87 3.55 16.21
CA THR F 120 21.53 4.82 15.55
C THR F 120 20.56 5.68 16.35
N SER F 121 20.36 5.39 17.63
CA SER F 121 19.31 6.04 18.41
C SER F 121 19.72 7.34 19.14
N ALA F 122 20.98 7.74 19.00
CA ALA F 122 21.42 8.95 19.69
C ALA F 122 20.48 10.14 19.43
N GLY F 123 20.25 10.91 20.49
CA GLY F 123 19.45 12.12 20.43
C GLY F 123 17.95 11.94 20.61
N GLY F 124 17.40 10.82 20.18
CA GLY F 124 15.97 10.61 20.28
C GLY F 124 15.24 11.75 19.59
N VAL F 125 14.22 12.24 20.27
CA VAL F 125 13.48 13.40 19.82
C VAL F 125 13.97 14.62 20.64
N GLY F 126 14.84 15.42 20.04
CA GLY F 126 15.23 16.71 20.66
C GLY F 126 16.18 16.70 21.86
N THR F 127 16.92 15.63 22.08
CA THR F 127 17.75 15.51 23.27
C THR F 127 19.23 15.56 22.98
N THR F 128 19.98 15.76 24.06
CA THR F 128 21.42 15.68 23.99
C THR F 128 21.99 14.33 24.34
N TYR F 129 21.16 13.31 24.47
CA TYR F 129 21.64 12.03 24.94
C TYR F 129 22.35 11.22 23.90
N PRO F 130 23.37 10.45 24.30
CA PRO F 130 24.05 9.56 23.40
C PRO F 130 23.27 8.28 23.16
N ALA F 131 23.71 7.52 22.16
CA ALA F 131 23.20 6.17 21.98
C ALA F 131 23.62 5.27 23.15
N PRO F 132 22.75 4.35 23.57
CA PRO F 132 23.18 3.30 24.50
C PRO F 132 24.03 2.26 23.78
N LYS F 133 24.77 1.49 24.58
CA LYS F 133 25.35 0.25 24.10
C LYS F 133 24.23 -0.80 23.87
N VAL F 134 24.60 -1.90 23.23
CA VAL F 134 23.67 -2.99 22.99
C VAL F 134 24.28 -4.33 23.46
N LEU F 135 23.44 -5.26 23.88
CA LEU F 135 23.85 -6.61 24.19
C LEU F 135 22.92 -7.54 23.48
N VAL F 136 23.44 -8.26 22.50
CA VAL F 136 22.69 -9.24 21.75
C VAL F 136 22.65 -10.53 22.53
N VAL F 137 21.46 -11.08 22.78
CA VAL F 137 21.31 -12.30 23.58
C VAL F 137 20.54 -13.34 22.79
N SER F 138 21.16 -14.51 22.52
CA SER F 138 20.43 -15.63 21.99
C SER F 138 19.63 -16.29 23.12
N PRO F 139 18.37 -16.63 22.86
CA PRO F 139 17.59 -17.35 23.84
C PRO F 139 18.05 -18.78 23.93
N PRO F 140 17.72 -19.44 25.05
CA PRO F 140 18.11 -20.85 25.17
C PRO F 140 17.40 -21.72 24.14
N PRO F 141 17.95 -22.88 23.77
CA PRO F 141 17.22 -23.78 22.91
C PRO F 141 15.88 -24.21 23.52
N LEU F 142 14.88 -24.35 22.67
CA LEU F 142 13.62 -24.90 23.10
C LEU F 142 13.75 -26.37 23.47
N ALA F 143 12.75 -26.86 24.17
CA ALA F 143 12.68 -28.22 24.68
C ALA F 143 11.39 -28.88 24.23
N PRO F 144 11.23 -30.22 24.48
CA PRO F 144 10.01 -30.89 24.09
C PRO F 144 8.78 -30.28 24.74
N MET F 145 7.71 -30.19 23.96
CA MET F 145 6.49 -29.51 24.37
C MET F 145 5.32 -30.47 24.47
N PRO F 146 4.77 -30.64 25.67
CA PRO F 146 3.61 -31.56 25.79
C PRO F 146 2.32 -31.09 25.16
N HIS F 147 2.11 -29.79 24.99
CA HIS F 147 0.82 -29.31 24.50
C HIS F 147 0.78 -29.46 22.99
N PRO F 148 -0.26 -30.13 22.43
CA PRO F 148 -0.26 -30.33 20.99
C PRO F 148 -0.25 -29.07 20.15
N TRP F 149 -0.84 -27.99 20.64
CA TRP F 149 -0.82 -26.73 19.87
C TRP F 149 0.58 -26.15 19.83
N PHE F 150 1.26 -26.13 20.98
CA PHE F 150 2.63 -25.66 20.98
C PHE F 150 3.54 -26.52 20.10
N GLN F 151 3.35 -27.84 20.16
CA GLN F 151 4.09 -28.70 19.25
C GLN F 151 3.87 -28.29 17.78
N LEU F 152 2.61 -28.07 17.40
CA LEU F 152 2.29 -27.69 16.03
C LEU F 152 2.96 -26.37 15.63
N ILE F 153 2.75 -25.33 16.44
CA ILE F 153 3.22 -24.01 15.99
C ILE F 153 4.74 -23.91 16.02
N PHE F 154 5.39 -24.75 16.83
CA PHE F 154 6.85 -24.72 16.96
C PHE F 154 7.56 -25.86 16.19
N GLU F 155 6.85 -26.53 15.31
CA GLU F 155 7.50 -27.57 14.51
C GLU F 155 8.70 -27.04 13.78
N GLY F 156 9.83 -27.69 13.97
CA GLY F 156 11.12 -27.28 13.42
C GLY F 156 11.86 -26.24 14.22
N GLY F 157 11.21 -25.73 15.29
CA GLY F 157 11.76 -24.65 16.06
C GLY F 157 12.82 -25.02 17.07
N GLU F 158 12.70 -26.19 17.69
CA GLU F 158 13.74 -26.67 18.58
C GLU F 158 15.06 -26.70 17.82
N GLN F 159 15.06 -27.25 16.61
CA GLN F 159 16.26 -27.29 15.82
C GLN F 159 16.82 -25.91 15.51
N LYS F 160 15.96 -25.00 15.07
CA LYS F 160 16.41 -23.63 14.76
C LYS F 160 17.00 -22.89 15.95
N THR F 161 16.34 -23.00 17.10
CA THR F 161 16.88 -22.37 18.29
C THR F 161 18.25 -22.88 18.71
N THR F 162 18.60 -24.11 18.31
CA THR F 162 19.97 -24.61 18.62
C THR F 162 21.05 -23.86 17.86
N GLU F 163 20.66 -23.19 16.78
CA GLU F 163 21.61 -22.48 15.90
C GLU F 163 21.73 -20.99 16.22
N LEU F 164 20.86 -20.45 17.05
CA LEU F 164 20.87 -19.01 17.26
C LEU F 164 22.11 -18.49 17.94
N ALA F 165 22.68 -19.24 18.89
CA ALA F 165 23.92 -18.76 19.50
C ALA F 165 24.99 -18.56 18.44
N ARG F 166 25.11 -19.52 17.54
CA ARG F 166 26.14 -19.44 16.50
C ARG F 166 25.91 -18.26 15.58
N VAL F 167 24.70 -18.11 15.06
CA VAL F 167 24.48 -17.05 14.08
C VAL F 167 24.47 -15.67 14.72
N TYR F 168 23.93 -15.55 15.95
CA TYR F 168 24.00 -14.28 16.65
C TYR F 168 25.43 -13.89 17.02
N SER F 169 26.24 -14.88 17.42
CA SER F 169 27.61 -14.58 17.77
C SER F 169 28.35 -14.05 16.53
N ALA F 170 28.09 -14.66 15.39
CA ALA F 170 28.74 -14.23 14.13
C ALA F 170 28.29 -12.82 13.79
N LEU F 171 26.99 -12.55 13.89
CA LEU F 171 26.46 -11.21 13.65
C LEU F 171 27.09 -10.18 14.58
N ALA F 172 27.11 -10.47 15.88
CA ALA F 172 27.58 -9.50 16.84
C ALA F 172 29.07 -9.23 16.62
N SER F 173 29.79 -10.26 16.24
CA SER F 173 31.22 -10.10 15.94
C SER F 173 31.42 -9.17 14.76
N PHE F 174 30.62 -9.37 13.70
CA PHE F 174 30.70 -8.55 12.51
C PHE F 174 30.35 -7.10 12.83
N MET F 175 29.30 -6.92 13.62
CA MET F 175 28.82 -5.58 13.98
C MET F 175 29.58 -4.91 15.11
N LYS F 176 30.53 -5.66 15.70
CA LYS F 176 31.40 -5.17 16.75
C LYS F 176 30.62 -4.70 17.99
N VAL F 177 29.66 -5.55 18.39
CA VAL F 177 28.85 -5.34 19.57
C VAL F 177 28.86 -6.57 20.47
N PRO F 178 28.61 -6.33 21.79
CA PRO F 178 28.57 -7.43 22.75
C PRO F 178 27.50 -8.49 22.51
N PHE F 179 27.85 -9.73 22.79
CA PHE F 179 26.99 -10.90 22.65
C PHE F 179 27.01 -11.72 23.91
N PHE F 180 25.88 -12.30 24.23
CA PHE F 180 25.76 -13.27 25.32
C PHE F 180 24.77 -14.33 24.99
N ASP F 181 25.12 -15.59 25.18
CA ASP F 181 24.20 -16.69 24.96
C ASP F 181 23.44 -17.09 26.21
N ALA F 182 22.14 -16.87 26.30
CA ALA F 182 21.39 -17.28 27.50
C ALA F 182 21.49 -18.80 27.71
N GLY F 183 21.58 -19.56 26.64
CA GLY F 183 21.77 -21.00 26.71
C GLY F 183 23.04 -21.46 27.36
N SER F 184 24.02 -20.58 27.49
CA SER F 184 25.27 -20.89 28.20
C SER F 184 25.07 -21.00 29.69
N VAL F 185 23.97 -20.49 30.22
CA VAL F 185 23.71 -20.51 31.65
C VAL F 185 22.45 -21.28 32.03
N ILE F 186 21.43 -21.27 31.19
CA ILE F 186 20.21 -22.02 31.51
C ILE F 186 19.75 -22.87 30.35
N SER F 187 19.01 -23.95 30.68
CA SER F 187 18.20 -24.69 29.74
C SER F 187 16.75 -24.27 29.93
N THR F 188 15.96 -24.48 28.89
CA THR F 188 14.52 -24.12 28.94
C THR F 188 13.81 -25.22 29.74
N ASP F 189 13.52 -24.91 31.00
CA ASP F 189 13.05 -25.95 31.94
C ASP F 189 11.59 -25.83 32.30
N GLY F 190 10.87 -24.84 31.76
CA GLY F 190 9.44 -24.69 31.98
C GLY F 190 8.68 -25.91 31.49
N VAL F 191 7.58 -26.19 32.15
CA VAL F 191 6.78 -27.41 31.89
C VAL F 191 6.26 -27.51 30.45
N ASP F 192 6.09 -26.36 29.78
CA ASP F 192 5.65 -26.34 28.40
C ASP F 192 6.70 -26.52 27.34
N GLY F 193 7.98 -26.62 27.74
CA GLY F 193 9.08 -26.71 26.78
C GLY F 193 9.54 -25.40 26.15
N ILE F 194 8.94 -24.28 26.55
CA ILE F 194 9.17 -22.96 25.95
C ILE F 194 9.66 -21.93 26.95
N HIS F 195 9.00 -21.86 28.10
CA HIS F 195 9.22 -20.76 29.01
C HIS F 195 10.07 -21.18 30.23
N PHE F 196 10.35 -20.21 31.08
CA PHE F 196 11.37 -20.36 32.16
C PHE F 196 10.72 -20.72 33.49
N THR F 197 11.47 -21.51 34.25
CA THR F 197 11.14 -21.74 35.65
C THR F 197 11.59 -20.55 36.51
N GLU F 198 11.17 -20.54 37.77
CA GLU F 198 11.69 -19.57 38.74
C GLU F 198 13.22 -19.62 38.78
N ALA F 199 13.78 -20.80 38.84
CA ALA F 199 15.25 -20.95 38.91
C ALA F 199 15.92 -20.48 37.61
N ASN F 200 15.31 -20.74 36.46
CA ASN F 200 15.84 -20.24 35.17
C ASN F 200 15.90 -18.71 35.22
N ASN F 201 14.83 -18.08 35.73
CA ASN F 201 14.80 -16.63 35.83
C ASN F 201 15.91 -16.12 36.76
N ARG F 202 16.07 -16.77 37.92
CA ARG F 202 17.12 -16.37 38.85
C ARG F 202 18.49 -16.48 38.20
N ASP F 203 18.76 -17.63 37.58
CA ASP F 203 20.08 -17.88 37.01
C ASP F 203 20.42 -16.92 35.90
N LEU F 204 19.45 -16.64 35.03
CA LEU F 204 19.69 -15.71 33.94
C LEU F 204 19.84 -14.28 34.47
N GLY F 205 19.03 -13.88 35.45
CA GLY F 205 19.15 -12.54 36.00
C GLY F 205 20.52 -12.31 36.62
N VAL F 206 21.02 -13.28 37.39
CA VAL F 206 22.34 -13.17 38.00
C VAL F 206 23.39 -13.09 36.90
N ALA F 207 23.32 -13.94 35.88
CA ALA F 207 24.30 -13.93 34.79
C ALA F 207 24.29 -12.61 34.05
N LEU F 208 23.10 -12.10 33.76
CA LEU F 208 23.03 -10.82 33.05
C LEU F 208 23.51 -9.65 33.88
N ALA F 209 23.37 -9.70 35.20
CA ALA F 209 23.88 -8.63 36.03
C ALA F 209 25.39 -8.54 35.88
N GLU F 210 26.05 -9.70 35.80
CA GLU F 210 27.51 -9.72 35.58
C GLU F 210 27.84 -9.12 34.22
N GLN F 211 27.05 -9.44 33.21
CA GLN F 211 27.31 -8.89 31.87
C GLN F 211 27.12 -7.38 31.89
N VAL F 212 26.09 -6.87 32.56
CA VAL F 212 25.85 -5.43 32.61
C VAL F 212 27.02 -4.74 33.30
N ARG F 213 27.46 -5.25 34.43
CA ARG F 213 28.57 -4.63 35.16
C ARG F 213 29.79 -4.58 34.30
N SER F 214 30.02 -5.62 33.49
CA SER F 214 31.21 -5.62 32.62
C SER F 214 31.16 -4.52 31.59
N LEU F 215 29.97 -4.09 31.15
CA LEU F 215 29.84 -3.14 30.05
C LEU F 215 29.72 -1.69 30.49
N LEU F 216 29.30 -1.46 31.72
CA LEU F 216 28.91 -0.13 32.19
C LEU F 216 29.81 0.33 33.33
N ALA G 2 -0.48 2.66 -44.67
CA ALA G 2 -1.32 3.78 -44.15
C ALA G 2 -0.66 4.30 -42.89
N LYS G 3 -0.77 5.59 -42.68
CA LYS G 3 -0.35 6.20 -41.42
C LYS G 3 -1.45 5.98 -40.38
N ARG G 4 -1.02 5.65 -39.18
CA ARG G 4 -1.88 5.15 -38.12
C ARG G 4 -2.07 6.20 -37.04
N ILE G 5 -3.33 6.46 -36.72
CA ILE G 5 -3.75 7.50 -35.82
C ILE G 5 -4.58 6.91 -34.71
N LEU G 6 -4.08 6.96 -33.48
CA LEU G 6 -4.79 6.50 -32.29
C LEU G 6 -5.52 7.67 -31.63
N CYS G 7 -6.84 7.55 -31.49
CA CYS G 7 -7.67 8.56 -30.84
C CYS G 7 -7.97 8.10 -29.42
N PHE G 8 -7.24 8.66 -28.45
CA PHE G 8 -7.37 8.33 -27.04
C PHE G 8 -8.25 9.36 -26.35
N GLY G 9 -9.34 8.92 -25.73
CA GLY G 9 -10.26 9.86 -25.14
C GLY G 9 -11.29 9.24 -24.24
N ASP G 10 -12.37 9.97 -24.03
CA ASP G 10 -13.43 9.60 -23.10
C ASP G 10 -14.72 9.32 -23.90
C1 N10 G 11 -18.02 11.19 -21.38
O2 N10 G 11 -16.99 10.70 -20.90
N N10 G 11 -15.88 9.55 -23.33
CA N10 G 11 -17.16 9.31 -24.03
CB N10 G 11 -18.27 9.61 -23.07
OG N10 G 11 -18.34 10.94 -22.63
N1 N10 G 11 -18.83 12.03 -20.81
CA1 N10 G 11 -18.77 12.49 -19.43
CB2 N10 G 11 -19.86 11.89 -18.57
CG3 N10 G 11 -19.85 10.39 -18.43
CD4 N10 G 11 -21.03 9.85 -17.63
CG5 N10 G 11 -20.92 8.34 -17.40
CD6 N10 G 11 -22.16 7.73 -16.76
C N10 G 11 -17.30 10.18 -25.25
O N10 G 11 -18.03 9.80 -26.16
N LEU G 12 -16.66 11.33 -25.29
CA LEU G 12 -16.72 12.20 -26.46
C LEU G 12 -16.01 11.58 -27.63
N THR G 13 -15.00 10.73 -27.37
CA THR G 13 -14.29 9.98 -28.40
C THR G 13 -15.02 8.66 -28.70
N TRP G 14 -15.49 7.96 -27.68
CA TRP G 14 -16.29 6.73 -27.86
C TRP G 14 -17.51 7.01 -28.74
N GLY G 15 -18.17 8.13 -28.52
CA GLY G 15 -19.37 8.48 -29.30
C GLY G 15 -20.66 8.27 -28.52
N TRP G 16 -20.72 8.80 -27.31
CA TRP G 16 -21.90 8.69 -26.47
C TRP G 16 -23.06 9.51 -27.05
N VAL G 17 -24.20 8.85 -27.31
CA VAL G 17 -25.36 9.55 -27.81
C VAL G 17 -26.07 10.28 -26.66
N PRO G 18 -26.21 11.62 -26.72
CA PRO G 18 -26.85 12.32 -25.63
C PRO G 18 -28.30 11.90 -25.49
N VAL G 19 -28.74 11.68 -24.26
CA VAL G 19 -30.16 11.35 -23.96
C VAL G 19 -30.70 12.22 -22.83
N GLU G 20 -32.00 12.57 -22.93
CA GLU G 20 -32.60 13.47 -21.98
C GLU G 20 -32.66 12.89 -20.59
N ASP G 21 -32.76 11.58 -20.50
CA ASP G 21 -32.78 10.97 -19.17
C ASP G 21 -31.43 10.52 -18.65
N GLY G 22 -30.38 11.04 -19.27
CA GLY G 22 -29.02 10.97 -18.66
C GLY G 22 -28.25 9.76 -19.14
N ALA G 23 -28.76 8.61 -18.75
CA ALA G 23 -28.22 7.30 -19.07
C ALA G 23 -29.33 6.30 -18.84
N PRO G 24 -29.26 5.12 -19.44
CA PRO G 24 -28.22 4.58 -20.35
C PRO G 24 -28.41 5.03 -21.77
N THR G 25 -27.40 4.78 -22.58
CA THR G 25 -27.42 5.17 -23.96
C THR G 25 -26.70 4.13 -24.83
N GLU G 26 -26.46 4.47 -26.08
CA GLU G 26 -25.70 3.64 -27.00
C GLU G 26 -24.63 4.49 -27.68
N ARG G 27 -23.88 3.86 -28.56
CA ARG G 27 -22.81 4.51 -29.31
C ARG G 27 -23.35 5.07 -30.63
N PHE G 28 -22.86 6.23 -31.04
CA PHE G 28 -23.12 6.72 -32.41
C PHE G 28 -22.58 5.71 -33.39
N ALA G 29 -23.22 5.61 -34.55
CA ALA G 29 -22.78 4.71 -35.58
C ALA G 29 -21.37 5.01 -36.05
N PRO G 30 -20.70 3.98 -36.58
CA PRO G 30 -19.30 4.15 -36.91
C PRO G 30 -19.01 5.24 -37.93
N ASP G 31 -19.95 5.55 -38.82
CA ASP G 31 -19.79 6.60 -39.81
C ASP G 31 -20.27 7.96 -39.33
N VAL G 32 -20.77 8.05 -38.09
CA VAL G 32 -21.33 9.26 -37.51
C VAL G 32 -20.41 9.84 -36.40
N ARG G 33 -19.93 8.98 -35.52
CA ARG G 33 -18.99 9.47 -34.48
C ARG G 33 -17.78 10.08 -35.14
N TRP G 34 -17.19 11.08 -34.47
CA TRP G 34 -16.15 11.90 -35.14
C TRP G 34 -14.93 11.08 -35.54
N THR G 35 -14.61 10.03 -34.80
CA THR G 35 -13.47 9.20 -35.20
C THR G 35 -13.73 8.55 -36.56
N GLY G 36 -14.97 8.20 -36.86
CA GLY G 36 -15.36 7.64 -38.18
C GLY G 36 -15.38 8.70 -39.26
N VAL G 37 -15.84 9.89 -38.94
CA VAL G 37 -15.78 11.03 -39.87
C VAL G 37 -14.33 11.35 -40.18
N LEU G 38 -13.49 11.41 -39.16
CA LEU G 38 -12.07 11.58 -39.39
C LEU G 38 -11.53 10.58 -40.36
N ALA G 39 -11.81 9.30 -40.15
CA ALA G 39 -11.31 8.24 -41.02
C ALA G 39 -11.80 8.43 -42.45
N GLN G 40 -13.06 8.76 -42.60
CA GLN G 40 -13.65 8.90 -43.93
C GLN G 40 -13.02 10.09 -44.63
N GLN G 41 -12.83 11.19 -43.94
CA GLN G 41 -12.28 12.40 -44.51
C GLN G 41 -10.83 12.26 -44.88
N LEU G 42 -10.10 11.50 -44.08
CA LEU G 42 -8.66 11.29 -44.38
C LEU G 42 -8.46 10.33 -45.55
N GLY G 43 -9.29 9.29 -45.61
CA GLY G 43 -9.18 8.28 -46.66
C GLY G 43 -8.15 7.20 -46.46
N ALA G 44 -7.88 6.46 -47.53
CA ALA G 44 -7.17 5.22 -47.47
C ALA G 44 -5.70 5.27 -47.08
N ASP G 45 -5.08 6.44 -47.13
CA ASP G 45 -3.68 6.59 -46.74
C ASP G 45 -3.54 6.69 -45.23
N PHE G 46 -4.67 6.66 -44.52
CA PHE G 46 -4.70 6.75 -43.04
C PHE G 46 -5.56 5.65 -42.45
N GLU G 47 -5.28 5.32 -41.20
CA GLU G 47 -6.05 4.33 -40.43
C GLU G 47 -6.30 4.91 -39.06
N VAL G 48 -7.51 4.84 -38.56
CA VAL G 48 -7.89 5.43 -37.29
C VAL G 48 -8.18 4.29 -36.33
N ILE G 49 -7.65 4.40 -35.12
CA ILE G 49 -7.85 3.44 -34.05
C ILE G 49 -8.60 4.17 -32.93
N GLU G 50 -9.77 3.63 -32.56
CA GLU G 50 -10.70 4.24 -31.60
C GLU G 50 -10.45 3.71 -30.20
N GLU G 51 -9.96 4.59 -29.30
CA GLU G 51 -9.72 4.24 -27.90
C GLU G 51 -10.35 5.28 -26.97
N GLY G 52 -11.67 5.37 -27.09
CA GLY G 52 -12.48 6.23 -26.22
C GLY G 52 -13.19 5.40 -25.17
N LEU G 53 -13.01 5.79 -23.90
CA LEU G 53 -13.64 5.11 -22.78
C LEU G 53 -14.50 6.08 -22.01
N SER G 54 -15.81 5.86 -21.99
CA SER G 54 -16.68 6.80 -21.30
C SER G 54 -16.27 6.96 -19.86
N ALA G 55 -16.33 8.20 -19.40
CA ALA G 55 -16.01 8.62 -18.05
C ALA G 55 -14.49 8.70 -17.73
N ARG G 56 -13.64 8.41 -18.70
CA ARG G 56 -12.20 8.41 -18.43
C ARG G 56 -11.71 9.79 -18.07
N THR G 57 -10.77 9.83 -17.12
CA THR G 57 -10.06 11.03 -16.70
C THR G 57 -8.64 11.01 -17.25
N THR G 58 -7.94 12.13 -17.14
CA THR G 58 -6.54 12.17 -17.52
C THR G 58 -5.69 11.21 -16.71
N ASN G 59 -5.63 11.42 -15.39
CA ASN G 59 -4.74 10.59 -14.57
C ASN G 59 -5.22 10.46 -13.14
N ILE G 60 -6.53 10.47 -12.92
CA ILE G 60 -7.06 10.44 -11.57
C ILE G 60 -8.00 9.26 -11.43
N ASP G 61 -7.79 8.46 -10.40
CA ASP G 61 -8.70 7.35 -10.14
C ASP G 61 -10.10 7.90 -9.76
N ASP G 62 -11.13 7.25 -10.29
CA ASP G 62 -12.49 7.60 -9.95
C ASP G 62 -12.98 6.62 -8.87
N PRO G 63 -13.41 7.13 -7.72
CA PRO G 63 -13.79 6.20 -6.64
C PRO G 63 -14.98 5.32 -6.98
N THR G 64 -15.72 5.67 -8.03
CA THR G 64 -16.87 4.85 -8.42
C THR G 64 -16.57 3.76 -9.44
N ASP G 65 -15.37 3.73 -10.03
CA ASP G 65 -15.12 2.86 -11.18
C ASP G 65 -13.64 2.78 -11.41
N PRO G 66 -13.03 1.57 -11.27
CA PRO G 66 -11.60 1.45 -11.38
C PRO G 66 -11.05 1.49 -12.81
N ARG G 67 -11.90 1.60 -13.80
CA ARG G 67 -11.49 1.52 -15.19
C ARG G 67 -11.01 2.86 -15.79
N LEU G 68 -11.14 3.94 -15.07
CA LEU G 68 -11.24 5.26 -15.68
C LEU G 68 -9.98 6.14 -15.67
N ASN G 69 -8.87 5.69 -15.10
CA ASN G 69 -7.65 6.50 -15.10
C ASN G 69 -6.95 6.36 -16.42
N GLY G 70 -6.94 7.43 -17.23
CA GLY G 70 -6.33 7.35 -18.55
C GLY G 70 -4.87 6.97 -18.54
N ALA G 71 -4.12 7.60 -17.63
CA ALA G 71 -2.67 7.37 -17.51
C ALA G 71 -2.33 5.95 -17.08
N SER G 72 -3.22 5.28 -16.37
CA SER G 72 -3.00 3.87 -16.03
C SER G 72 -3.01 2.97 -17.24
N TYR G 73 -3.77 3.35 -18.27
CA TYR G 73 -4.06 2.53 -19.45
C TYR G 73 -3.19 2.85 -20.66
N LEU G 74 -2.88 4.14 -20.84
CA LEU G 74 -2.29 4.60 -22.08
C LEU G 74 -0.98 3.88 -22.45
N PRO G 75 -0.02 3.72 -21.51
CA PRO G 75 1.20 3.02 -21.96
C PRO G 75 1.00 1.62 -22.54
N SER G 76 0.10 0.83 -21.94
CA SER G 76 -0.21 -0.49 -22.43
C SER G 76 -0.91 -0.41 -23.81
N CYS G 77 -1.76 0.60 -23.95
CA CYS G 77 -2.48 0.84 -25.19
C CYS G 77 -1.51 1.21 -26.33
N LEU G 78 -0.58 2.12 -26.07
CA LEU G 78 0.39 2.47 -27.09
C LEU G 78 1.20 1.27 -27.53
N ALA G 79 1.69 0.47 -26.56
CA ALA G 79 2.52 -0.69 -26.95
C ALA G 79 1.71 -1.75 -27.68
N THR G 80 0.40 -1.82 -27.40
CA THR G 80 -0.50 -2.68 -28.13
C THR G 80 -0.63 -2.31 -29.62
N HIS G 81 -0.65 -1.00 -29.89
CA HIS G 81 -1.00 -0.52 -31.22
C HIS G 81 0.13 -0.09 -32.10
N LEU G 82 1.36 -0.13 -31.60
CA LEU G 82 2.51 0.13 -32.50
C LEU G 82 2.41 -0.80 -33.71
N PRO G 83 2.80 -0.30 -34.89
CA PRO G 83 3.37 1.00 -35.15
C PRO G 83 2.29 2.10 -35.22
N LEU G 84 2.62 3.29 -34.70
CA LEU G 84 1.74 4.45 -34.69
C LEU G 84 2.45 5.66 -35.25
N ASP G 85 1.69 6.53 -35.92
CA ASP G 85 2.20 7.82 -36.40
C ASP G 85 1.78 9.03 -35.58
N LEU G 86 0.56 8.99 -35.02
CA LEU G 86 0.01 10.11 -34.27
C LEU G 86 -0.94 9.59 -33.21
N VAL G 87 -0.92 10.21 -32.03
CA VAL G 87 -1.91 9.97 -30.99
C VAL G 87 -2.62 11.29 -30.71
N ILE G 88 -3.93 11.33 -30.92
CA ILE G 88 -4.78 12.44 -30.58
C ILE G 88 -5.36 12.21 -29.22
N ILE G 89 -5.14 13.14 -28.28
CA ILE G 89 -5.65 12.96 -26.93
C ILE G 89 -6.64 14.04 -26.63
N MET G 90 -7.92 13.69 -26.42
CA MET G 90 -8.95 14.63 -25.98
C MET G 90 -9.52 14.13 -24.68
N LEU G 91 -9.06 14.73 -23.58
CA LEU G 91 -9.45 14.37 -22.23
C LEU G 91 -9.46 15.62 -21.38
N GLY G 92 -10.12 15.49 -20.23
CA GLY G 92 -10.24 16.56 -19.25
C GLY G 92 -11.64 16.86 -18.78
N THR G 93 -12.63 16.53 -19.61
CA THR G 93 -14.01 16.80 -19.25
C THR G 93 -14.34 16.09 -17.93
N ASN G 94 -14.00 14.80 -17.80
CA ASN G 94 -14.38 14.09 -16.58
C ASN G 94 -13.66 14.60 -15.35
N ASP G 95 -12.45 15.09 -15.54
CA ASP G 95 -11.69 15.65 -14.44
C ASP G 95 -12.36 16.85 -13.79
N THR G 96 -13.26 17.50 -14.53
CA THR G 96 -13.98 18.65 -14.02
C THR G 96 -15.20 18.32 -13.20
N LYS G 97 -15.51 17.05 -13.00
CA LYS G 97 -16.56 16.65 -12.08
C LYS G 97 -16.23 17.16 -10.66
N ALA G 98 -17.26 17.62 -9.96
CA ALA G 98 -17.08 18.30 -8.69
C ALA G 98 -16.32 17.45 -7.73
N TYR G 99 -16.54 16.14 -7.71
CA TYR G 99 -15.95 15.31 -6.67
C TYR G 99 -14.45 15.19 -6.75
N PHE G 100 -13.87 15.46 -7.90
CA PHE G 100 -12.40 15.42 -8.03
C PHE G 100 -11.76 16.69 -7.49
N ARG G 101 -12.49 17.79 -7.34
CA ARG G 101 -11.92 19.00 -6.75
C ARG G 101 -10.61 19.41 -7.46
N ARG G 102 -10.58 19.29 -8.78
CA ARG G 102 -9.42 19.66 -9.58
C ARG G 102 -9.55 21.05 -10.19
N THR G 103 -8.43 21.76 -10.22
CA THR G 103 -8.31 22.99 -10.96
C THR G 103 -7.90 22.74 -12.39
N PRO G 104 -8.11 23.73 -13.27
CA PRO G 104 -7.55 23.58 -14.63
C PRO G 104 -6.06 23.20 -14.69
N LEU G 105 -5.25 23.74 -13.81
CA LEU G 105 -3.87 23.34 -13.71
C LEU G 105 -3.71 21.88 -13.40
N ASP G 106 -4.43 21.38 -12.41
CA ASP G 106 -4.33 19.98 -12.05
C ASP G 106 -4.60 19.11 -13.29
N ILE G 107 -5.61 19.52 -14.08
CA ILE G 107 -6.04 18.74 -15.23
C ILE G 107 -4.99 18.82 -16.34
N ALA G 108 -4.44 20.01 -16.58
CA ALA G 108 -3.31 20.14 -17.50
C ALA G 108 -2.09 19.30 -17.06
N LEU G 109 -1.86 19.18 -15.76
CA LEU G 109 -0.77 18.31 -15.30
C LEU G 109 -1.07 16.85 -15.58
N GLY G 110 -2.33 16.43 -15.48
CA GLY G 110 -2.71 15.10 -15.92
C GLY G 110 -2.50 14.89 -17.42
N MET G 111 -2.90 15.85 -18.25
CA MET G 111 -2.61 15.80 -19.65
C MET G 111 -1.10 15.71 -19.94
N SER G 112 -0.27 16.43 -19.14
CA SER G 112 1.19 16.41 -19.31
C SER G 112 1.73 14.97 -19.14
N VAL G 113 1.19 14.24 -18.18
CA VAL G 113 1.61 12.86 -17.98
C VAL G 113 1.32 12.03 -19.22
N LEU G 114 0.13 12.20 -19.80
CA LEU G 114 -0.23 11.47 -21.00
C LEU G 114 0.68 11.83 -22.20
N VAL G 115 0.93 13.14 -22.36
CA VAL G 115 1.82 13.57 -23.42
C VAL G 115 3.18 12.91 -23.29
N THR G 116 3.74 12.95 -22.09
CA THR G 116 5.02 12.29 -21.87
C THR G 116 4.99 10.78 -22.13
N GLN G 117 3.88 10.12 -21.79
CA GLN G 117 3.72 8.70 -22.13
C GLN G 117 3.81 8.48 -23.62
N VAL G 118 3.18 9.35 -24.42
CA VAL G 118 3.31 9.21 -25.87
C VAL G 118 4.76 9.48 -26.34
N LEU G 119 5.34 10.58 -25.87
CA LEU G 119 6.67 10.97 -26.32
C LEU G 119 7.74 9.94 -25.98
N THR G 120 7.54 9.18 -24.91
CA THR G 120 8.52 8.18 -24.45
C THR G 120 8.18 6.74 -24.86
N SER G 121 7.23 6.57 -25.80
CA SER G 121 6.71 5.27 -26.18
C SER G 121 7.53 4.50 -27.26
N ALA G 122 8.61 5.06 -27.79
CA ALA G 122 9.37 4.37 -28.83
C ALA G 122 9.75 2.96 -28.39
N GLY G 123 9.68 2.05 -29.35
CA GLY G 123 10.00 0.66 -29.18
C GLY G 123 8.94 -0.24 -28.61
N GLY G 124 8.05 0.31 -27.80
CA GLY G 124 7.05 -0.54 -27.17
C GLY G 124 7.69 -1.69 -26.45
N VAL G 125 7.16 -2.88 -26.68
CA VAL G 125 7.76 -4.11 -26.17
C VAL G 125 8.50 -4.76 -27.31
N GLY G 126 9.82 -4.62 -27.28
CA GLY G 126 10.65 -5.39 -28.22
C GLY G 126 10.63 -5.00 -29.68
N THR G 127 10.22 -3.77 -30.02
CA THR G 127 10.18 -3.39 -31.42
C THR G 127 11.19 -2.32 -31.80
N THR G 128 11.28 -2.15 -33.12
CA THR G 128 12.11 -1.13 -33.73
C THR G 128 11.35 0.15 -34.09
N TYR G 129 10.11 0.27 -33.63
CA TYR G 129 9.26 1.38 -34.06
C TYR G 129 9.50 2.65 -33.29
N PRO G 130 9.37 3.79 -33.96
CA PRO G 130 9.52 5.08 -33.31
C PRO G 130 8.32 5.47 -32.50
N ALA G 131 8.48 6.49 -31.66
CA ALA G 131 7.33 7.12 -31.00
C ALA G 131 6.48 7.81 -32.03
N PRO G 132 5.16 7.77 -31.85
CA PRO G 132 4.28 8.64 -32.64
C PRO G 132 4.39 10.07 -32.18
N LYS G 133 3.96 11.00 -33.03
CA LYS G 133 3.65 12.35 -32.60
C LYS G 133 2.40 12.38 -31.73
N VAL G 134 2.16 13.52 -31.13
CA VAL G 134 0.99 13.71 -30.25
C VAL G 134 0.29 14.98 -30.63
N LEU G 135 -1.04 14.98 -30.48
CA LEU G 135 -1.83 16.18 -30.67
C LEU G 135 -2.69 16.30 -29.42
N VAL G 136 -2.49 17.37 -28.65
CA VAL G 136 -3.27 17.67 -27.45
C VAL G 136 -4.52 18.42 -27.89
N VAL G 137 -5.69 17.91 -27.49
CA VAL G 137 -6.96 18.54 -27.83
C VAL G 137 -7.73 18.91 -26.57
N SER G 138 -8.03 20.20 -26.36
CA SER G 138 -8.97 20.57 -25.35
C SER G 138 -10.40 20.31 -25.82
N PRO G 139 -11.22 19.70 -24.96
CA PRO G 139 -12.60 19.49 -25.31
C PRO G 139 -13.33 20.80 -25.32
N PRO G 140 -14.50 20.87 -25.97
CA PRO G 140 -15.27 22.11 -25.89
C PRO G 140 -15.81 22.36 -24.48
N PRO G 141 -16.15 23.61 -24.14
CA PRO G 141 -16.79 23.87 -22.87
C PRO G 141 -18.07 23.10 -22.70
N LEU G 142 -18.31 22.62 -21.51
CA LEU G 142 -19.63 22.08 -21.13
C LEU G 142 -20.71 23.17 -21.23
N ALA G 143 -21.97 22.74 -21.21
CA ALA G 143 -23.11 23.60 -21.36
C ALA G 143 -24.14 23.25 -20.28
N PRO G 144 -25.23 24.03 -20.20
CA PRO G 144 -26.23 23.72 -19.20
C PRO G 144 -26.83 22.33 -19.32
N MET G 145 -27.04 21.68 -18.17
CA MET G 145 -27.43 20.28 -18.09
C MET G 145 -28.79 20.12 -17.45
N PRO G 146 -29.80 19.71 -18.22
CA PRO G 146 -31.12 19.55 -17.61
C PRO G 146 -31.25 18.42 -16.60
N HIS G 147 -30.41 17.37 -16.66
CA HIS G 147 -30.64 16.25 -15.75
C HIS G 147 -30.06 16.55 -14.39
N PRO G 148 -30.84 16.45 -13.30
CA PRO G 148 -30.35 16.85 -12.00
C PRO G 148 -29.08 16.13 -11.55
N TRP G 149 -28.89 14.88 -11.96
CA TRP G 149 -27.67 14.18 -11.54
C TRP G 149 -26.48 14.70 -12.29
N PHE G 150 -26.58 14.93 -13.59
CA PHE G 150 -25.47 15.56 -14.31
C PHE G 150 -25.15 16.94 -13.74
N GLN G 151 -26.15 17.74 -13.43
CA GLN G 151 -25.92 19.06 -12.83
C GLN G 151 -25.10 18.91 -11.54
N LEU G 152 -25.46 17.94 -10.70
CA LEU G 152 -24.74 17.73 -9.45
C LEU G 152 -23.32 17.30 -9.67
N ILE G 153 -23.10 16.27 -10.47
CA ILE G 153 -21.75 15.73 -10.59
C ILE G 153 -20.82 16.70 -11.33
N PHE G 154 -21.35 17.58 -12.19
CA PHE G 154 -20.55 18.51 -12.94
C PHE G 154 -20.58 19.94 -12.39
N GLU G 155 -21.05 20.14 -11.15
CA GLU G 155 -21.05 21.46 -10.60
C GLU G 155 -19.64 22.03 -10.60
N GLY G 156 -19.50 23.22 -11.15
CA GLY G 156 -18.19 23.87 -11.35
C GLY G 156 -17.48 23.47 -12.60
N GLY G 157 -17.98 22.50 -13.33
CA GLY G 157 -17.31 21.99 -14.48
C GLY G 157 -17.36 22.83 -15.72
N GLU G 158 -18.49 23.46 -15.98
CA GLU G 158 -18.61 24.39 -17.09
C GLU G 158 -17.47 25.42 -17.02
N GLN G 159 -17.31 25.99 -15.81
CA GLN G 159 -16.30 27.01 -15.61
C GLN G 159 -14.87 26.45 -15.86
N LYS G 160 -14.58 25.25 -15.39
CA LYS G 160 -13.27 24.69 -15.58
C LYS G 160 -13.00 24.29 -17.00
N THR G 161 -14.00 23.71 -17.69
CA THR G 161 -13.80 23.38 -19.10
C THR G 161 -13.54 24.61 -19.97
N THR G 162 -14.13 25.75 -19.63
CA THR G 162 -13.85 27.00 -20.32
C THR G 162 -12.36 27.41 -20.28
N GLU G 163 -11.63 26.96 -19.25
CA GLU G 163 -10.23 27.31 -19.12
C GLU G 163 -9.29 26.33 -19.80
N LEU G 164 -9.79 25.18 -20.25
CA LEU G 164 -8.90 24.11 -20.71
C LEU G 164 -8.15 24.50 -21.97
N ALA G 165 -8.76 25.23 -22.90
CA ALA G 165 -8.00 25.64 -24.09
C ALA G 165 -6.78 26.45 -23.73
N ARG G 166 -6.95 27.37 -22.79
CA ARG G 166 -5.81 28.23 -22.41
C ARG G 166 -4.75 27.42 -21.70
N VAL G 167 -5.11 26.59 -20.73
CA VAL G 167 -4.09 25.85 -19.99
C VAL G 167 -3.43 24.78 -20.85
N TYR G 168 -4.18 24.06 -21.66
CA TYR G 168 -3.57 23.06 -22.55
C TYR G 168 -2.69 23.70 -23.62
N SER G 169 -3.09 24.87 -24.15
CA SER G 169 -2.22 25.57 -25.11
C SER G 169 -0.89 25.93 -24.48
N ALA G 170 -0.94 26.41 -23.25
CA ALA G 170 0.30 26.78 -22.52
C ALA G 170 1.15 25.54 -22.31
N LEU G 171 0.53 24.43 -21.89
CA LEU G 171 1.25 23.17 -21.71
C LEU G 171 1.91 22.71 -22.99
N ALA G 172 1.12 22.64 -24.04
CA ALA G 172 1.62 22.14 -25.30
C ALA G 172 2.76 23.00 -25.85
N SER G 173 2.62 24.31 -25.69
CA SER G 173 3.69 25.21 -26.09
C SER G 173 4.97 24.90 -25.32
N PHE G 174 4.85 24.75 -24.02
CA PHE G 174 6.02 24.46 -23.18
C PHE G 174 6.65 23.14 -23.57
N MET G 175 5.84 22.13 -23.83
CA MET G 175 6.32 20.78 -24.17
C MET G 175 6.70 20.65 -25.64
N LYS G 176 6.47 21.72 -26.44
CA LYS G 176 6.80 21.69 -27.85
C LYS G 176 6.07 20.59 -28.64
N VAL G 177 4.76 20.50 -28.40
CA VAL G 177 3.90 19.55 -29.09
C VAL G 177 2.69 20.26 -29.66
N PRO G 178 2.11 19.68 -30.73
CA PRO G 178 0.92 20.26 -31.33
C PRO G 178 -0.31 20.32 -30.41
N PHE G 179 -1.09 21.37 -30.61
CA PHE G 179 -2.30 21.68 -29.85
C PHE G 179 -3.43 22.05 -30.81
N PHE G 180 -4.64 21.61 -30.47
CA PHE G 180 -5.85 22.03 -31.14
C PHE G 180 -6.97 22.15 -30.15
N ASP G 181 -7.75 23.22 -30.23
CA ASP G 181 -8.91 23.42 -29.37
C ASP G 181 -10.22 22.96 -30.08
N ALA G 182 -10.83 21.88 -29.60
CA ALA G 182 -12.10 21.44 -30.21
C ALA G 182 -13.15 22.52 -30.06
N GLY G 183 -13.09 23.31 -29.02
CA GLY G 183 -14.01 24.43 -28.82
C GLY G 183 -13.91 25.54 -29.83
N SER G 184 -12.87 25.55 -30.64
CA SER G 184 -12.68 26.55 -31.70
C SER G 184 -13.56 26.20 -32.90
N VAL G 185 -14.06 24.97 -32.99
CA VAL G 185 -14.90 24.58 -34.12
C VAL G 185 -16.28 24.08 -33.75
N ILE G 186 -16.52 23.66 -32.52
CA ILE G 186 -17.84 23.25 -32.06
C ILE G 186 -18.15 23.77 -30.68
N SER G 187 -19.41 23.89 -30.37
CA SER G 187 -19.94 24.01 -29.05
C SER G 187 -20.58 22.68 -28.65
N THR G 188 -20.68 22.44 -27.35
CA THR G 188 -21.33 21.22 -26.82
C THR G 188 -22.83 21.38 -26.97
N ASP G 189 -23.38 20.72 -27.98
CA ASP G 189 -24.78 20.99 -28.37
C ASP G 189 -25.72 19.84 -27.99
N GLY G 190 -25.21 18.75 -27.41
CA GLY G 190 -26.05 17.65 -27.01
C GLY G 190 -27.08 18.07 -26.00
N VAL G 191 -28.24 17.42 -26.07
CA VAL G 191 -29.37 17.80 -25.21
C VAL G 191 -29.06 17.74 -23.70
N ASP G 192 -28.05 16.93 -23.32
CA ASP G 192 -27.64 16.80 -21.92
C ASP G 192 -26.63 17.82 -21.44
N GLY G 193 -26.16 18.69 -22.32
CA GLY G 193 -25.13 19.68 -21.99
C GLY G 193 -23.70 19.18 -21.90
N ILE G 194 -23.50 17.91 -22.25
CA ILE G 194 -22.18 17.26 -22.08
C ILE G 194 -21.70 16.65 -23.41
N HIS G 195 -22.57 15.94 -24.14
CA HIS G 195 -22.14 15.15 -25.29
C HIS G 195 -22.47 15.80 -26.62
N PHE G 196 -21.97 15.19 -27.67
CA PHE G 196 -21.99 15.77 -29.01
C PHE G 196 -23.22 15.35 -29.84
N THR G 197 -23.74 16.28 -30.63
CA THR G 197 -24.70 15.93 -31.63
C THR G 197 -24.04 15.31 -32.84
N GLU G 198 -24.84 14.80 -33.77
CA GLU G 198 -24.31 14.32 -35.05
C GLU G 198 -23.45 15.40 -35.76
N ALA G 199 -23.96 16.62 -35.81
CA ALA G 199 -23.27 17.74 -36.44
C ALA G 199 -22.01 18.10 -35.70
N ASN G 200 -22.02 18.06 -34.37
CA ASN G 200 -20.78 18.29 -33.60
C ASN G 200 -19.73 17.26 -34.04
N ASN G 201 -20.12 16.00 -34.10
CA ASN G 201 -19.20 14.94 -34.55
C ASN G 201 -18.64 15.21 -35.93
N ARG G 202 -19.51 15.61 -36.85
CA ARG G 202 -19.06 15.83 -38.22
C ARG G 202 -18.05 16.98 -38.26
N ASP G 203 -18.41 18.09 -37.63
CA ASP G 203 -17.56 19.28 -37.69
C ASP G 203 -16.19 19.00 -37.05
N LEU G 204 -16.19 18.28 -35.94
CA LEU G 204 -14.93 17.99 -35.29
C LEU G 204 -14.13 17.05 -36.13
N GLY G 205 -14.72 16.02 -36.71
CA GLY G 205 -13.99 15.10 -37.54
C GLY G 205 -13.34 15.78 -38.75
N VAL G 206 -14.08 16.68 -39.40
CA VAL G 206 -13.56 17.40 -40.57
C VAL G 206 -12.38 18.25 -40.10
N ALA G 207 -12.55 18.96 -38.98
CA ALA G 207 -11.48 19.84 -38.50
C ALA G 207 -10.21 19.05 -38.12
N LEU G 208 -10.41 17.93 -37.45
CA LEU G 208 -9.26 17.14 -37.05
C LEU G 208 -8.57 16.49 -38.24
N ALA G 209 -9.31 16.20 -39.31
CA ALA G 209 -8.65 15.68 -40.51
C ALA G 209 -7.65 16.71 -41.07
N GLU G 210 -8.03 17.97 -41.06
CA GLU G 210 -7.11 19.04 -41.49
C GLU G 210 -5.88 19.09 -40.58
N GLN G 211 -6.10 18.93 -39.27
CA GLN G 211 -4.96 18.95 -38.35
C GLN G 211 -4.01 17.78 -38.61
N VAL G 212 -4.57 16.61 -38.79
CA VAL G 212 -3.81 15.42 -39.10
C VAL G 212 -2.98 15.57 -40.36
N ARG G 213 -3.58 16.02 -41.45
CA ARG G 213 -2.80 16.20 -42.70
C ARG G 213 -1.65 17.19 -42.50
N SER G 214 -1.84 18.17 -41.63
CA SER G 214 -0.78 19.18 -41.39
C SER G 214 0.40 18.62 -40.57
N LEU G 215 0.16 17.52 -39.84
CA LEU G 215 1.21 16.92 -39.00
C LEU G 215 1.86 15.70 -39.63
N LEU G 216 1.21 15.06 -40.59
CA LEU G 216 1.69 13.79 -41.12
C LEU G 216 2.03 13.90 -42.59
N ALA H 2 34.45 17.43 -22.19
CA ALA H 2 34.79 16.07 -21.65
C ALA H 2 33.57 15.19 -21.67
N LYS H 3 33.75 13.94 -22.05
CA LYS H 3 32.63 12.99 -22.04
C LYS H 3 32.42 12.48 -20.64
N ARG H 4 31.17 12.28 -20.27
CA ARG H 4 30.78 11.98 -18.91
C ARG H 4 30.38 10.50 -18.77
N ILE H 5 31.02 9.84 -17.81
CA ILE H 5 30.93 8.39 -17.61
C ILE H 5 30.41 8.17 -16.19
N LEU H 6 29.22 7.65 -16.05
CA LEU H 6 28.60 7.32 -14.77
C LEU H 6 28.86 5.86 -14.45
N CYS H 7 29.51 5.64 -13.30
CA CYS H 7 29.81 4.31 -12.80
C CYS H 7 28.84 3.99 -11.68
N PHE H 8 27.83 3.20 -12.02
CA PHE H 8 26.74 2.82 -11.11
C PHE H 8 26.98 1.43 -10.55
N GLY H 9 27.07 1.34 -9.23
CA GLY H 9 27.41 0.06 -8.64
C GLY H 9 27.20 -0.03 -7.17
N ASP H 10 27.88 -1.02 -6.58
CA ASP H 10 27.76 -1.34 -5.18
C ASP H 10 29.10 -1.06 -4.48
C1 N10 H 11 29.69 -4.51 -1.63
O2 N10 H 11 28.55 -4.09 -1.90
N N10 H 11 29.45 -1.79 -3.44
CA N10 H 11 30.67 -1.53 -2.70
CB N10 H 11 30.80 -2.43 -1.48
OG N10 H 11 30.77 -3.81 -1.86
N1 N10 H 11 29.93 -5.69 -1.09
CA1 N10 H 11 28.95 -6.70 -0.72
CB2 N10 H 11 28.91 -6.83 0.79
CG3 N10 H 11 28.41 -5.59 1.55
CD4 N10 H 11 28.35 -5.78 3.06
CG5 N10 H 11 27.88 -4.54 3.79
CD6 N10 H 11 27.95 -4.62 5.30
C N10 H 11 31.91 -1.74 -3.56
O N10 H 11 32.97 -1.15 -3.22
N LEU H 12 31.82 -2.57 -4.59
CA LEU H 12 32.94 -2.80 -5.48
C LEU H 12 33.24 -1.56 -6.30
N THR H 13 32.20 -0.75 -6.57
CA THR H 13 32.37 0.53 -7.27
C THR H 13 32.74 1.62 -6.25
N TRP H 14 32.11 1.65 -5.08
CA TRP H 14 32.44 2.62 -4.03
C TRP H 14 33.92 2.56 -3.64
N GLY H 15 34.44 1.34 -3.54
CA GLY H 15 35.85 1.15 -3.17
C GLY H 15 36.04 0.66 -1.74
N TRP H 16 35.31 -0.38 -1.37
CA TRP H 16 35.38 -0.93 -0.02
C TRP H 16 36.72 -1.63 0.20
N VAL H 17 37.43 -1.22 1.24
CA VAL H 17 38.73 -1.83 1.55
C VAL H 17 38.48 -3.14 2.32
N PRO H 18 38.94 -4.28 1.77
CA PRO H 18 38.69 -5.54 2.47
C PRO H 18 39.44 -5.59 3.79
N VAL H 19 38.75 -6.08 4.83
CA VAL H 19 39.33 -6.25 6.13
C VAL H 19 39.00 -7.62 6.72
N GLU H 20 39.95 -8.14 7.50
CA GLU H 20 39.82 -9.47 8.10
C GLU H 20 38.69 -9.49 9.10
N ASP H 21 38.40 -8.38 9.73
CA ASP H 21 37.27 -8.45 10.68
C ASP H 21 35.94 -8.11 10.05
N GLY H 22 35.87 -8.09 8.72
CA GLY H 22 34.58 -8.04 8.03
C GLY H 22 34.11 -6.63 7.76
N ALA H 23 33.82 -5.94 8.86
CA ALA H 23 33.36 -4.57 8.87
C ALA H 23 33.62 -4.02 10.27
N PRO H 24 33.67 -2.70 10.45
CA PRO H 24 33.59 -1.62 9.50
C PRO H 24 34.91 -1.42 8.73
N THR H 25 34.83 -0.65 7.66
CA THR H 25 35.98 -0.34 6.87
C THR H 25 35.96 1.12 6.41
N GLU H 26 36.82 1.43 5.46
CA GLU H 26 36.90 2.75 4.87
C GLU H 26 36.97 2.59 3.36
N ARG H 27 37.04 3.73 2.66
CA ARG H 27 37.10 3.79 1.22
C ARG H 27 38.54 3.83 0.72
N PHE H 28 38.83 3.11 -0.34
CA PHE H 28 40.11 3.24 -1.02
C PHE H 28 40.27 4.70 -1.43
N ALA H 29 41.51 5.15 -1.46
CA ALA H 29 41.85 6.50 -1.86
C ALA H 29 41.41 6.78 -3.29
N PRO H 30 41.15 8.07 -3.56
CA PRO H 30 40.56 8.39 -4.86
C PRO H 30 41.30 7.92 -6.08
N ASP H 31 42.63 7.80 -6.02
CA ASP H 31 43.38 7.33 -7.16
C ASP H 31 43.68 5.83 -7.13
N VAL H 32 43.14 5.13 -6.12
CA VAL H 32 43.38 3.72 -5.97
C VAL H 32 42.14 2.89 -6.31
N ARG H 33 40.97 3.36 -5.87
CA ARG H 33 39.73 2.69 -6.29
C ARG H 33 39.62 2.73 -7.82
N TRP H 34 39.06 1.68 -8.41
CA TRP H 34 39.08 1.52 -9.87
C TRP H 34 38.40 2.65 -10.59
N THR H 35 37.39 3.29 -10.00
CA THR H 35 36.82 4.45 -10.68
C THR H 35 37.83 5.57 -10.84
N GLY H 36 38.72 5.73 -9.85
CA GLY H 36 39.80 6.72 -9.95
C GLY H 36 40.89 6.33 -10.89
N VAL H 37 41.20 5.04 -10.95
CA VAL H 37 42.14 4.50 -11.93
C VAL H 37 41.59 4.76 -13.31
N LEU H 38 40.30 4.47 -13.49
CA LEU H 38 39.62 4.71 -14.77
C LEU H 38 39.77 6.18 -15.16
N ALA H 39 39.51 7.07 -14.23
CA ALA H 39 39.66 8.52 -14.48
C ALA H 39 41.08 8.90 -14.87
N GLN H 40 42.06 8.36 -14.17
CA GLN H 40 43.47 8.74 -14.44
C GLN H 40 43.89 8.19 -15.79
N GLN H 41 43.45 6.98 -16.12
CA GLN H 41 43.77 6.35 -17.39
C GLN H 41 43.14 7.09 -18.55
N LEU H 42 41.89 7.50 -18.39
CA LEU H 42 41.18 8.15 -19.47
C LEU H 42 41.67 9.57 -19.67
N GLY H 43 41.99 10.25 -18.58
CA GLY H 43 42.46 11.62 -18.69
C GLY H 43 41.40 12.64 -18.90
N ALA H 44 41.83 13.85 -19.26
CA ALA H 44 41.03 15.05 -19.14
C ALA H 44 39.85 15.19 -20.13
N ASP H 45 39.83 14.38 -21.20
CA ASP H 45 38.67 14.38 -22.13
C ASP H 45 37.50 13.55 -21.60
N PHE H 46 37.64 13.03 -20.40
CA PHE H 46 36.59 12.25 -19.74
C PHE H 46 36.38 12.73 -18.29
N GLU H 47 35.13 12.63 -17.83
CA GLU H 47 34.77 12.92 -16.45
C GLU H 47 34.03 11.70 -15.90
N VAL H 48 34.60 11.10 -14.85
CA VAL H 48 34.03 9.92 -14.22
C VAL H 48 33.21 10.33 -13.00
N ILE H 49 31.99 9.82 -12.95
CA ILE H 49 31.03 10.08 -11.84
C ILE H 49 30.88 8.80 -11.04
N GLU H 50 31.22 8.88 -9.77
CA GLU H 50 31.21 7.72 -8.88
C GLU H 50 29.85 7.57 -8.17
N GLU H 51 29.11 6.54 -8.54
CA GLU H 51 27.82 6.22 -7.91
C GLU H 51 27.76 4.77 -7.45
N GLY H 52 28.70 4.48 -6.55
CA GLY H 52 28.77 3.17 -5.87
C GLY H 52 28.20 3.25 -4.48
N LEU H 53 27.19 2.42 -4.20
CA LEU H 53 26.57 2.34 -2.87
C LEU H 53 26.78 0.93 -2.33
N SER H 54 27.51 0.84 -1.22
CA SER H 54 27.75 -0.45 -0.63
C SER H 54 26.44 -1.17 -0.31
N ALA H 55 26.42 -2.46 -0.60
CA ALA H 55 25.28 -3.37 -0.38
C ALA H 55 24.15 -3.20 -1.39
N ARG H 56 24.30 -2.32 -2.36
CA ARG H 56 23.22 -2.15 -3.37
C ARG H 56 22.96 -3.42 -4.19
N THR H 57 21.68 -3.68 -4.43
CA THR H 57 21.22 -4.74 -5.31
C THR H 57 20.75 -4.17 -6.64
N THR H 58 20.48 -5.04 -7.60
CA THR H 58 19.93 -4.61 -8.89
C THR H 58 18.57 -3.95 -8.67
N ASN H 59 17.58 -4.70 -8.17
CA ASN H 59 16.20 -4.16 -8.10
C ASN H 59 15.42 -4.85 -6.99
N ILE H 60 16.08 -5.26 -5.92
CA ILE H 60 15.34 -5.90 -4.85
C ILE H 60 15.53 -5.14 -3.57
N ASP H 61 14.44 -4.88 -2.85
CA ASP H 61 14.51 -4.25 -1.55
C ASP H 61 15.22 -5.16 -0.55
N ASP H 62 16.11 -4.58 0.25
CA ASP H 62 16.79 -5.31 1.30
C ASP H 62 15.99 -5.04 2.58
N PRO H 63 15.49 -6.09 3.25
CA PRO H 63 14.69 -5.84 4.44
C PRO H 63 15.47 -5.16 5.57
N THR H 64 16.80 -5.20 5.53
CA THR H 64 17.62 -4.57 6.57
C THR H 64 17.93 -3.09 6.31
N ASP H 65 17.64 -2.55 5.12
CA ASP H 65 18.16 -1.22 4.76
C ASP H 65 17.42 -0.73 3.53
N PRO H 66 16.65 0.39 3.66
CA PRO H 66 15.79 0.86 2.58
C PRO H 66 16.55 1.58 1.45
N ARG H 67 17.86 1.72 1.58
CA ARG H 67 18.64 2.50 0.61
C ARG H 67 19.17 1.72 -0.59
N LEU H 68 18.94 0.41 -0.63
CA LEU H 68 19.79 -0.49 -1.40
C LEU H 68 19.24 -0.99 -2.73
N ASN H 69 18.04 -0.58 -3.10
CA ASN H 69 17.44 -1.00 -4.38
C ASN H 69 17.95 -0.14 -5.50
N GLY H 70 18.81 -0.70 -6.35
CA GLY H 70 19.42 0.07 -7.40
C GLY H 70 18.41 0.71 -8.33
N ALA H 71 17.42 -0.06 -8.76
CA ALA H 71 16.42 0.42 -9.69
C ALA H 71 15.54 1.53 -9.14
N SER H 72 15.38 1.60 -7.82
CA SER H 72 14.63 2.69 -7.24
C SER H 72 15.34 4.03 -7.42
N TYR H 73 16.67 4.00 -7.47
CA TYR H 73 17.53 5.19 -7.49
C TYR H 73 18.00 5.63 -8.84
N LEU H 74 18.23 4.67 -9.73
CA LEU H 74 18.89 4.95 -10.99
C LEU H 74 18.19 6.01 -11.83
N PRO H 75 16.87 5.94 -12.04
CA PRO H 75 16.33 6.98 -12.91
C PRO H 75 16.57 8.42 -12.42
N SER H 76 16.45 8.63 -11.11
CA SER H 76 16.72 9.94 -10.53
C SER H 76 18.22 10.31 -10.68
N CYS H 77 19.10 9.32 -10.57
CA CYS H 77 20.52 9.55 -10.73
C CYS H 77 20.87 9.96 -12.16
N LEU H 78 20.31 9.24 -13.13
CA LEU H 78 20.57 9.56 -14.53
C LEU H 78 20.14 11.00 -14.82
N ALA H 79 18.94 11.38 -14.37
CA ALA H 79 18.45 12.72 -14.67
C ALA H 79 19.22 13.82 -13.99
N THR H 80 19.81 13.48 -12.83
CA THR H 80 20.70 14.36 -12.08
C THR H 80 21.98 14.65 -12.87
N HIS H 81 22.50 13.62 -13.53
CA HIS H 81 23.83 13.70 -14.11
C HIS H 81 23.94 13.96 -15.59
N LEU H 82 22.81 14.08 -16.28
CA LEU H 82 22.88 14.52 -17.65
C LEU H 82 23.61 15.85 -17.74
N PRO H 83 24.37 16.05 -18.82
CA PRO H 83 24.57 15.15 -19.94
C PRO H 83 25.47 13.98 -19.61
N LEU H 84 25.15 12.81 -20.16
CA LEU H 84 25.96 11.58 -19.99
C LEU H 84 26.27 10.93 -21.32
N ASP H 85 27.43 10.35 -21.44
CA ASP H 85 27.82 9.59 -22.63
C ASP H 85 27.77 8.07 -22.41
N LEU H 86 28.06 7.60 -21.19
CA LEU H 86 28.08 6.18 -20.94
C LEU H 86 27.74 5.92 -19.49
N VAL H 87 26.96 4.87 -19.24
CA VAL H 87 26.69 4.34 -17.89
C VAL H 87 27.28 2.95 -17.81
N ILE H 88 28.22 2.74 -16.90
CA ILE H 88 28.78 1.43 -16.60
C ILE H 88 28.05 0.91 -15.37
N ILE H 89 27.42 -0.26 -15.51
CA ILE H 89 26.67 -0.85 -14.41
C ILE H 89 27.33 -2.16 -14.02
N MET H 90 27.87 -2.20 -12.79
CA MET H 90 28.39 -3.45 -12.21
C MET H 90 27.61 -3.70 -10.94
N LEU H 91 26.65 -4.62 -11.02
CA LEU H 91 25.82 -5.00 -9.91
C LEU H 91 25.50 -6.47 -10.03
N GLY H 92 25.02 -7.03 -8.91
CA GLY H 92 24.56 -8.42 -8.82
C GLY H 92 25.19 -9.20 -7.69
N THR H 93 26.33 -8.75 -7.22
CA THR H 93 26.99 -9.42 -6.09
C THR H 93 26.05 -9.49 -4.87
N ASN H 94 25.43 -8.38 -4.50
CA ASN H 94 24.56 -8.40 -3.30
C ASN H 94 23.32 -9.24 -3.51
N ASP H 95 22.79 -9.29 -4.72
CA ASP H 95 21.60 -10.12 -5.01
C ASP H 95 21.86 -11.59 -4.76
N THR H 96 23.14 -12.00 -4.73
CA THR H 96 23.47 -13.41 -4.46
C THR H 96 23.51 -13.75 -3.00
N LYS H 97 23.26 -12.80 -2.11
CA LYS H 97 23.15 -13.14 -0.68
C LYS H 97 22.03 -14.13 -0.43
N ALA H 98 22.27 -15.05 0.49
CA ALA H 98 21.38 -16.18 0.68
C ALA H 98 19.94 -15.78 0.99
N TYR H 99 19.78 -14.71 1.75
CA TYR H 99 18.47 -14.31 2.16
C TYR H 99 17.57 -13.84 1.04
N PHE H 100 18.11 -13.39 -0.08
CA PHE H 100 17.28 -12.98 -1.19
C PHE H 100 16.70 -14.15 -1.97
N ARG H 101 17.30 -15.34 -1.85
CA ARG H 101 16.79 -16.54 -2.51
C ARG H 101 16.61 -16.31 -4.02
N ARG H 102 17.57 -15.60 -4.63
CA ARG H 102 17.47 -15.29 -6.05
C ARG H 102 18.32 -16.22 -6.90
N THR H 103 17.80 -16.57 -8.06
CA THR H 103 18.55 -17.29 -9.04
C THR H 103 19.31 -16.31 -9.94
N PRO H 104 20.33 -16.79 -10.68
CA PRO H 104 20.98 -15.92 -11.67
C PRO H 104 20.02 -15.26 -12.64
N LEU H 105 18.99 -15.96 -13.10
CA LEU H 105 17.96 -15.35 -13.95
C LEU H 105 17.30 -14.19 -13.26
N ASP H 106 16.89 -14.36 -12.01
CA ASP H 106 16.24 -13.29 -11.29
C ASP H 106 17.17 -12.05 -11.28
N ILE H 107 18.46 -12.25 -11.08
CA ILE H 107 19.41 -11.14 -11.01
C ILE H 107 19.59 -10.49 -12.37
N ALA H 108 19.70 -11.29 -13.43
CA ALA H 108 19.72 -10.73 -14.79
C ALA H 108 18.47 -9.93 -15.14
N LEU H 109 17.31 -10.35 -14.66
CA LEU H 109 16.09 -9.58 -14.87
C LEU H 109 16.16 -8.23 -14.15
N GLY H 110 16.77 -8.20 -12.96
CA GLY H 110 17.02 -6.93 -12.29
C GLY H 110 17.96 -6.05 -13.08
N MET H 111 19.02 -6.63 -13.63
CA MET H 111 19.96 -5.89 -14.50
C MET H 111 19.20 -5.36 -15.73
N SER H 112 18.28 -6.16 -16.30
CA SER H 112 17.50 -5.72 -17.46
C SER H 112 16.72 -4.46 -17.14
N VAL H 113 16.17 -4.37 -15.93
CA VAL H 113 15.44 -3.17 -15.53
C VAL H 113 16.36 -1.95 -15.57
N LEU H 114 17.56 -2.10 -15.06
CA LEU H 114 18.53 -1.01 -15.01
C LEU H 114 18.94 -0.60 -16.42
N VAL H 115 19.19 -1.59 -17.29
CA VAL H 115 19.58 -1.30 -18.67
C VAL H 115 18.48 -0.47 -19.35
N THR H 116 17.24 -0.89 -19.22
CA THR H 116 16.11 -0.19 -19.80
C THR H 116 16.01 1.23 -19.25
N GLN H 117 16.29 1.39 -17.95
CA GLN H 117 16.25 2.75 -17.38
C GLN H 117 17.28 3.63 -18.07
N VAL H 118 18.46 3.07 -18.38
CA VAL H 118 19.47 3.86 -19.08
C VAL H 118 19.03 4.14 -20.51
N LEU H 119 18.54 3.09 -21.20
CA LEU H 119 18.14 3.25 -22.59
C LEU H 119 17.02 4.23 -22.82
N THR H 120 16.15 4.39 -21.83
CA THR H 120 14.97 5.27 -21.93
C THR H 120 15.16 6.64 -21.24
N SER H 121 16.41 7.00 -20.93
CA SER H 121 16.69 8.20 -20.11
C SER H 121 16.83 9.49 -20.90
N ALA H 122 16.70 9.48 -22.22
CA ALA H 122 16.89 10.70 -22.99
C ALA H 122 16.02 11.85 -22.48
N GLY H 123 16.59 13.02 -22.47
CA GLY H 123 15.87 14.22 -22.11
C GLY H 123 15.88 14.54 -20.65
N GLY H 124 15.91 13.54 -19.80
CA GLY H 124 15.86 13.76 -18.36
C GLY H 124 14.70 14.61 -17.99
N VAL H 125 14.94 15.62 -17.15
CA VAL H 125 13.90 16.59 -16.85
C VAL H 125 14.18 17.84 -17.66
N GLY H 126 13.40 18.04 -18.71
CA GLY H 126 13.46 19.30 -19.45
C GLY H 126 14.66 19.57 -20.34
N THR H 127 15.42 18.56 -20.73
CA THR H 127 16.63 18.79 -21.51
C THR H 127 16.54 18.29 -22.93
N THR H 128 17.52 18.75 -23.72
CA THR H 128 17.72 18.32 -25.10
C THR H 128 18.70 17.14 -25.25
N TYR H 129 19.16 16.59 -24.13
CA TYR H 129 20.26 15.64 -24.19
C TYR H 129 19.81 14.24 -24.55
N PRO H 130 20.66 13.51 -25.26
CA PRO H 130 20.36 12.12 -25.64
C PRO H 130 20.58 11.18 -24.49
N ALA H 131 20.11 9.96 -24.63
CA ALA H 131 20.46 8.89 -23.70
C ALA H 131 21.90 8.54 -23.84
N PRO H 132 22.55 8.23 -22.69
CA PRO H 132 23.87 7.64 -22.79
C PRO H 132 23.81 6.19 -23.31
N LYS H 133 24.97 5.72 -23.75
CA LYS H 133 25.21 4.29 -23.95
C LYS H 133 25.27 3.60 -22.58
N VAL H 134 25.15 2.27 -22.60
CA VAL H 134 25.28 1.47 -21.39
C VAL H 134 26.34 0.39 -21.60
N LEU H 135 27.00 0.01 -20.52
CA LEU H 135 27.88 -1.12 -20.51
C LEU H 135 27.49 -1.99 -19.33
N VAL H 136 27.03 -3.20 -19.60
CA VAL H 136 26.67 -4.18 -18.54
C VAL H 136 27.92 -4.93 -18.10
N VAL H 137 28.24 -4.89 -16.82
CA VAL H 137 29.45 -5.53 -16.29
C VAL H 137 29.07 -6.56 -15.27
N SER H 138 29.42 -7.82 -15.54
CA SER H 138 29.31 -8.85 -14.48
C SER H 138 30.49 -8.70 -13.53
N PRO H 139 30.22 -8.75 -12.21
CA PRO H 139 31.30 -8.71 -11.26
C PRO H 139 32.04 -10.04 -11.31
N PRO H 140 33.29 -10.04 -10.79
CA PRO H 140 34.00 -11.32 -10.76
C PRO H 140 33.33 -12.30 -9.79
N PRO H 141 33.60 -13.59 -9.92
CA PRO H 141 33.12 -14.56 -8.94
C PRO H 141 33.63 -14.27 -7.56
N LEU H 142 32.78 -14.46 -6.57
CA LEU H 142 33.21 -14.42 -5.19
C LEU H 142 34.19 -15.55 -4.89
N ALA H 143 34.87 -15.43 -3.76
CA ALA H 143 35.94 -16.35 -3.38
C ALA H 143 35.69 -16.77 -1.93
N PRO H 144 36.47 -17.74 -1.43
CA PRO H 144 36.26 -18.17 -0.06
C PRO H 144 36.40 -17.04 0.95
N MET H 145 35.55 -17.06 1.95
CA MET H 145 35.39 -16.00 2.92
C MET H 145 35.73 -16.44 4.33
N PRO H 146 36.76 -15.88 4.95
CA PRO H 146 37.09 -16.28 6.33
C PRO H 146 36.15 -15.82 7.42
N HIS H 147 35.38 -14.75 7.20
CA HIS H 147 34.59 -14.22 8.31
C HIS H 147 33.27 -15.00 8.40
N PRO H 148 32.95 -15.55 9.59
CA PRO H 148 31.73 -16.33 9.69
C PRO H 148 30.45 -15.65 9.30
N TRP H 149 30.34 -14.33 9.55
CA TRP H 149 29.11 -13.62 9.10
C TRP H 149 29.03 -13.55 7.57
N PHE H 150 30.14 -13.21 6.93
CA PHE H 150 30.15 -13.21 5.48
C PHE H 150 29.87 -14.61 4.88
N GLN H 151 30.43 -15.66 5.47
CA GLN H 151 30.15 -17.03 5.04
C GLN H 151 28.63 -17.29 5.09
N LEU H 152 28.01 -16.86 6.19
CA LEU H 152 26.56 -17.07 6.34
C LEU H 152 25.75 -16.29 5.30
N ILE H 153 26.00 -14.98 5.20
CA ILE H 153 25.11 -14.19 4.34
C ILE H 153 25.32 -14.46 2.84
N PHE H 154 26.49 -14.97 2.47
CA PHE H 154 26.79 -15.28 1.06
C PHE H 154 26.74 -16.76 0.71
N GLU H 155 26.13 -17.58 1.53
CA GLU H 155 25.93 -18.99 1.20
C GLU H 155 25.24 -19.09 -0.14
N GLY H 156 25.82 -19.85 -1.05
CA GLY H 156 25.31 -20.01 -2.41
C GLY H 156 25.81 -18.96 -3.39
N GLY H 157 26.47 -17.92 -2.87
CA GLY H 157 26.85 -16.77 -3.70
C GLY H 157 28.04 -16.99 -4.63
N GLU H 158 29.01 -17.79 -4.21
CA GLU H 158 30.07 -18.08 -5.12
C GLU H 158 29.53 -18.73 -6.39
N GLN H 159 28.66 -19.74 -6.24
CA GLN H 159 28.07 -20.39 -7.39
C GLN H 159 27.26 -19.44 -8.25
N LYS H 160 26.45 -18.58 -7.62
CA LYS H 160 25.61 -17.69 -8.39
C LYS H 160 26.41 -16.60 -9.10
N THR H 161 27.41 -16.02 -8.43
CA THR H 161 28.23 -14.99 -9.08
C THR H 161 29.02 -15.55 -10.26
N THR H 162 29.39 -16.83 -10.20
CA THR H 162 30.07 -17.49 -11.32
C THR H 162 29.14 -17.63 -12.54
N GLU H 163 27.82 -17.61 -12.35
CA GLU H 163 26.87 -17.65 -13.43
C GLU H 163 26.54 -16.28 -14.05
N LEU H 164 26.93 -15.20 -13.38
CA LEU H 164 26.49 -13.88 -13.83
C LEU H 164 27.09 -13.48 -15.16
N ALA H 165 28.33 -13.84 -15.46
CA ALA H 165 28.87 -13.55 -16.76
C ALA H 165 28.04 -14.20 -17.88
N ARG H 166 27.61 -15.44 -17.65
CA ARG H 166 26.78 -16.14 -18.63
C ARG H 166 25.42 -15.52 -18.82
N VAL H 167 24.71 -15.27 -17.72
CA VAL H 167 23.36 -14.71 -17.88
C VAL H 167 23.37 -13.24 -18.34
N TYR H 168 24.34 -12.44 -17.87
CA TYR H 168 24.45 -11.07 -18.33
C TYR H 168 24.87 -10.99 -19.80
N SER H 169 25.73 -11.87 -20.28
CA SER H 169 26.09 -11.86 -21.67
C SER H 169 24.87 -12.19 -22.52
N ALA H 170 24.06 -13.14 -22.08
CA ALA H 170 22.85 -13.51 -22.83
C ALA H 170 21.86 -12.35 -22.87
N LEU H 171 21.69 -11.70 -21.72
CA LEU H 171 20.84 -10.52 -21.61
C LEU H 171 21.28 -9.39 -22.52
N ALA H 172 22.55 -9.05 -22.45
CA ALA H 172 23.10 -7.96 -23.25
C ALA H 172 22.99 -8.25 -24.74
N SER H 173 23.24 -9.51 -25.12
CA SER H 173 23.06 -9.91 -26.50
C SER H 173 21.63 -9.69 -26.96
N PHE H 174 20.69 -10.12 -26.16
CA PHE H 174 19.26 -9.96 -26.51
C PHE H 174 18.89 -8.49 -26.64
N MET H 175 19.33 -7.69 -25.68
CA MET H 175 19.03 -6.27 -25.63
C MET H 175 19.89 -5.43 -26.55
N LYS H 176 20.87 -6.04 -27.20
CA LYS H 176 21.72 -5.36 -28.14
C LYS H 176 22.49 -4.19 -27.51
N VAL H 177 23.11 -4.48 -26.37
CA VAL H 177 23.94 -3.50 -25.64
C VAL H 177 25.29 -4.15 -25.30
N PRO H 178 26.31 -3.33 -25.07
CA PRO H 178 27.64 -3.78 -24.69
C PRO H 178 27.69 -4.52 -23.37
N PHE H 179 28.54 -5.55 -23.33
CA PHE H 179 28.81 -6.36 -22.17
C PHE H 179 30.31 -6.52 -21.93
N PHE H 180 30.71 -6.52 -20.66
CA PHE H 180 32.07 -6.84 -20.28
C PHE H 180 32.06 -7.62 -18.99
N ASP H 181 32.86 -8.68 -18.89
CA ASP H 181 32.96 -9.49 -17.69
C ASP H 181 34.17 -9.04 -16.89
N ALA H 182 33.97 -8.43 -15.74
CA ALA H 182 35.07 -8.08 -14.86
C ALA H 182 35.90 -9.30 -14.50
N GLY H 183 35.27 -10.44 -14.41
CA GLY H 183 36.00 -11.66 -14.05
C GLY H 183 36.95 -12.12 -15.15
N SER H 184 36.87 -11.52 -16.34
CA SER H 184 37.80 -11.87 -17.44
C SER H 184 39.15 -11.24 -17.20
N VAL H 185 39.25 -10.24 -16.30
CA VAL H 185 40.51 -9.54 -16.04
C VAL H 185 41.03 -9.61 -14.64
N ILE H 186 40.14 -9.84 -13.67
CA ILE H 186 40.56 -9.99 -12.28
C ILE H 186 39.80 -11.15 -11.63
N SER H 187 40.42 -11.69 -10.59
CA SER H 187 39.76 -12.52 -9.58
C SER H 187 39.54 -11.67 -8.33
N THR H 188 38.59 -12.10 -7.50
CA THR H 188 38.27 -11.41 -6.27
C THR H 188 39.36 -11.79 -5.27
N ASP H 189 40.31 -10.90 -5.05
CA ASP H 189 41.47 -11.27 -4.26
C ASP H 189 41.52 -10.65 -2.87
N GLY H 190 40.53 -9.81 -2.50
CA GLY H 190 40.46 -9.25 -1.19
C GLY H 190 40.48 -10.34 -0.12
N VAL H 191 41.03 -10.03 1.02
CA VAL H 191 41.19 -11.03 2.11
C VAL H 191 39.87 -11.56 2.61
N ASP H 192 38.79 -10.79 2.43
CA ASP H 192 37.49 -11.23 2.86
C ASP H 192 36.73 -12.13 1.88
N GLY H 193 37.30 -12.36 0.69
CA GLY H 193 36.69 -13.12 -0.35
C GLY H 193 35.62 -12.41 -1.18
N ILE H 194 35.44 -11.10 -0.96
CA ILE H 194 34.33 -10.36 -1.55
C ILE H 194 34.83 -9.11 -2.29
N HIS H 195 35.75 -8.38 -1.68
CA HIS H 195 36.16 -7.08 -2.20
C HIS H 195 37.52 -7.13 -2.88
N PHE H 196 37.92 -5.99 -3.46
CA PHE H 196 39.07 -5.91 -4.34
C PHE H 196 40.32 -5.40 -3.62
N THR H 197 41.44 -6.01 -3.99
CA THR H 197 42.75 -5.45 -3.62
C THR H 197 43.09 -4.20 -4.42
N GLU H 198 44.18 -3.53 -4.05
CA GLU H 198 44.69 -2.39 -4.83
C GLU H 198 44.93 -2.82 -6.27
N ALA H 199 45.56 -3.98 -6.46
CA ALA H 199 45.86 -4.46 -7.80
C ALA H 199 44.60 -4.81 -8.59
N ASN H 200 43.61 -5.40 -7.92
CA ASN H 200 42.34 -5.71 -8.60
C ASN H 200 41.76 -4.41 -9.12
N ASN H 201 41.78 -3.39 -8.28
CA ASN H 201 41.27 -2.07 -8.69
C ASN H 201 42.01 -1.52 -9.90
N ARG H 202 43.34 -1.58 -9.86
CA ARG H 202 44.15 -1.07 -10.96
C ARG H 202 43.84 -1.83 -12.24
N ASP H 203 43.83 -3.14 -12.15
CA ASP H 203 43.62 -3.97 -13.34
C ASP H 203 42.25 -3.74 -13.96
N LEU H 204 41.22 -3.61 -13.12
CA LEU H 204 39.88 -3.39 -13.66
C LEU H 204 39.78 -1.98 -14.27
N GLY H 205 40.33 -0.98 -13.60
CA GLY H 205 40.30 0.39 -14.09
C GLY H 205 40.97 0.54 -15.45
N VAL H 206 42.13 -0.10 -15.62
CA VAL H 206 42.81 -0.10 -16.91
C VAL H 206 41.95 -0.79 -17.99
N ALA H 207 41.39 -1.96 -17.67
CA ALA H 207 40.55 -2.70 -18.62
C ALA H 207 39.33 -1.90 -19.04
N LEU H 208 38.67 -1.30 -18.06
CA LEU H 208 37.50 -0.51 -18.35
C LEU H 208 37.82 0.76 -19.15
N ALA H 209 39.02 1.32 -18.99
CA ALA H 209 39.38 2.48 -19.78
C ALA H 209 39.38 2.09 -21.25
N GLU H 210 39.90 0.90 -21.56
CA GLU H 210 39.90 0.40 -22.92
C GLU H 210 38.47 0.24 -23.42
N GLN H 211 37.60 -0.31 -22.57
CA GLN H 211 36.22 -0.51 -22.99
C GLN H 211 35.55 0.83 -23.28
N VAL H 212 35.75 1.80 -22.41
CA VAL H 212 35.17 3.12 -22.62
C VAL H 212 35.62 3.74 -23.96
N ARG H 213 36.91 3.73 -24.23
CA ARG H 213 37.41 4.31 -25.48
C ARG H 213 36.82 3.59 -26.70
N SER H 214 36.57 2.30 -26.58
CA SER H 214 36.06 1.52 -27.70
C SER H 214 34.60 1.85 -27.99
N LEU H 215 33.87 2.32 -26.97
CA LEU H 215 32.43 2.59 -27.10
C LEU H 215 32.13 4.03 -27.44
N LEU H 216 33.06 4.92 -27.13
CA LEU H 216 32.85 6.37 -27.29
C LEU H 216 33.72 7.04 -28.33
S SO4 I . -9.36 -17.95 -48.92
O1 SO4 I . -8.92 -18.16 -50.28
O2 SO4 I . -8.21 -17.17 -48.39
O3 SO4 I . -10.60 -17.19 -48.83
O4 SO4 I . -9.51 -19.19 -48.15
#